data_8VCR
#
_entry.id   8VCR
#
_cell.length_a   1.00
_cell.length_b   1.00
_cell.length_c   1.00
_cell.angle_alpha   90.00
_cell.angle_beta   90.00
_cell.angle_gamma   90.00
#
_symmetry.space_group_name_H-M   'P 1'
#
loop_
_entity.id
_entity.type
_entity.pdbx_description
1 polymer 'Spike protein S2'
2 polymer '54043-5 Fab Heavy Chain'
3 polymer '54043-5 Fab Light Chain'
4 branched 2-acetamido-2-deoxy-beta-D-glucopyranose-(1-4)-2-acetamido-2-deoxy-beta-D-glucopyranose
5 non-polymer 2-acetamido-2-deoxy-beta-D-glucopyranose
#
loop_
_entity_poly.entity_id
_entity_poly.type
_entity_poly.pdbx_seq_one_letter_code
_entity_poly.pdbx_strand_id
1 'polypeptide(L)'
;MRPTWAWWLFLVLLLALWAPARGASQMSLGAENCVAYSNNSIAIPTNFTISVTTEILPVSMTKTSVDCTMYICGDSTECS
NLLLQYGSFCTQLNRALTGIAVEQDKNTQEVFAQVKQIYCTPPIKDFGGFNFSQILPDPSKPSKRSPIEDLLFNKVTLAD
AGFIKQYGDCLGDIAARDLICAQKFNGLTVLPPLLTDEMIAQYTSALLAGTITSGWTFGAGPALQIPFPMQMAYRFNGIG
VTQNVLYENQKLIANQFNSAIGKIQDSLSSTPSALGKLQDVVNQNAEALNTLVKQLSSNFGAISSVLNDILSRLDPPEAE
VQIDRLITGRLQSLQTYVTQQLIRAAEIRASANLAATKMSECVLGQSKRVDFCGKGYHLMSFPQSAPHGVVFLHVTYVPA
QEKNFTTAPAICHDGKAHFPREGVFVSNGTHWFVTQRNFYEPQIITTDNTFVSGNCDVVIGIVNNTVYDPLQPELDSFKE
ELDKYFKNHTSPDVDLGDISGINASVVNIQKEIDRLNEVAKNLNESLIDLQELGKYEQGSGYIPEAPRDGQAYVRKDGEW
VLLSTFLGRSLEVLFQGPGHHHHHHHHSAWSHPQFEK
;
A,B,C
2 'polypeptide(L)'
;QVQLQESGPGLVKPSQTLSLTCTVSGDSISNSSYYWSWIRQYPSRRLEWIGYIYYNGRTYYNPSLNSRLSISLDTSKNHF
SLKLSSLTAADTALYYCARGFLGYCAGGSCFLNWLDPWGQGTLVTVSSASTKGPSVFPLAPSSKSTSGGTAALGCLVKDY
FPEPVTVSWNSGALTSGVHTFPAVLQSSGLYSLSSVVTVPSSSLGTQTYICNVNHKPSNTKVDKKVEPKSCDK
;
D,E,H
3 'polypeptide(L)'
;EIIMTQSPATLSVSPGGRATLSCRASQSVSNNLAWYQQKPGQTPRLLIHGASTRATGIPARFSGSGSGTEFTLTISSLQS
EDFAVYYCHQYHNWLLTFGGGTKVEIKRTVAAPSVFIFPPSDEQLKSGTASVVCLLNNFYPREAKVQWKVDNALQSGNSQ
ESVTEQDSKDSTYSLSSTLTLSKADYEKHKVYACEVTHQGLSSPVTKSFNRGEC
;
F,G,L
#
loop_
_chem_comp.id
_chem_comp.type
_chem_comp.name
_chem_comp.formula
NAG D-saccharide, beta linking 2-acetamido-2-deoxy-beta-D-glucopyranose 'C8 H15 N O6'
#
# COMPACT_ATOMS: atom_id res chain seq x y z
N ASN A 33 -45.74 -4.70 -16.44
CA ASN A 33 -46.36 -3.41 -16.72
C ASN A 33 -45.57 -2.65 -17.77
N CYS A 34 -45.56 -3.16 -18.99
CA CYS A 34 -44.82 -2.52 -20.06
C CYS A 34 -45.53 -1.25 -20.52
N VAL A 35 -44.77 -0.38 -21.19
CA VAL A 35 -45.33 0.82 -21.80
C VAL A 35 -45.81 0.45 -23.18
N ALA A 36 -47.07 0.71 -23.47
CA ALA A 36 -47.62 0.40 -24.78
C ALA A 36 -47.11 1.42 -25.80
N TYR A 37 -46.43 0.94 -26.82
CA TYR A 37 -45.86 1.80 -27.86
C TYR A 37 -46.75 1.78 -29.09
N SER A 38 -47.07 2.96 -29.58
CA SER A 38 -47.73 3.14 -30.87
C SER A 38 -47.06 4.30 -31.57
N ASN A 39 -47.08 4.25 -32.90
CA ASN A 39 -46.39 5.25 -33.70
C ASN A 39 -47.14 6.56 -33.87
N ASN A 40 -48.28 6.77 -33.19
CA ASN A 40 -48.97 8.05 -33.34
C ASN A 40 -49.69 8.48 -32.08
N SER A 41 -49.20 8.10 -30.91
CA SER A 41 -49.73 8.58 -29.65
C SER A 41 -48.61 9.05 -28.76
N ILE A 42 -48.79 10.19 -28.10
CA ILE A 42 -47.80 10.75 -27.19
C ILE A 42 -48.46 10.98 -25.84
N ALA A 43 -47.79 10.57 -24.77
CA ALA A 43 -48.24 10.85 -23.41
C ALA A 43 -47.62 12.15 -22.92
N ILE A 44 -48.45 13.12 -22.54
CA ILE A 44 -47.99 14.41 -22.07
C ILE A 44 -48.46 14.57 -20.63
N PRO A 45 -47.59 14.95 -19.70
CA PRO A 45 -48.02 15.14 -18.30
C PRO A 45 -48.86 16.40 -18.15
N THR A 46 -50.04 16.23 -17.54
CA THR A 46 -50.93 17.35 -17.26
C THR A 46 -50.70 17.99 -15.89
N ASN A 47 -49.81 17.44 -15.07
CA ASN A 47 -49.54 17.99 -13.76
C ASN A 47 -48.06 17.81 -13.43
N PHE A 48 -47.68 18.24 -12.24
CA PHE A 48 -46.32 18.02 -11.76
C PHE A 48 -46.35 17.82 -10.25
N THR A 49 -45.27 17.25 -9.71
CA THR A 49 -44.97 17.35 -8.30
C THR A 49 -43.57 17.91 -8.13
N ILE A 50 -43.42 18.87 -7.22
CA ILE A 50 -42.11 19.30 -6.75
C ILE A 50 -41.67 18.36 -5.65
N SER A 51 -40.46 17.83 -5.75
CA SER A 51 -39.95 16.92 -4.74
C SER A 51 -38.56 17.34 -4.32
N VAL A 52 -38.16 16.89 -3.13
CA VAL A 52 -36.85 17.19 -2.56
C VAL A 52 -36.20 15.87 -2.19
N THR A 53 -35.01 15.64 -2.71
CA THR A 53 -34.25 14.41 -2.47
C THR A 53 -32.95 14.77 -1.77
N THR A 54 -32.63 14.04 -0.71
CA THR A 54 -31.47 14.32 0.12
C THR A 54 -30.26 13.53 -0.37
N GLU A 55 -29.12 14.20 -0.47
CA GLU A 55 -27.87 13.56 -0.84
C GLU A 55 -26.80 13.86 0.21
N ILE A 56 -26.06 12.83 0.61
CA ILE A 56 -25.07 12.94 1.68
C ILE A 56 -23.73 12.47 1.15
N LEU A 57 -22.71 13.30 1.31
CA LEU A 57 -21.36 13.00 0.84
C LEU A 57 -20.34 13.31 1.94
N PRO A 58 -19.45 12.39 2.26
CA PRO A 58 -18.35 12.72 3.16
C PRO A 58 -17.41 13.72 2.54
N VAL A 59 -16.76 14.52 3.38
CA VAL A 59 -15.86 15.55 2.88
C VAL A 59 -14.48 15.42 3.51
N SER A 60 -14.42 15.04 4.79
CA SER A 60 -13.15 14.95 5.48
C SER A 60 -13.22 13.83 6.50
N MET A 61 -12.11 13.61 7.18
CA MET A 61 -12.04 12.69 8.31
C MET A 61 -11.16 13.30 9.39
N THR A 62 -11.29 12.78 10.61
CA THR A 62 -10.59 13.33 11.77
C THR A 62 -9.08 13.33 11.55
N LYS A 63 -8.48 14.49 11.75
CA LYS A 63 -7.04 14.70 11.58
C LYS A 63 -6.22 14.01 12.67
N THR A 64 -6.12 12.70 12.63
CA THR A 64 -5.30 11.96 13.58
C THR A 64 -3.87 11.81 13.05
N SER A 65 -2.92 11.80 13.97
CA SER A 65 -1.52 11.55 13.64
C SER A 65 -0.94 10.60 14.69
N VAL A 66 0.11 9.89 14.31
CA VAL A 66 0.73 8.88 15.18
C VAL A 66 2.25 9.04 15.12
N ASP A 67 2.86 9.31 16.27
CA ASP A 67 4.31 9.39 16.34
C ASP A 67 4.91 7.99 16.31
N CYS A 68 5.85 7.78 15.38
CA CYS A 68 6.44 6.46 15.20
C CYS A 68 7.21 6.02 16.45
N THR A 69 8.09 6.87 16.95
CA THR A 69 8.97 6.45 18.04
C THR A 69 8.19 6.25 19.33
N MET A 70 7.23 7.12 19.62
CA MET A 70 6.47 6.97 20.87
C MET A 70 5.55 5.77 20.80
N TYR A 71 5.11 5.37 19.61
CA TYR A 71 4.32 4.16 19.46
C TYR A 71 5.18 2.92 19.65
N ILE A 72 6.31 2.85 18.95
CA ILE A 72 7.13 1.65 18.97
C ILE A 72 7.91 1.57 20.28
N CYS A 73 8.56 2.66 20.67
CA CYS A 73 9.47 2.69 21.81
C CYS A 73 8.89 3.62 22.86
N GLY A 74 8.18 3.09 23.84
CA GLY A 74 7.56 3.97 24.81
C GLY A 74 8.51 4.48 25.87
N ASP A 75 8.97 5.73 25.74
CA ASP A 75 9.89 6.35 26.69
C ASP A 75 11.14 5.51 26.94
N SER A 76 11.63 4.84 25.90
CA SER A 76 12.68 3.85 26.04
C SER A 76 13.84 4.25 25.15
N THR A 77 15.01 4.45 25.76
CA THR A 77 16.19 4.85 24.99
C THR A 77 16.83 3.66 24.29
N GLU A 78 16.81 2.48 24.92
CA GLU A 78 17.39 1.31 24.28
C GLU A 78 16.63 0.94 23.01
N CYS A 79 15.30 1.01 23.06
CA CYS A 79 14.51 0.77 21.86
C CYS A 79 14.75 1.86 20.82
N SER A 80 14.90 3.10 21.25
CA SER A 80 15.13 4.19 20.30
C SER A 80 16.45 4.01 19.56
N ASN A 81 17.51 3.61 20.26
CA ASN A 81 18.79 3.38 19.60
C ASN A 81 18.72 2.22 18.62
N LEU A 82 18.00 1.16 18.96
CA LEU A 82 17.84 0.05 18.04
C LEU A 82 17.01 0.46 16.83
N LEU A 83 16.01 1.32 17.04
CA LEU A 83 15.19 1.78 15.93
C LEU A 83 15.95 2.69 14.99
N LEU A 84 16.96 3.41 15.49
CA LEU A 84 17.73 4.30 14.63
C LEU A 84 18.43 3.54 13.51
N GLN A 85 18.71 2.26 13.72
CA GLN A 85 19.36 1.45 12.70
C GLN A 85 18.45 1.15 11.53
N TYR A 86 17.16 1.45 11.62
CA TYR A 86 16.25 1.22 10.52
C TYR A 86 16.10 2.44 9.64
N GLY A 87 16.76 3.53 9.96
CA GLY A 87 16.85 4.64 9.04
C GLY A 87 15.64 5.52 9.11
N SER A 88 15.08 5.81 7.95
CA SER A 88 14.04 6.80 7.78
C SER A 88 12.63 6.25 7.92
N PHE A 89 12.46 5.03 8.42
CA PHE A 89 11.12 4.46 8.46
C PHE A 89 10.18 5.29 9.32
N CYS A 90 10.63 5.74 10.49
CA CYS A 90 9.81 6.62 11.31
C CYS A 90 9.47 7.92 10.59
N THR A 91 10.49 8.62 10.07
CA THR A 91 10.22 9.92 9.48
C THR A 91 9.39 9.79 8.20
N GLN A 92 9.52 8.69 7.47
CA GLN A 92 8.67 8.47 6.31
C GLN A 92 7.20 8.32 6.72
N LEU A 93 6.96 7.58 7.80
CA LEU A 93 5.59 7.36 8.25
C LEU A 93 4.97 8.64 8.80
N ASN A 94 5.77 9.44 9.50
CA ASN A 94 5.25 10.71 10.02
C ASN A 94 4.88 11.66 8.90
N ARG A 95 5.67 11.71 7.83
CA ARG A 95 5.32 12.52 6.66
C ARG A 95 4.01 12.05 6.04
N ALA A 96 3.80 10.74 5.96
CA ALA A 96 2.59 10.23 5.35
C ALA A 96 1.34 10.62 6.13
N LEU A 97 1.37 10.43 7.44
CA LEU A 97 0.21 10.79 8.24
C LEU A 97 -0.02 12.29 8.28
N THR A 98 1.06 13.07 8.33
CA THR A 98 0.92 14.52 8.29
C THR A 98 0.34 14.99 6.97
N GLY A 99 0.73 14.36 5.87
CA GLY A 99 0.16 14.71 4.58
C GLY A 99 -1.33 14.43 4.52
N ILE A 100 -1.76 13.28 5.04
CA ILE A 100 -3.18 12.98 5.09
C ILE A 100 -3.94 14.01 5.91
N ALA A 101 -3.40 14.38 7.07
CA ALA A 101 -4.07 15.34 7.93
C ALA A 101 -4.19 16.71 7.28
N VAL A 102 -3.23 17.10 6.44
CA VAL A 102 -3.33 18.38 5.76
C VAL A 102 -4.33 18.32 4.60
N GLU A 103 -4.49 17.16 3.97
CA GLU A 103 -5.48 17.03 2.93
C GLU A 103 -6.88 17.28 3.46
N GLN A 104 -7.12 17.03 4.75
CA GLN A 104 -8.45 17.18 5.30
C GLN A 104 -8.87 18.64 5.37
N ASP A 105 -7.94 19.53 5.69
CA ASP A 105 -8.24 20.96 5.63
C ASP A 105 -8.48 21.41 4.20
N LYS A 106 -7.69 20.91 3.25
CA LYS A 106 -7.91 21.25 1.85
C LYS A 106 -9.30 20.80 1.38
N ASN A 107 -9.70 19.59 1.75
CA ASN A 107 -11.02 19.09 1.37
C ASN A 107 -12.13 20.01 1.85
N THR A 108 -12.08 20.41 3.12
CA THR A 108 -13.13 21.26 3.67
C THR A 108 -13.13 22.64 3.03
N GLN A 109 -11.95 23.19 2.77
CA GLN A 109 -11.87 24.47 2.08
C GLN A 109 -12.42 24.40 0.66
N GLU A 110 -12.05 23.37 -0.10
CA GLU A 110 -12.51 23.28 -1.48
C GLU A 110 -14.03 23.18 -1.59
N VAL A 111 -14.69 22.59 -0.59
CA VAL A 111 -16.14 22.43 -0.65
C VAL A 111 -16.85 23.70 -0.18
N PHE A 112 -16.54 24.16 1.03
CA PHE A 112 -17.35 25.18 1.67
C PHE A 112 -16.87 26.60 1.42
N ALA A 113 -15.57 26.81 1.24
CA ALA A 113 -15.04 28.16 1.11
C ALA A 113 -15.24 28.74 -0.27
N GLN A 114 -16.20 28.23 -1.03
CA GLN A 114 -16.48 28.77 -2.35
C GLN A 114 -17.13 30.14 -2.31
N VAL A 115 -17.89 30.45 -1.27
CA VAL A 115 -18.58 31.73 -1.20
C VAL A 115 -17.61 32.83 -0.75
N LYS A 116 -17.54 33.89 -1.55
CA LYS A 116 -16.53 34.93 -1.36
C LYS A 116 -16.98 36.00 -0.37
N GLN A 117 -18.28 36.16 -0.16
CA GLN A 117 -18.81 37.21 0.69
C GLN A 117 -19.94 36.64 1.53
N ILE A 118 -20.03 37.08 2.78
CA ILE A 118 -21.00 36.52 3.73
C ILE A 118 -22.29 37.31 3.58
N TYR A 119 -23.12 36.90 2.63
CA TYR A 119 -24.44 37.48 2.48
C TYR A 119 -25.38 36.93 3.54
N CYS A 120 -26.49 37.64 3.74
CA CYS A 120 -27.44 37.30 4.79
C CYS A 120 -28.87 37.45 4.27
N THR A 121 -29.77 36.55 4.73
CA THR A 121 -31.15 36.61 4.29
C THR A 121 -31.91 37.72 5.02
N PRO A 122 -32.94 38.28 4.37
CA PRO A 122 -33.72 39.32 5.02
C PRO A 122 -34.47 38.76 6.21
N PRO A 123 -34.73 39.58 7.22
CA PRO A 123 -35.51 39.09 8.39
C PRO A 123 -36.92 38.67 8.04
N ILE A 124 -37.55 39.31 7.06
CA ILE A 124 -38.91 38.96 6.67
C ILE A 124 -38.88 37.88 5.62
N LYS A 125 -39.79 36.92 5.75
CA LYS A 125 -39.88 35.75 4.87
C LYS A 125 -40.97 35.91 3.81
N ASP A 126 -41.14 37.11 3.27
CA ASP A 126 -42.13 37.35 2.22
C ASP A 126 -41.59 36.92 0.86
N PHE A 127 -41.27 35.62 0.77
CA PHE A 127 -40.78 35.00 -0.45
C PHE A 127 -41.90 34.52 -1.35
N GLY A 128 -43.15 34.79 -1.00
CA GLY A 128 -44.26 34.39 -1.82
C GLY A 128 -44.80 33.03 -1.54
N GLY A 129 -44.77 32.59 -0.28
CA GLY A 129 -45.26 31.30 0.12
C GLY A 129 -44.17 30.27 0.39
N PHE A 130 -42.95 30.52 -0.06
CA PHE A 130 -41.86 29.58 0.14
C PHE A 130 -41.31 29.73 1.54
N ASN A 131 -41.31 28.65 2.30
CA ASN A 131 -40.90 28.62 3.70
C ASN A 131 -39.53 27.96 3.80
N PHE A 132 -38.49 28.76 3.99
CA PHE A 132 -37.13 28.27 4.14
C PHE A 132 -36.69 28.16 5.60
N SER A 133 -37.61 28.29 6.55
CA SER A 133 -37.22 28.29 7.96
C SER A 133 -36.59 26.97 8.39
N GLN A 134 -36.86 25.89 7.66
CA GLN A 134 -36.27 24.60 8.01
C GLN A 134 -34.80 24.51 7.64
N ILE A 135 -34.32 25.32 6.69
CA ILE A 135 -32.94 25.27 6.25
C ILE A 135 -32.15 26.52 6.60
N LEU A 136 -32.79 27.58 7.01
CA LEU A 136 -32.09 28.77 7.45
C LEU A 136 -31.74 28.70 8.92
N PRO A 137 -30.71 29.42 9.36
CA PRO A 137 -30.32 29.37 10.78
C PRO A 137 -31.40 29.90 11.71
N ASP A 138 -31.39 29.39 12.94
CA ASP A 138 -32.37 29.78 13.95
C ASP A 138 -31.75 30.77 14.93
N PRO A 139 -32.23 32.01 15.01
CA PRO A 139 -31.72 32.90 16.07
C PRO A 139 -32.04 32.40 17.46
N SER A 140 -33.11 31.59 17.60
CA SER A 140 -33.48 31.08 18.91
C SER A 140 -32.50 30.02 19.41
N LYS A 141 -31.84 29.31 18.51
CA LYS A 141 -30.90 28.28 18.92
C LYS A 141 -29.64 28.93 19.51
N PRO A 142 -28.94 28.23 20.40
CA PRO A 142 -27.67 28.77 20.92
C PRO A 142 -26.60 28.91 19.86
N SER A 143 -26.74 28.20 18.74
CA SER A 143 -25.81 28.29 17.63
C SER A 143 -26.58 28.60 16.36
N LYS A 144 -25.93 29.30 15.44
CA LYS A 144 -26.56 29.67 14.17
C LYS A 144 -26.61 28.44 13.24
N ARG A 145 -27.31 27.42 13.72
CA ARG A 145 -27.40 26.12 13.08
C ARG A 145 -28.87 25.81 12.81
N SER A 146 -29.18 25.47 11.57
CA SER A 146 -30.55 25.33 11.11
C SER A 146 -31.20 24.09 11.70
N PRO A 147 -32.54 23.98 11.62
CA PRO A 147 -33.21 22.87 12.29
C PRO A 147 -32.98 21.53 11.62
N ILE A 148 -32.42 21.50 10.42
CA ILE A 148 -32.03 20.25 9.79
C ILE A 148 -30.60 19.87 10.14
N GLU A 149 -29.70 20.84 10.21
CA GLU A 149 -28.36 20.58 10.74
C GLU A 149 -28.39 20.22 12.21
N ASP A 150 -29.40 20.66 12.97
CA ASP A 150 -29.54 20.20 14.34
C ASP A 150 -29.74 18.69 14.40
N LEU A 151 -30.61 18.16 13.54
CA LEU A 151 -30.79 16.72 13.49
C LEU A 151 -29.57 16.01 12.95
N LEU A 152 -28.84 16.66 12.04
CA LEU A 152 -27.66 16.04 11.46
C LEU A 152 -26.55 15.89 12.49
N PHE A 153 -26.32 16.91 13.32
CA PHE A 153 -25.25 16.81 14.30
C PHE A 153 -25.64 15.91 15.46
N ASN A 154 -26.92 15.82 15.78
CA ASN A 154 -27.37 14.96 16.87
C ASN A 154 -27.52 13.50 16.43
N LYS A 155 -27.33 13.19 15.16
CA LYS A 155 -27.49 11.82 14.68
C LYS A 155 -26.19 11.16 14.28
N VAL A 156 -25.14 11.91 13.98
CA VAL A 156 -23.82 11.36 13.70
C VAL A 156 -23.02 11.43 14.98
N THR A 157 -22.77 10.26 15.58
CA THR A 157 -22.04 10.16 16.84
C THR A 157 -20.83 9.26 16.65
N LEU A 158 -19.71 9.66 17.23
CA LEU A 158 -18.51 8.84 17.17
C LEU A 158 -18.60 7.73 18.21
N ALA A 159 -17.64 6.81 18.16
CA ALA A 159 -17.69 5.63 19.01
C ALA A 159 -17.69 6.01 20.49
N ASP A 160 -18.34 5.17 21.29
CA ASP A 160 -18.39 5.37 22.72
C ASP A 160 -17.06 4.94 23.34
N ALA A 161 -16.50 5.81 24.19
CA ALA A 161 -15.20 5.58 24.81
C ALA A 161 -14.09 5.38 23.77
N GLY A 162 -14.28 5.96 22.58
CA GLY A 162 -13.26 5.89 21.56
C GLY A 162 -12.13 6.85 21.83
N PHE A 163 -10.96 6.52 21.26
CA PHE A 163 -9.77 7.33 21.50
C PHE A 163 -9.98 8.78 21.06
N ILE A 164 -10.81 9.01 20.05
CA ILE A 164 -11.11 10.38 19.63
C ILE A 164 -11.76 11.15 20.76
N LYS A 165 -12.62 10.50 21.53
CA LYS A 165 -13.23 11.13 22.70
C LYS A 165 -12.29 11.10 23.89
N GLN A 166 -11.65 9.94 24.14
CA GLN A 166 -10.75 9.81 25.26
C GLN A 166 -9.62 10.83 25.20
N TYR A 167 -9.14 11.14 24.00
CA TYR A 167 -8.10 12.14 23.88
C TYR A 167 -8.59 13.50 24.33
N GLY A 168 -9.87 13.79 24.14
CA GLY A 168 -10.43 15.04 24.58
C GLY A 168 -10.40 15.23 26.08
N ASP A 169 -10.33 14.14 26.85
CA ASP A 169 -10.28 14.27 28.30
C ASP A 169 -8.90 14.64 28.82
N CYS A 170 -7.85 13.93 28.39
CA CYS A 170 -6.52 14.30 28.90
C CYS A 170 -6.04 15.62 28.31
N LEU A 171 -6.54 16.00 27.14
CA LEU A 171 -6.12 17.27 26.55
C LEU A 171 -6.73 18.44 27.31
N GLY A 172 -7.91 18.25 27.88
CA GLY A 172 -8.59 19.27 28.66
C GLY A 172 -8.72 20.62 27.98
N ASP A 173 -8.81 20.61 26.65
CA ASP A 173 -8.91 21.81 25.83
C ASP A 173 -7.70 22.73 25.98
N ILE A 174 -6.58 22.22 26.48
CA ILE A 174 -5.36 22.99 26.65
C ILE A 174 -4.33 22.46 25.65
N ALA A 175 -3.83 23.34 24.80
CA ALA A 175 -2.86 22.93 23.78
C ALA A 175 -1.56 22.44 24.40
N ALA A 176 -1.20 22.95 25.57
CA ALA A 176 0.07 22.54 26.19
C ALA A 176 0.05 21.10 26.66
N ARG A 177 -1.13 20.51 26.82
CA ARG A 177 -1.27 19.13 27.28
C ARG A 177 -1.00 18.11 26.17
N ASP A 178 -0.87 18.56 24.92
CA ASP A 178 -0.75 17.65 23.79
C ASP A 178 0.39 16.66 23.95
N LEU A 179 1.56 17.13 24.39
CA LEU A 179 2.70 16.22 24.52
C LEU A 179 2.47 15.18 25.62
N ILE A 180 1.89 15.59 26.74
CA ILE A 180 1.61 14.64 27.81
C ILE A 180 0.43 13.75 27.45
N CYS A 181 -0.62 14.35 26.90
CA CYS A 181 -1.82 13.60 26.53
C CYS A 181 -1.51 12.58 25.44
N ALA A 182 -0.67 12.95 24.47
CA ALA A 182 -0.24 11.98 23.45
C ALA A 182 0.58 10.85 24.05
N GLN A 183 1.38 11.14 25.08
CA GLN A 183 2.16 10.09 25.72
C GLN A 183 1.28 9.02 26.35
N LYS A 184 0.13 9.40 26.88
CA LYS A 184 -0.75 8.42 27.50
C LYS A 184 -1.30 7.45 26.46
N PHE A 185 -1.78 7.97 25.34
CA PHE A 185 -2.40 7.17 24.29
C PHE A 185 -1.43 6.66 23.25
N ASN A 186 -0.25 6.18 23.67
CA ASN A 186 0.73 5.55 22.80
C ASN A 186 1.06 6.37 21.56
N GLY A 187 1.25 7.67 21.73
CA GLY A 187 1.63 8.50 20.61
C GLY A 187 0.50 8.97 19.73
N LEU A 188 -0.71 8.43 19.87
CA LEU A 188 -1.81 8.87 19.05
C LEU A 188 -2.18 10.30 19.41
N THR A 189 -2.49 11.12 18.40
CA THR A 189 -2.89 12.49 18.64
C THR A 189 -3.90 12.91 17.59
N VAL A 190 -4.85 13.74 18.00
CA VAL A 190 -5.88 14.29 17.11
C VAL A 190 -5.66 15.79 16.99
N LEU A 191 -5.62 16.28 15.77
CA LEU A 191 -5.37 17.69 15.52
C LEU A 191 -6.67 18.44 15.24
N PRO A 192 -6.81 19.66 15.75
CA PRO A 192 -8.01 20.44 15.49
C PRO A 192 -8.08 20.92 14.05
N PRO A 193 -9.26 20.95 13.45
CA PRO A 193 -9.38 21.42 12.07
C PRO A 193 -9.27 22.93 11.97
N LEU A 194 -8.83 23.39 10.79
CA LEU A 194 -8.68 24.82 10.56
C LEU A 194 -10.01 25.54 10.47
N LEU A 195 -11.07 24.87 10.04
CA LEU A 195 -12.42 25.43 10.05
C LEU A 195 -13.23 24.68 11.09
N THR A 196 -13.76 25.41 12.06
CA THR A 196 -14.58 24.79 13.07
C THR A 196 -15.98 24.54 12.52
N ASP A 197 -16.73 23.70 13.23
CA ASP A 197 -18.10 23.41 12.83
C ASP A 197 -18.93 24.68 12.80
N GLU A 198 -18.58 25.65 13.62
CA GLU A 198 -19.29 26.93 13.61
C GLU A 198 -18.96 27.74 12.36
N MET A 199 -17.70 27.77 11.96
CA MET A 199 -17.33 28.48 10.74
C MET A 199 -17.87 27.79 9.50
N ILE A 200 -17.89 26.46 9.49
CA ILE A 200 -18.46 25.73 8.35
C ILE A 200 -19.95 26.00 8.23
N ALA A 201 -20.65 26.08 9.36
CA ALA A 201 -22.07 26.43 9.33
C ALA A 201 -22.26 27.85 8.80
N GLN A 202 -21.35 28.75 9.14
CA GLN A 202 -21.44 30.11 8.63
C GLN A 202 -21.31 30.18 7.12
N TYR A 203 -20.41 29.38 6.54
CA TYR A 203 -20.29 29.37 5.08
C TYR A 203 -21.53 28.84 4.39
N THR A 204 -22.14 27.78 4.92
CA THR A 204 -23.38 27.30 4.32
C THR A 204 -24.50 28.32 4.45
N SER A 205 -24.48 29.14 5.50
CA SER A 205 -25.49 30.18 5.62
C SER A 205 -25.31 31.25 4.55
N ALA A 206 -24.06 31.57 4.22
CA ALA A 206 -23.80 32.50 3.12
C ALA A 206 -24.21 31.90 1.78
N LEU A 207 -23.90 30.63 1.56
CA LEU A 207 -24.34 29.96 0.34
C LEU A 207 -25.86 29.95 0.23
N LEU A 208 -26.55 29.69 1.34
CA LEU A 208 -28.01 29.68 1.32
C LEU A 208 -28.57 31.06 1.06
N ALA A 209 -28.04 32.07 1.74
CA ALA A 209 -28.53 33.43 1.56
C ALA A 209 -28.32 33.92 0.14
N GLY A 210 -27.15 33.66 -0.44
CA GLY A 210 -26.91 34.06 -1.81
C GLY A 210 -27.85 33.40 -2.79
N THR A 211 -28.16 32.13 -2.58
CA THR A 211 -29.04 31.40 -3.49
C THR A 211 -30.45 31.97 -3.45
N ILE A 212 -30.98 32.23 -2.26
CA ILE A 212 -32.36 32.68 -2.14
C ILE A 212 -32.50 34.12 -2.59
N THR A 213 -31.46 34.93 -2.47
CA THR A 213 -31.55 36.35 -2.78
C THR A 213 -31.05 36.72 -4.17
N SER A 214 -30.25 35.88 -4.82
CA SER A 214 -29.69 36.27 -6.10
C SER A 214 -29.60 35.17 -7.14
N GLY A 215 -30.08 33.96 -6.85
CA GLY A 215 -30.06 32.88 -7.82
C GLY A 215 -28.68 32.46 -8.31
N TRP A 216 -28.52 32.41 -9.63
CA TRP A 216 -27.24 32.00 -10.21
C TRP A 216 -26.17 33.06 -10.06
N THR A 217 -26.57 34.31 -9.84
CA THR A 217 -25.69 35.42 -10.16
C THR A 217 -24.57 35.58 -9.15
N PHE A 218 -24.78 35.17 -7.90
CA PHE A 218 -23.72 35.30 -6.91
C PHE A 218 -22.58 34.30 -7.14
N GLY A 219 -22.80 33.27 -7.96
CA GLY A 219 -21.75 32.32 -8.27
C GLY A 219 -20.87 32.72 -9.43
N ALA A 220 -21.38 33.59 -10.29
CA ALA A 220 -20.68 33.98 -11.51
C ALA A 220 -20.22 35.42 -11.53
N GLY A 221 -20.60 36.23 -10.55
CA GLY A 221 -20.34 37.65 -10.57
C GLY A 221 -20.74 38.32 -9.28
N PRO A 222 -21.11 39.59 -9.35
CA PRO A 222 -21.76 40.23 -8.20
C PRO A 222 -23.16 39.69 -7.99
N ALA A 223 -23.59 39.68 -6.73
CA ALA A 223 -24.90 39.16 -6.36
C ALA A 223 -26.03 40.04 -6.85
N LEU A 224 -26.52 39.77 -8.06
CA LEU A 224 -27.66 40.49 -8.62
C LEU A 224 -28.95 40.00 -7.95
N GLN A 225 -29.58 40.83 -7.14
CA GLN A 225 -30.82 40.46 -6.47
C GLN A 225 -31.93 40.18 -7.47
N ILE A 226 -32.83 39.26 -7.11
CA ILE A 226 -34.02 38.97 -7.91
C ILE A 226 -35.11 38.40 -7.02
N PRO A 227 -36.37 38.82 -7.18
CA PRO A 227 -37.45 38.23 -6.36
C PRO A 227 -37.52 36.72 -6.55
N PHE A 228 -37.75 36.01 -5.45
CA PHE A 228 -37.72 34.56 -5.53
C PHE A 228 -38.73 33.96 -6.50
N PRO A 229 -39.99 34.41 -6.55
CA PRO A 229 -40.89 33.84 -7.57
C PRO A 229 -40.37 34.03 -8.98
N MET A 230 -39.74 35.16 -9.28
CA MET A 230 -39.16 35.32 -10.61
C MET A 230 -37.94 34.42 -10.78
N GLN A 231 -37.14 34.26 -9.73
CA GLN A 231 -36.01 33.34 -9.81
C GLN A 231 -36.48 31.92 -10.08
N MET A 232 -37.46 31.45 -9.31
CA MET A 232 -38.02 30.13 -9.52
C MET A 232 -38.61 29.99 -10.91
N ALA A 233 -39.20 31.06 -11.43
CA ALA A 233 -39.77 31.02 -12.78
C ALA A 233 -38.72 30.73 -13.83
N TYR A 234 -37.51 31.23 -13.65
CA TYR A 234 -36.43 30.97 -14.58
C TYR A 234 -35.81 29.59 -14.39
N ARG A 235 -35.99 28.99 -13.21
CA ARG A 235 -35.65 27.58 -13.06
C ARG A 235 -36.60 26.72 -13.88
N PHE A 236 -37.89 27.09 -13.88
CA PHE A 236 -38.87 26.41 -14.72
C PHE A 236 -38.53 26.56 -16.18
N ASN A 237 -38.31 27.80 -16.63
CA ASN A 237 -37.94 28.05 -18.01
C ASN A 237 -36.65 27.35 -18.40
N GLY A 238 -35.83 26.96 -17.42
CA GLY A 238 -34.62 26.21 -17.72
C GLY A 238 -34.90 24.77 -18.08
N ILE A 239 -35.75 24.10 -17.31
CA ILE A 239 -36.08 22.69 -17.56
C ILE A 239 -37.00 22.53 -18.77
N GLY A 240 -37.40 23.62 -19.39
CA GLY A 240 -38.26 23.56 -20.55
C GLY A 240 -39.74 23.77 -20.31
N VAL A 241 -40.13 24.33 -19.18
CA VAL A 241 -41.52 24.62 -18.87
C VAL A 241 -41.67 26.13 -18.85
N THR A 242 -42.71 26.64 -19.50
CA THR A 242 -42.82 28.09 -19.62
C THR A 242 -43.00 28.72 -18.25
N GLN A 243 -42.64 30.00 -18.16
CA GLN A 243 -42.68 30.69 -16.87
C GLN A 243 -44.10 30.98 -16.42
N ASN A 244 -45.05 31.12 -17.34
CA ASN A 244 -46.43 31.36 -16.91
C ASN A 244 -46.99 30.20 -16.11
N VAL A 245 -46.43 28.99 -16.28
CA VAL A 245 -46.86 27.85 -15.50
C VAL A 245 -46.68 28.12 -14.00
N LEU A 246 -45.55 28.70 -13.61
CA LEU A 246 -45.31 28.99 -12.21
C LEU A 246 -46.25 30.07 -11.68
N TYR A 247 -46.32 31.20 -12.38
CA TYR A 247 -47.12 32.32 -11.87
C TYR A 247 -48.59 31.99 -11.77
N GLU A 248 -49.07 31.03 -12.54
CA GLU A 248 -50.47 30.63 -12.43
C GLU A 248 -50.69 29.53 -11.41
N ASN A 249 -49.63 28.86 -10.96
CA ASN A 249 -49.71 27.81 -9.97
C ASN A 249 -48.78 28.12 -8.81
N GLN A 250 -48.55 29.40 -8.54
CA GLN A 250 -47.54 29.79 -7.55
C GLN A 250 -47.90 29.32 -6.17
N LYS A 251 -49.18 29.40 -5.80
CA LYS A 251 -49.59 28.99 -4.48
C LYS A 251 -49.46 27.48 -4.29
N LEU A 252 -49.89 26.72 -5.30
CA LEU A 252 -49.77 25.26 -5.24
C LEU A 252 -48.32 24.81 -5.19
N ILE A 253 -47.46 25.42 -6.00
CA ILE A 253 -46.06 25.05 -6.02
C ILE A 253 -45.39 25.36 -4.69
N ALA A 254 -45.73 26.49 -4.08
CA ALA A 254 -45.18 26.83 -2.77
C ALA A 254 -45.60 25.83 -1.72
N ASN A 255 -46.85 25.35 -1.77
CA ASN A 255 -47.30 24.32 -0.85
C ASN A 255 -46.56 23.01 -1.06
N GLN A 256 -46.36 22.63 -2.32
CA GLN A 256 -45.61 21.40 -2.60
C GLN A 256 -44.17 21.53 -2.11
N PHE A 257 -43.56 22.68 -2.35
CA PHE A 257 -42.20 22.93 -1.87
C PHE A 257 -42.11 22.83 -0.36
N ASN A 258 -43.03 23.47 0.35
CA ASN A 258 -42.99 23.46 1.81
C ASN A 258 -43.22 22.07 2.38
N SER A 259 -44.19 21.33 1.84
CA SER A 259 -44.47 19.99 2.34
C SER A 259 -43.30 19.04 2.11
N ALA A 260 -42.61 19.19 0.99
CA ALA A 260 -41.48 18.31 0.68
C ALA A 260 -40.34 18.51 1.68
N ILE A 261 -39.99 19.75 1.98
CA ILE A 261 -38.97 20.01 2.99
C ILE A 261 -39.42 19.55 4.37
N GLY A 262 -40.71 19.65 4.66
CA GLY A 262 -41.21 19.16 5.93
C GLY A 262 -41.03 17.67 6.09
N LYS A 263 -41.18 16.92 4.98
CA LYS A 263 -40.99 15.48 5.02
C LYS A 263 -39.54 15.10 5.26
N ILE A 264 -38.59 15.96 4.91
CA ILE A 264 -37.17 15.65 5.09
C ILE A 264 -36.86 15.41 6.57
N GLN A 265 -37.39 16.24 7.45
CA GLN A 265 -37.09 16.09 8.87
C GLN A 265 -37.60 14.75 9.40
N ASP A 266 -38.83 14.39 9.05
CA ASP A 266 -39.38 13.11 9.51
C ASP A 266 -38.60 11.95 8.90
N SER A 267 -38.21 12.06 7.63
CA SER A 267 -37.46 11.00 6.99
C SER A 267 -36.11 10.78 7.66
N LEU A 268 -35.44 11.87 8.06
CA LEU A 268 -34.16 11.71 8.74
C LEU A 268 -34.34 11.16 10.15
N SER A 269 -35.33 11.65 10.89
CA SER A 269 -35.53 11.19 12.25
C SER A 269 -35.97 9.73 12.28
N SER A 270 -36.99 9.38 11.50
CA SER A 270 -37.55 8.04 11.54
C SER A 270 -36.64 7.00 10.89
N THR A 271 -35.60 7.42 10.19
CA THR A 271 -34.67 6.49 9.55
C THR A 271 -33.25 6.83 9.97
N PRO A 272 -32.68 6.11 10.94
CA PRO A 272 -31.29 6.37 11.34
C PRO A 272 -30.25 5.74 10.42
N SER A 273 -30.67 5.09 9.35
CA SER A 273 -29.77 4.53 8.35
C SER A 273 -29.51 5.49 7.19
N ALA A 274 -29.99 6.72 7.29
CA ALA A 274 -29.78 7.70 6.23
C ALA A 274 -28.40 8.35 6.30
N LEU A 275 -27.76 8.34 7.47
CA LEU A 275 -26.42 8.87 7.66
C LEU A 275 -25.40 7.75 7.74
N GLY A 276 -25.50 6.77 6.85
CA GLY A 276 -24.60 5.63 6.90
C GLY A 276 -23.26 5.90 6.29
N LYS A 277 -23.20 6.78 5.28
CA LYS A 277 -21.93 7.10 4.65
C LYS A 277 -21.02 7.88 5.60
N LEU A 278 -21.61 8.79 6.39
CA LEU A 278 -20.81 9.55 7.34
C LEU A 278 -20.37 8.67 8.51
N GLN A 279 -21.27 7.84 9.05
CA GLN A 279 -20.88 6.88 10.09
C GLN A 279 -19.85 5.89 9.59
N ASP A 280 -19.92 5.50 8.32
CA ASP A 280 -18.96 4.55 7.78
C ASP A 280 -17.54 5.08 7.89
N VAL A 281 -17.35 6.35 7.55
CA VAL A 281 -16.03 6.97 7.68
C VAL A 281 -15.57 6.94 9.13
N VAL A 282 -16.45 7.34 10.05
CA VAL A 282 -16.08 7.41 11.47
C VAL A 282 -15.81 6.02 12.03
N ASN A 283 -16.60 5.02 11.64
CA ASN A 283 -16.38 3.67 12.13
C ASN A 283 -15.09 3.07 11.58
N GLN A 284 -14.81 3.31 10.30
CA GLN A 284 -13.59 2.76 9.72
C GLN A 284 -12.34 3.34 10.37
N ASN A 285 -12.34 4.64 10.65
CA ASN A 285 -11.19 5.25 11.31
C ASN A 285 -11.04 4.77 12.75
N ALA A 286 -12.16 4.65 13.47
CA ALA A 286 -12.10 4.16 14.84
C ALA A 286 -11.58 2.74 14.91
N GLU A 287 -12.05 1.87 14.01
CA GLU A 287 -11.61 0.49 13.98
C GLU A 287 -10.13 0.38 13.61
N ALA A 288 -9.63 1.27 12.77
CA ALA A 288 -8.20 1.28 12.44
C ALA A 288 -7.34 1.57 13.67
N LEU A 289 -7.68 2.62 14.42
CA LEU A 289 -6.90 2.96 15.61
C LEU A 289 -6.98 1.88 16.68
N ASN A 290 -8.17 1.35 16.92
CA ASN A 290 -8.31 0.30 17.93
C ASN A 290 -7.42 -0.88 17.62
N THR A 291 -7.40 -1.31 16.36
CA THR A 291 -6.52 -2.41 15.96
C THR A 291 -5.05 -2.02 16.08
N LEU A 292 -4.71 -0.77 15.77
CA LEU A 292 -3.32 -0.34 15.89
C LEU A 292 -2.83 -0.41 17.32
N VAL A 293 -3.68 -0.03 18.27
CA VAL A 293 -3.28 -0.07 19.68
C VAL A 293 -3.20 -1.49 20.20
N LYS A 294 -4.18 -2.33 19.85
CA LYS A 294 -4.15 -3.71 20.30
C LYS A 294 -2.95 -4.49 19.76
N GLN A 295 -2.36 -4.05 18.65
CA GLN A 295 -1.13 -4.68 18.18
C GLN A 295 -0.01 -4.57 19.19
N LEU A 296 -0.05 -3.60 20.09
CA LEU A 296 0.99 -3.50 21.11
C LEU A 296 0.96 -4.68 22.08
N SER A 297 -0.19 -5.36 22.21
CA SER A 297 -0.29 -6.52 23.08
C SER A 297 0.28 -7.80 22.47
N SER A 298 0.62 -7.81 21.19
CA SER A 298 1.12 -9.02 20.56
C SER A 298 2.60 -9.20 20.83
N ASN A 299 3.01 -10.47 20.94
CA ASN A 299 4.39 -10.80 21.26
C ASN A 299 5.32 -10.66 20.06
N PHE A 300 4.79 -10.92 18.85
CA PHE A 300 5.57 -10.87 17.62
C PHE A 300 6.79 -11.77 17.69
N GLY A 301 6.68 -12.89 18.38
CA GLY A 301 7.78 -13.82 18.48
C GLY A 301 8.83 -13.49 19.51
N ALA A 302 8.66 -12.43 20.28
CA ALA A 302 9.61 -12.08 21.32
C ALA A 302 9.25 -12.85 22.59
N ILE A 303 9.95 -12.57 23.68
CA ILE A 303 9.68 -13.26 24.93
C ILE A 303 8.52 -12.65 25.68
N SER A 304 8.23 -11.37 25.46
CA SER A 304 7.11 -10.71 26.11
C SER A 304 6.68 -9.52 25.26
N SER A 305 5.44 -9.09 25.47
CA SER A 305 4.86 -7.97 24.74
C SER A 305 5.05 -6.63 25.43
N VAL A 306 5.72 -6.61 26.57
CA VAL A 306 5.97 -5.38 27.31
C VAL A 306 7.47 -5.14 27.37
N LEU A 307 7.88 -3.96 26.91
CA LEU A 307 9.30 -3.63 26.82
C LEU A 307 9.95 -3.53 28.20
N ASN A 308 9.21 -3.10 29.22
CA ASN A 308 9.80 -2.97 30.55
C ASN A 308 10.25 -4.32 31.11
N ASP A 309 9.46 -5.38 30.90
CA ASP A 309 9.86 -6.70 31.38
C ASP A 309 11.09 -7.21 30.66
N ILE A 310 11.18 -7.02 29.36
CA ILE A 310 12.35 -7.47 28.63
C ILE A 310 13.60 -6.80 29.18
N LEU A 311 13.51 -5.52 29.48
CA LEU A 311 14.67 -4.78 29.96
C LEU A 311 14.96 -5.01 31.43
N SER A 312 13.94 -5.21 32.25
CA SER A 312 14.16 -5.38 33.68
C SER A 312 14.34 -6.82 34.13
N ARG A 313 13.86 -7.80 33.35
CA ARG A 313 14.00 -9.20 33.73
C ARG A 313 15.17 -9.91 33.09
N LEU A 314 15.72 -9.41 32.00
CA LEU A 314 16.65 -10.18 31.20
C LEU A 314 18.05 -9.58 31.24
N ASP A 315 19.03 -10.41 30.86
CA ASP A 315 20.41 -9.96 30.82
C ASP A 315 20.53 -8.81 29.84
N PRO A 316 21.31 -7.78 30.14
CA PRO A 316 21.43 -6.63 29.25
C PRO A 316 21.87 -7.00 27.84
N PRO A 317 22.82 -7.93 27.66
CA PRO A 317 23.07 -8.37 26.28
C PRO A 317 21.90 -9.11 25.66
N GLU A 318 21.19 -9.90 26.44
CA GLU A 318 20.10 -10.73 25.92
C GLU A 318 18.84 -9.95 25.59
N ALA A 319 18.85 -8.63 25.76
CA ALA A 319 17.62 -7.86 25.54
C ALA A 319 17.48 -7.35 24.12
N GLU A 320 18.59 -7.02 23.46
CA GLU A 320 18.49 -6.45 22.12
C GLU A 320 17.77 -7.39 21.16
N VAL A 321 18.03 -8.69 21.27
CA VAL A 321 17.41 -9.64 20.36
C VAL A 321 15.89 -9.64 20.54
N GLN A 322 15.42 -9.65 21.79
CA GLN A 322 13.99 -9.63 22.04
C GLN A 322 13.35 -8.32 21.61
N ILE A 323 14.04 -7.19 21.82
CA ILE A 323 13.50 -5.90 21.41
C ILE A 323 13.43 -5.79 19.90
N ASP A 324 14.38 -6.37 19.18
CA ASP A 324 14.32 -6.33 17.73
C ASP A 324 13.08 -7.04 17.20
N ARG A 325 12.70 -8.16 17.81
CA ARG A 325 11.49 -8.84 17.38
C ARG A 325 10.27 -7.97 17.62
N LEU A 326 10.21 -7.28 18.77
CA LEU A 326 9.11 -6.36 19.02
C LEU A 326 9.13 -5.19 18.05
N ILE A 327 10.31 -4.63 17.79
CA ILE A 327 10.42 -3.49 16.88
C ILE A 327 9.97 -3.87 15.48
N THR A 328 10.40 -5.03 15.00
CA THR A 328 9.98 -5.48 13.67
C THR A 328 8.47 -5.64 13.60
N GLY A 329 7.88 -6.28 14.60
CA GLY A 329 6.43 -6.47 14.59
C GLY A 329 5.67 -5.16 14.70
N ARG A 330 6.07 -4.29 15.61
CA ARG A 330 5.37 -3.02 15.79
C ARG A 330 5.60 -2.08 14.62
N LEU A 331 6.78 -2.09 14.02
CA LEU A 331 7.01 -1.27 12.85
C LEU A 331 6.15 -1.74 11.68
N GLN A 332 5.99 -3.05 11.53
CA GLN A 332 5.15 -3.57 10.47
C GLN A 332 3.69 -3.25 10.72
N SER A 333 3.26 -3.26 11.98
CA SER A 333 1.90 -2.87 12.31
C SER A 333 1.62 -1.42 11.93
N LEU A 334 2.54 -0.52 12.25
CA LEU A 334 2.38 0.88 11.88
C LEU A 334 2.37 1.06 10.36
N GLN A 335 3.25 0.36 9.66
CA GLN A 335 3.27 0.46 8.20
C GLN A 335 1.95 0.03 7.61
N THR A 336 1.35 -1.03 8.13
CA THR A 336 0.05 -1.48 7.66
C THR A 336 -1.02 -0.41 7.86
N TYR A 337 -1.07 0.17 9.05
CA TYR A 337 -2.04 1.23 9.33
C TYR A 337 -1.85 2.43 8.40
N VAL A 338 -0.60 2.83 8.17
CA VAL A 338 -0.34 4.01 7.36
C VAL A 338 -0.79 3.81 5.92
N THR A 339 -0.49 2.64 5.36
CA THR A 339 -0.91 2.38 3.98
C THR A 339 -2.42 2.38 3.85
N GLN A 340 -3.12 1.78 4.81
CA GLN A 340 -4.57 1.77 4.77
C GLN A 340 -5.13 3.19 4.83
N GLN A 341 -4.58 4.02 5.71
CA GLN A 341 -5.02 5.42 5.79
C GLN A 341 -4.74 6.16 4.49
N LEU A 342 -3.62 5.86 3.83
CA LEU A 342 -3.31 6.51 2.56
C LEU A 342 -4.35 6.17 1.50
N ILE A 343 -4.71 4.89 1.41
CA ILE A 343 -5.72 4.47 0.44
C ILE A 343 -7.07 5.07 0.80
N ARG A 344 -7.47 4.97 2.07
CA ARG A 344 -8.73 5.53 2.51
C ARG A 344 -8.80 7.04 2.33
N ALA A 345 -7.71 7.75 2.64
CA ALA A 345 -7.71 9.20 2.44
C ALA A 345 -7.93 9.57 0.99
N ALA A 346 -7.38 8.79 0.06
CA ALA A 346 -7.63 9.04 -1.35
C ALA A 346 -9.12 8.85 -1.68
N GLU A 347 -9.74 7.85 -1.08
CA GLU A 347 -11.16 7.62 -1.29
C GLU A 347 -12.00 8.80 -0.81
N ILE A 348 -11.69 9.34 0.37
CA ILE A 348 -12.42 10.49 0.89
C ILE A 348 -12.13 11.73 0.04
N ARG A 349 -10.92 11.87 -0.47
CA ARG A 349 -10.61 12.99 -1.35
C ARG A 349 -11.44 12.94 -2.62
N ALA A 350 -11.66 11.75 -3.17
CA ALA A 350 -12.54 11.65 -4.34
C ALA A 350 -13.94 12.12 -4.00
N SER A 351 -14.48 11.72 -2.85
CA SER A 351 -15.80 12.18 -2.45
C SER A 351 -15.83 13.68 -2.20
N ALA A 352 -14.73 14.26 -1.69
CA ALA A 352 -14.68 15.69 -1.47
C ALA A 352 -14.63 16.47 -2.78
N ASN A 353 -13.91 15.95 -3.78
CA ASN A 353 -13.93 16.55 -5.10
C ASN A 353 -15.33 16.52 -5.72
N LEU A 354 -16.08 15.46 -5.47
CA LEU A 354 -17.44 15.38 -5.97
C LEU A 354 -18.36 16.37 -5.27
N ALA A 355 -18.18 16.54 -3.96
CA ALA A 355 -19.00 17.48 -3.21
C ALA A 355 -18.74 18.92 -3.64
N ALA A 356 -17.49 19.24 -3.98
CA ALA A 356 -17.18 20.58 -4.49
C ALA A 356 -17.80 20.81 -5.86
N THR A 357 -17.80 19.79 -6.71
CA THR A 357 -18.45 19.90 -8.01
C THR A 357 -19.96 20.04 -7.86
N LYS A 358 -20.55 19.31 -6.92
CA LYS A 358 -21.99 19.43 -6.71
C LYS A 358 -22.33 20.77 -6.08
N MET A 359 -21.45 21.32 -5.25
CA MET A 359 -21.67 22.66 -4.72
C MET A 359 -21.74 23.69 -5.83
N SER A 360 -20.75 23.69 -6.73
CA SER A 360 -20.77 24.67 -7.82
C SER A 360 -21.94 24.45 -8.76
N GLU A 361 -22.21 23.21 -9.16
CA GLU A 361 -23.14 23.00 -10.25
C GLU A 361 -24.58 22.81 -9.81
N CYS A 362 -24.82 22.26 -8.62
CA CYS A 362 -26.19 22.12 -8.15
C CYS A 362 -26.65 23.34 -7.36
N VAL A 363 -25.79 23.89 -6.50
CA VAL A 363 -26.18 25.00 -5.65
C VAL A 363 -26.00 26.34 -6.35
N LEU A 364 -24.85 26.58 -6.95
CA LEU A 364 -24.58 27.87 -7.59
C LEU A 364 -25.14 27.96 -9.00
N GLY A 365 -25.75 26.90 -9.52
CA GLY A 365 -26.30 26.94 -10.86
C GLY A 365 -27.48 26.02 -11.02
N GLN A 366 -27.83 25.69 -12.26
CA GLN A 366 -28.87 24.72 -12.55
C GLN A 366 -28.29 23.72 -13.54
N SER A 367 -28.17 22.47 -13.12
CA SER A 367 -27.49 21.47 -13.92
C SER A 367 -28.40 20.90 -14.99
N LYS A 368 -27.84 20.67 -16.18
CA LYS A 368 -28.52 19.94 -17.24
C LYS A 368 -28.16 18.47 -17.24
N ARG A 369 -27.31 18.05 -16.32
CA ARG A 369 -26.91 16.65 -16.16
C ARG A 369 -28.01 15.92 -15.40
N VAL A 370 -28.43 14.77 -15.90
CA VAL A 370 -29.78 14.30 -15.58
C VAL A 370 -29.88 13.82 -14.13
N ASP A 371 -29.00 12.91 -13.71
CA ASP A 371 -29.06 12.37 -12.36
C ASP A 371 -28.00 12.95 -11.46
N PHE A 372 -27.32 14.01 -11.90
CA PHE A 372 -26.29 14.61 -11.08
C PHE A 372 -26.89 15.25 -9.84
N CYS A 373 -27.78 16.23 -10.03
CA CYS A 373 -28.37 16.94 -8.92
C CYS A 373 -29.78 16.42 -8.63
N GLY A 374 -29.85 15.15 -8.25
CA GLY A 374 -31.11 14.51 -7.93
C GLY A 374 -31.82 13.97 -9.14
N LYS A 375 -32.86 13.18 -8.88
CA LYS A 375 -33.68 12.60 -9.94
C LYS A 375 -34.87 13.51 -10.26
N GLY A 376 -35.26 13.51 -11.53
CA GLY A 376 -36.10 14.57 -12.06
C GLY A 376 -35.28 15.69 -12.69
N TYR A 377 -35.99 16.71 -13.14
CA TYR A 377 -35.34 17.90 -13.69
C TYR A 377 -34.94 18.81 -12.55
N HIS A 378 -33.66 19.13 -12.49
CA HIS A 378 -33.10 19.91 -11.39
C HIS A 378 -33.57 21.35 -11.42
N LEU A 379 -34.17 21.81 -10.31
CA LEU A 379 -34.51 23.22 -10.13
C LEU A 379 -33.44 23.95 -9.33
N MET A 380 -33.14 23.49 -8.12
CA MET A 380 -32.13 24.11 -7.27
C MET A 380 -31.76 23.16 -6.14
N SER A 381 -30.70 23.49 -5.42
CA SER A 381 -30.23 22.68 -4.30
C SER A 381 -29.83 23.58 -3.15
N PHE A 382 -29.86 23.00 -1.94
CA PHE A 382 -29.54 23.73 -0.72
C PHE A 382 -28.48 22.95 0.05
N PRO A 383 -27.33 23.53 0.36
CA PRO A 383 -26.33 22.81 1.15
C PRO A 383 -26.66 22.86 2.63
N GLN A 384 -26.48 21.73 3.30
CA GLN A 384 -26.57 21.68 4.75
C GLN A 384 -25.31 21.06 5.32
N SER A 385 -24.75 21.70 6.34
CA SER A 385 -23.54 21.21 6.97
C SER A 385 -23.82 19.95 7.76
N ALA A 386 -22.84 19.04 7.78
CA ALA A 386 -22.94 17.80 8.51
C ALA A 386 -21.54 17.43 8.99
N PRO A 387 -21.44 16.61 10.05
CA PRO A 387 -20.11 16.32 10.61
C PRO A 387 -19.22 15.61 9.60
N HIS A 388 -18.15 16.28 9.19
CA HIS A 388 -17.22 15.75 8.19
C HIS A 388 -17.91 15.45 6.86
N GLY A 389 -19.00 16.15 6.56
CA GLY A 389 -19.74 15.83 5.36
C GLY A 389 -20.59 17.01 4.96
N VAL A 390 -21.34 16.83 3.88
CA VAL A 390 -22.31 17.82 3.43
C VAL A 390 -23.57 17.08 3.02
N VAL A 391 -24.71 17.72 3.25
CA VAL A 391 -26.01 17.21 2.82
C VAL A 391 -26.61 18.19 1.82
N PHE A 392 -26.98 17.69 0.65
CA PHE A 392 -27.66 18.48 -0.37
C PHE A 392 -29.12 18.10 -0.43
N LEU A 393 -29.99 19.10 -0.43
CA LEU A 393 -31.43 18.92 -0.61
C LEU A 393 -31.76 19.36 -2.03
N HIS A 394 -31.93 18.41 -2.94
CA HIS A 394 -32.12 18.70 -4.35
C HIS A 394 -33.60 18.88 -4.66
N VAL A 395 -33.99 20.09 -5.05
CA VAL A 395 -35.36 20.38 -5.46
C VAL A 395 -35.50 20.07 -6.95
N THR A 396 -36.42 19.19 -7.31
CA THR A 396 -36.57 18.75 -8.68
C THR A 396 -38.03 18.76 -9.09
N TYR A 397 -38.24 18.89 -10.40
CA TYR A 397 -39.56 18.86 -11.04
C TYR A 397 -39.81 17.46 -11.57
N VAL A 398 -40.91 16.84 -11.17
CA VAL A 398 -41.29 15.53 -11.64
C VAL A 398 -42.62 15.60 -12.37
N PRO A 399 -42.69 15.27 -13.65
CA PRO A 399 -43.98 15.15 -14.33
C PRO A 399 -44.93 14.18 -13.64
N ALA A 400 -46.22 14.49 -13.71
CA ALA A 400 -47.25 13.66 -13.11
C ALA A 400 -48.52 13.73 -13.94
N GLN A 401 -49.41 12.76 -13.72
CA GLN A 401 -50.73 12.67 -14.36
C GLN A 401 -50.66 12.80 -15.88
N GLU A 402 -49.94 11.85 -16.48
CA GLU A 402 -49.85 11.77 -17.93
C GLU A 402 -51.19 11.43 -18.57
N LYS A 403 -51.43 11.99 -19.74
CA LYS A 403 -52.55 11.64 -20.60
C LYS A 403 -52.04 11.45 -22.02
N ASN A 404 -52.67 10.53 -22.76
CA ASN A 404 -52.20 10.18 -24.11
C ASN A 404 -53.06 10.87 -25.16
N PHE A 405 -52.40 11.50 -26.13
CA PHE A 405 -53.04 12.22 -27.21
C PHE A 405 -52.49 11.74 -28.55
N THR A 406 -53.33 11.73 -29.57
CA THR A 406 -52.85 11.48 -30.92
C THR A 406 -51.92 12.59 -31.36
N THR A 407 -50.82 12.22 -32.02
CA THR A 407 -49.81 13.17 -32.42
C THR A 407 -49.47 13.00 -33.89
N ALA A 408 -48.93 14.06 -34.49
CA ALA A 408 -48.48 14.06 -35.87
C ALA A 408 -47.20 14.87 -35.97
N PRO A 409 -46.30 14.50 -36.88
CA PRO A 409 -45.06 15.25 -37.03
C PRO A 409 -45.22 16.60 -37.71
N ALA A 410 -46.30 16.85 -38.43
CA ALA A 410 -46.42 18.04 -39.24
C ALA A 410 -47.87 18.24 -39.61
N ILE A 411 -48.15 19.40 -40.23
CA ILE A 411 -49.50 19.80 -40.62
C ILE A 411 -49.45 20.23 -42.08
N CYS A 412 -50.38 19.74 -42.89
CA CYS A 412 -50.58 20.22 -44.24
C CYS A 412 -51.69 21.25 -44.21
N HIS A 413 -51.42 22.47 -44.67
CA HIS A 413 -52.48 23.47 -44.83
C HIS A 413 -52.63 23.94 -46.26
N ASP A 414 -51.67 24.70 -46.79
CA ASP A 414 -51.71 25.10 -48.19
C ASP A 414 -50.69 24.35 -49.03
N GLY A 415 -50.72 23.02 -49.01
CA GLY A 415 -49.70 22.30 -49.73
C GLY A 415 -48.35 22.34 -49.04
N LYS A 416 -48.17 23.31 -48.15
CA LYS A 416 -46.94 23.43 -47.38
C LYS A 416 -47.04 22.64 -46.09
N ALA A 417 -45.88 22.32 -45.52
CA ALA A 417 -45.79 21.54 -44.29
C ALA A 417 -45.44 22.48 -43.14
N HIS A 418 -46.17 22.36 -42.04
CA HIS A 418 -45.96 23.21 -40.88
C HIS A 418 -45.42 22.38 -39.73
N PHE A 419 -44.33 22.84 -39.14
CA PHE A 419 -43.69 22.16 -38.02
C PHE A 419 -43.75 23.03 -36.78
N PRO A 420 -43.94 22.46 -35.60
CA PRO A 420 -44.00 23.26 -34.38
C PRO A 420 -42.68 23.97 -34.13
N ARG A 421 -42.76 25.24 -33.73
CA ARG A 421 -41.57 25.93 -33.27
C ARG A 421 -41.08 25.34 -31.97
N GLU A 422 -41.97 25.19 -31.00
CA GLU A 422 -41.68 24.53 -29.74
C GLU A 422 -42.89 23.71 -29.35
N GLY A 423 -42.66 22.48 -28.93
CA GLY A 423 -43.75 21.61 -28.56
C GLY A 423 -44.10 20.58 -29.62
N VAL A 424 -45.32 20.05 -29.48
CA VAL A 424 -45.81 18.94 -30.27
C VAL A 424 -47.25 19.19 -30.67
N PHE A 425 -47.62 18.71 -31.85
CA PHE A 425 -49.02 18.72 -32.26
C PHE A 425 -49.75 17.58 -31.58
N VAL A 426 -50.89 17.88 -30.98
CA VAL A 426 -51.70 16.86 -30.32
C VAL A 426 -53.15 17.04 -30.74
N SER A 427 -53.92 15.97 -30.63
CA SER A 427 -55.33 15.97 -30.98
C SER A 427 -56.14 15.43 -29.80
N ASN A 428 -57.17 16.16 -29.40
CA ASN A 428 -58.03 15.67 -28.33
C ASN A 428 -59.13 14.75 -28.83
N GLY A 429 -59.16 14.49 -30.14
CA GLY A 429 -60.17 13.63 -30.72
C GLY A 429 -60.79 14.20 -31.97
N THR A 430 -60.96 15.52 -32.04
CA THR A 430 -61.52 16.13 -33.24
C THR A 430 -60.68 17.31 -33.73
N HIS A 431 -60.01 18.01 -32.81
CA HIS A 431 -59.25 19.20 -33.16
C HIS A 431 -57.78 19.01 -32.85
N TRP A 432 -56.94 19.73 -33.58
CA TRP A 432 -55.50 19.67 -33.41
C TRP A 432 -54.99 20.89 -32.67
N PHE A 433 -54.08 20.66 -31.72
CA PHE A 433 -53.48 21.72 -30.92
C PHE A 433 -51.97 21.57 -30.96
N VAL A 434 -51.27 22.63 -30.58
CA VAL A 434 -49.83 22.60 -30.38
C VAL A 434 -49.57 22.93 -28.92
N THR A 435 -48.80 22.09 -28.25
CA THR A 435 -48.59 22.20 -26.82
C THR A 435 -47.13 21.91 -26.48
N GLN A 436 -46.70 22.43 -25.34
CA GLN A 436 -45.34 22.22 -24.89
C GLN A 436 -45.14 20.77 -24.45
N ARG A 437 -43.89 20.31 -24.54
CA ARG A 437 -43.58 18.91 -24.30
C ARG A 437 -43.91 18.45 -22.89
N ASN A 438 -43.51 19.22 -21.87
CA ASN A 438 -43.54 18.77 -20.49
C ASN A 438 -44.76 19.23 -19.70
N PHE A 439 -45.77 19.77 -20.37
CA PHE A 439 -46.96 20.22 -19.68
C PHE A 439 -48.05 20.35 -20.72
N TYR A 440 -49.27 19.98 -20.36
CA TYR A 440 -50.36 20.03 -21.33
C TYR A 440 -50.96 21.43 -21.32
N GLU A 441 -50.45 22.29 -22.21
CA GLU A 441 -51.04 23.61 -22.45
C GLU A 441 -51.38 23.70 -23.93
N PRO A 442 -52.62 23.38 -24.31
CA PRO A 442 -52.98 23.38 -25.73
C PRO A 442 -53.22 24.78 -26.24
N GLN A 443 -52.75 25.04 -27.46
CA GLN A 443 -52.92 26.33 -28.11
C GLN A 443 -53.37 26.12 -29.54
N ILE A 444 -54.03 27.13 -30.08
CA ILE A 444 -54.51 27.06 -31.45
C ILE A 444 -53.33 27.08 -32.40
N ILE A 445 -53.34 26.18 -33.39
CA ILE A 445 -52.21 26.09 -34.31
C ILE A 445 -52.22 27.34 -35.19
N THR A 446 -51.12 28.07 -35.16
CA THR A 446 -51.07 29.42 -35.74
C THR A 446 -49.73 29.58 -36.43
N THR A 447 -49.67 30.52 -37.37
CA THR A 447 -48.39 30.85 -38.00
C THR A 447 -47.36 31.31 -36.96
N ASP A 448 -47.82 31.85 -35.83
CA ASP A 448 -46.89 32.34 -34.82
C ASP A 448 -46.10 31.21 -34.17
N ASN A 449 -46.74 30.08 -33.86
CA ASN A 449 -46.07 29.00 -33.16
C ASN A 449 -45.69 27.83 -34.07
N THR A 450 -45.75 28.02 -35.38
CA THR A 450 -45.33 27.01 -36.35
C THR A 450 -44.45 27.67 -37.40
N PHE A 451 -43.60 26.87 -38.02
CA PHE A 451 -42.80 27.35 -39.14
C PHE A 451 -42.98 26.40 -40.32
N VAL A 452 -42.74 26.92 -41.52
CA VAL A 452 -43.07 26.23 -42.76
C VAL A 452 -41.78 25.78 -43.42
N SER A 453 -41.74 24.53 -43.86
CA SER A 453 -40.60 24.05 -44.64
C SER A 453 -41.06 22.88 -45.50
N GLY A 454 -40.76 22.95 -46.79
CA GLY A 454 -41.06 21.84 -47.68
C GLY A 454 -42.52 21.80 -48.05
N ASN A 455 -42.94 20.63 -48.54
CA ASN A 455 -44.33 20.45 -48.93
C ASN A 455 -44.88 19.17 -48.31
N CYS A 456 -46.10 18.81 -48.67
CA CYS A 456 -46.79 17.74 -47.96
C CYS A 456 -46.38 16.35 -48.43
N ASP A 457 -45.81 16.22 -49.62
CA ASP A 457 -45.58 14.91 -50.21
C ASP A 457 -44.30 14.22 -49.72
N VAL A 458 -43.53 14.86 -48.86
CA VAL A 458 -42.24 14.33 -48.42
C VAL A 458 -42.31 13.72 -47.02
N VAL A 459 -42.96 14.41 -46.08
CA VAL A 459 -42.95 14.00 -44.69
C VAL A 459 -43.89 12.83 -44.47
N ILE A 460 -43.40 11.79 -43.81
CA ILE A 460 -44.21 10.61 -43.52
C ILE A 460 -44.99 10.86 -42.24
N GLY A 461 -46.29 10.59 -42.29
CA GLY A 461 -47.15 10.82 -41.15
C GLY A 461 -47.76 12.21 -41.06
N ILE A 462 -47.72 12.99 -42.13
CA ILE A 462 -48.24 14.35 -42.10
C ILE A 462 -49.75 14.31 -42.15
N VAL A 463 -50.40 15.29 -41.52
CA VAL A 463 -51.84 15.32 -41.36
C VAL A 463 -52.37 16.65 -41.89
N ASN A 464 -53.60 16.62 -42.40
CA ASN A 464 -54.26 17.81 -42.92
C ASN A 464 -55.01 18.53 -41.80
N ASN A 465 -54.77 19.84 -41.68
CA ASN A 465 -55.46 20.63 -40.68
C ASN A 465 -55.34 22.10 -41.07
N THR A 466 -56.10 22.94 -40.37
CA THR A 466 -56.10 24.36 -40.57
C THR A 466 -55.01 24.99 -39.71
N VAL A 467 -54.45 26.09 -40.19
CA VAL A 467 -53.47 26.87 -39.45
C VAL A 467 -53.96 28.30 -39.38
N TYR A 468 -54.21 28.78 -38.17
CA TYR A 468 -54.78 30.10 -37.98
C TYR A 468 -53.77 31.17 -38.36
N ASP A 469 -54.28 32.27 -38.89
CA ASP A 469 -53.44 33.40 -39.32
C ASP A 469 -53.95 34.66 -38.65
N PRO A 470 -53.21 35.27 -37.73
CA PRO A 470 -53.74 36.42 -36.99
C PRO A 470 -54.02 37.63 -37.84
N LEU A 471 -53.42 37.75 -39.02
CA LEU A 471 -53.62 38.94 -39.85
C LEU A 471 -54.98 38.94 -40.52
N GLN A 472 -55.55 37.77 -40.81
CA GLN A 472 -56.81 37.72 -41.55
C GLN A 472 -57.96 38.41 -40.83
N PRO A 473 -58.20 38.18 -39.53
CA PRO A 473 -59.32 38.90 -38.88
C PRO A 473 -59.16 40.41 -38.91
N GLU A 474 -57.94 40.93 -38.87
CA GLU A 474 -57.75 42.37 -39.00
C GLU A 474 -58.17 42.86 -40.37
N LEU A 475 -57.82 42.10 -41.41
CA LEU A 475 -58.29 42.42 -42.76
C LEU A 475 -59.75 42.08 -42.95
N ASP A 476 -60.34 41.27 -42.07
CA ASP A 476 -61.74 40.93 -42.17
C ASP A 476 -62.66 42.09 -41.79
N SER A 477 -62.13 43.12 -41.15
CA SER A 477 -62.93 44.27 -40.77
C SER A 477 -63.26 45.12 -41.99
N GLN B 1 47.58 -2.59 34.45
CA GLN B 1 46.99 -3.16 33.24
C GLN B 1 47.04 -4.68 33.26
N VAL B 2 46.63 -5.28 32.15
CA VAL B 2 46.61 -6.72 32.02
C VAL B 2 48.02 -7.25 31.82
N GLN B 3 48.26 -8.47 32.30
CA GLN B 3 49.51 -9.18 32.09
C GLN B 3 49.20 -10.60 31.66
N LEU B 4 49.94 -11.09 30.68
CA LEU B 4 49.76 -12.43 30.14
C LEU B 4 51.05 -13.23 30.34
N GLN B 5 50.93 -14.46 30.81
CA GLN B 5 52.08 -15.30 31.10
C GLN B 5 51.89 -16.69 30.53
N GLU B 6 52.72 -17.08 29.56
CA GLU B 6 52.66 -18.41 28.98
C GLU B 6 53.30 -19.45 29.88
N SER B 7 52.89 -20.70 29.68
CA SER B 7 53.46 -21.83 30.40
C SER B 7 53.26 -23.07 29.57
N GLY B 8 54.25 -23.95 29.57
CA GLY B 8 54.17 -25.17 28.80
C GLY B 8 55.50 -25.90 28.73
N PRO B 9 55.52 -27.09 28.12
CA PRO B 9 56.76 -27.85 28.05
C PRO B 9 57.64 -27.32 26.93
N GLY B 10 58.88 -26.99 27.28
CA GLY B 10 59.81 -26.46 26.29
C GLY B 10 60.31 -27.50 25.32
N LEU B 11 60.27 -28.77 25.67
CA LEU B 11 60.75 -29.83 24.80
C LEU B 11 59.68 -30.91 24.72
N VAL B 12 59.13 -31.12 23.54
CA VAL B 12 58.09 -32.12 23.31
C VAL B 12 58.54 -33.02 22.17
N LYS B 13 58.32 -34.33 22.34
CA LYS B 13 58.69 -35.26 21.31
C LYS B 13 57.79 -35.07 20.09
N PRO B 14 58.29 -35.38 18.89
CA PRO B 14 57.40 -35.34 17.72
C PRO B 14 56.30 -36.35 17.85
N SER B 15 55.17 -36.05 17.21
CA SER B 15 53.95 -36.86 17.27
C SER B 15 53.36 -36.93 18.67
N GLN B 16 53.73 -36.00 19.54
CA GLN B 16 53.12 -35.80 20.85
C GLN B 16 52.24 -34.56 20.78
N THR B 17 51.52 -34.28 21.87
CA THR B 17 50.62 -33.14 21.92
C THR B 17 51.24 -32.03 22.75
N LEU B 18 51.26 -30.83 22.17
CA LEU B 18 51.78 -29.65 22.83
C LEU B 18 50.65 -28.97 23.60
N SER B 19 50.92 -28.62 24.85
CA SER B 19 49.93 -27.94 25.69
C SER B 19 50.53 -26.67 26.26
N LEU B 20 49.97 -25.53 25.86
CA LEU B 20 50.41 -24.23 26.33
C LEU B 20 49.27 -23.55 27.07
N THR B 21 49.60 -22.85 28.14
CA THR B 21 48.60 -22.16 28.96
C THR B 21 49.05 -20.73 29.19
N CYS B 22 48.14 -19.78 29.01
CA CYS B 22 48.41 -18.37 29.18
C CYS B 22 47.49 -17.84 30.27
N THR B 23 48.04 -17.63 31.47
CA THR B 23 47.24 -17.15 32.59
C THR B 23 47.12 -15.64 32.52
N VAL B 24 45.90 -15.13 32.68
CA VAL B 24 45.60 -13.72 32.51
C VAL B 24 45.29 -13.10 33.87
N SER B 25 45.98 -12.02 34.19
CA SER B 25 45.78 -11.29 35.43
C SER B 25 45.48 -9.83 35.11
N GLY B 26 44.62 -9.21 35.90
CA GLY B 26 44.20 -7.85 35.65
C GLY B 26 42.97 -7.73 34.79
N ASP B 27 42.47 -8.83 34.25
CA ASP B 27 41.26 -8.85 33.44
C ASP B 27 40.64 -10.22 33.52
N SER B 28 39.37 -10.30 33.17
CA SER B 28 38.68 -11.56 33.09
C SER B 28 38.54 -11.96 31.63
N ILE B 29 38.82 -13.23 31.33
CA ILE B 29 38.70 -13.68 29.95
C ILE B 29 37.27 -13.65 29.46
N SER B 30 36.31 -13.53 30.35
CA SER B 30 34.90 -13.43 29.98
C SER B 30 34.47 -12.00 29.70
N ASN B 31 35.40 -11.04 29.73
CA ASN B 31 35.08 -9.63 29.43
C ASN B 31 34.69 -9.56 27.99
N SER B 32 33.61 -8.88 27.67
CA SER B 32 33.06 -8.91 26.33
C SER B 32 33.88 -8.13 25.32
N SER B 33 34.89 -7.40 25.76
CA SER B 33 35.64 -6.53 24.86
C SER B 33 36.90 -7.16 24.30
N TYR B 34 37.19 -8.42 24.57
CA TYR B 34 38.48 -8.99 24.21
C TYR B 34 38.33 -10.32 23.47
N TYR B 35 39.34 -10.62 22.66
CA TYR B 35 39.58 -11.96 22.13
C TYR B 35 41.03 -12.31 22.41
N TRP B 36 41.30 -13.60 22.58
CA TRP B 36 42.59 -14.07 23.06
C TRP B 36 43.22 -14.98 22.02
N SER B 37 44.42 -14.65 21.58
CA SER B 37 44.98 -15.25 20.38
C SER B 37 46.36 -15.84 20.66
N TRP B 38 46.76 -16.75 19.78
CA TRP B 38 48.06 -17.40 19.83
C TRP B 38 48.80 -17.09 18.53
N ILE B 39 50.06 -16.68 18.64
CA ILE B 39 50.90 -16.35 17.49
C ILE B 39 52.26 -16.96 17.73
N ARG B 40 52.83 -17.62 16.72
CA ARG B 40 54.16 -18.18 16.82
C ARG B 40 55.14 -17.46 15.91
N GLN B 41 56.36 -17.29 16.39
CA GLN B 41 57.42 -16.61 15.66
C GLN B 41 58.58 -17.55 15.37
N TYR B 42 58.99 -17.60 14.12
CA TYR B 42 60.08 -18.45 13.67
C TYR B 42 61.40 -17.70 13.71
N PRO B 43 62.52 -18.42 13.65
CA PRO B 43 63.82 -17.73 13.61
C PRO B 43 64.00 -16.80 12.43
N SER B 44 63.26 -17.00 11.34
CA SER B 44 63.32 -16.12 10.18
C SER B 44 62.51 -14.84 10.35
N ARG B 45 62.19 -14.49 11.58
CA ARG B 45 61.36 -13.34 11.96
C ARG B 45 59.92 -13.46 11.47
N ARG B 46 59.53 -14.60 10.94
CA ARG B 46 58.19 -14.74 10.39
C ARG B 46 57.20 -15.00 11.51
N LEU B 47 56.16 -14.18 11.56
CA LEU B 47 55.08 -14.34 12.52
C LEU B 47 53.91 -15.04 11.86
N GLU B 48 53.41 -16.08 12.50
CA GLU B 48 52.26 -16.83 12.00
C GLU B 48 51.16 -16.85 13.05
N TRP B 49 49.96 -16.47 12.64
CA TRP B 49 48.81 -16.52 13.52
C TRP B 49 48.30 -17.94 13.62
N ILE B 50 48.12 -18.42 14.85
CA ILE B 50 47.65 -19.78 15.06
C ILE B 50 46.13 -19.83 15.23
N GLY B 51 45.59 -19.03 16.12
CA GLY B 51 44.15 -18.98 16.31
C GLY B 51 43.77 -18.11 17.48
N TYR B 52 42.53 -17.69 17.56
CA TYR B 52 42.06 -16.91 18.69
C TYR B 52 40.71 -17.44 19.16
N ILE B 53 40.38 -17.10 20.40
CA ILE B 53 39.11 -17.47 21.02
C ILE B 53 38.45 -16.21 21.56
N TYR B 54 37.16 -16.06 21.29
CA TYR B 54 36.40 -14.95 21.83
C TYR B 54 36.13 -15.16 23.30
N TYR B 55 35.76 -14.07 23.97
CA TYR B 55 35.39 -14.13 25.37
C TYR B 55 34.29 -15.14 25.64
N ASN B 56 33.41 -15.36 24.66
CA ASN B 56 32.31 -16.31 24.84
C ASN B 56 32.65 -17.72 24.36
N GLY B 57 33.87 -17.98 23.93
CA GLY B 57 34.27 -19.31 23.56
C GLY B 57 34.22 -19.65 22.09
N ARG B 58 33.99 -18.70 21.21
CA ARG B 58 34.00 -18.97 19.78
C ARG B 58 35.44 -18.96 19.27
N THR B 59 35.86 -20.05 18.63
CA THR B 59 37.24 -20.21 18.21
C THR B 59 37.36 -20.11 16.70
N TYR B 60 38.43 -19.50 16.25
CA TYR B 60 38.80 -19.39 14.84
C TYR B 60 40.25 -19.78 14.70
N TYR B 61 40.55 -20.67 13.76
CA TYR B 61 41.88 -21.24 13.61
C TYR B 61 42.45 -20.94 12.23
N ASN B 62 43.76 -20.93 12.14
CA ASN B 62 44.42 -20.77 10.86
C ASN B 62 44.23 -22.03 10.04
N PRO B 63 43.75 -21.94 8.80
CA PRO B 63 43.57 -23.14 7.98
C PRO B 63 44.84 -23.93 7.75
N SER B 64 46.02 -23.31 7.87
CA SER B 64 47.27 -24.04 7.68
C SER B 64 47.44 -25.15 8.70
N LEU B 65 46.80 -25.04 9.86
CA LEU B 65 46.91 -26.04 10.91
C LEU B 65 45.57 -26.28 11.58
N ASN B 66 44.48 -26.17 10.80
CA ASN B 66 43.14 -26.30 11.34
C ASN B 66 42.86 -27.70 11.88
N SER B 67 43.33 -28.74 11.21
CA SER B 67 43.03 -30.11 11.61
C SER B 67 43.85 -30.60 12.80
N ARG B 68 44.79 -29.80 13.32
CA ARG B 68 45.66 -30.24 14.40
C ARG B 68 45.44 -29.49 15.69
N LEU B 69 44.55 -28.51 15.73
CA LEU B 69 44.59 -27.47 16.73
C LEU B 69 43.26 -27.33 17.45
N SER B 70 43.32 -26.92 18.72
CA SER B 70 42.15 -26.53 19.49
C SER B 70 42.57 -25.51 20.52
N ILE B 71 41.69 -24.55 20.79
CA ILE B 71 41.91 -23.52 21.78
C ILE B 71 40.69 -23.47 22.69
N SER B 72 40.93 -23.42 24.00
CA SER B 72 39.85 -23.37 24.97
C SER B 72 40.20 -22.38 26.06
N LEU B 73 39.19 -21.96 26.80
CA LEU B 73 39.37 -21.04 27.91
C LEU B 73 38.71 -21.61 29.15
N ASP B 74 39.22 -21.21 30.32
CA ASP B 74 38.72 -21.67 31.60
C ASP B 74 38.44 -20.46 32.48
N THR B 75 37.16 -20.20 32.74
CA THR B 75 36.77 -19.00 33.48
C THR B 75 37.12 -19.11 34.96
N SER B 76 37.32 -20.32 35.49
CA SER B 76 37.67 -20.44 36.89
C SER B 76 39.05 -19.85 37.17
N LYS B 77 40.01 -20.10 36.30
CA LYS B 77 41.39 -19.72 36.51
C LYS B 77 41.88 -18.60 35.62
N ASN B 78 41.02 -18.07 34.74
CA ASN B 78 41.37 -17.00 33.82
C ASN B 78 42.62 -17.36 33.01
N HIS B 79 42.49 -18.40 32.22
CA HIS B 79 43.55 -18.71 31.27
C HIS B 79 42.92 -19.38 30.06
N PHE B 80 43.57 -19.22 28.92
CA PHE B 80 43.20 -19.91 27.70
C PHE B 80 44.35 -20.82 27.27
N SER B 81 44.01 -21.91 26.62
CA SER B 81 44.96 -22.99 26.39
C SER B 81 45.04 -23.32 24.91
N LEU B 82 46.18 -23.88 24.52
CA LEU B 82 46.44 -24.32 23.16
C LEU B 82 46.84 -25.78 23.17
N LYS B 83 46.24 -26.57 22.29
CA LYS B 83 46.61 -27.97 22.09
C LYS B 83 46.91 -28.17 20.62
N LEU B 84 48.15 -28.52 20.32
CA LEU B 84 48.62 -28.74 18.96
C LEU B 84 49.14 -30.16 18.88
N SER B 85 48.54 -30.96 18.01
CA SER B 85 48.88 -32.36 17.90
C SER B 85 49.61 -32.60 16.59
N SER B 86 50.06 -33.84 16.41
CA SER B 86 50.82 -34.24 15.22
C SER B 86 52.03 -33.34 15.02
N LEU B 87 52.78 -33.15 16.10
CA LEU B 87 53.90 -32.23 16.08
C LEU B 87 55.02 -32.74 15.16
N THR B 88 55.61 -31.82 14.41
CA THR B 88 56.75 -32.10 13.56
C THR B 88 57.87 -31.15 13.92
N ALA B 89 59.00 -31.29 13.24
CA ALA B 89 60.12 -30.39 13.49
C ALA B 89 59.83 -28.97 13.03
N ALA B 90 58.85 -28.79 12.16
CA ALA B 90 58.49 -27.45 11.68
C ALA B 90 57.72 -26.63 12.69
N ASP B 91 57.24 -27.24 13.78
CA ASP B 91 56.51 -26.51 14.80
C ASP B 91 57.41 -25.85 15.83
N THR B 92 58.73 -25.97 15.69
CA THR B 92 59.64 -25.33 16.63
C THR B 92 59.58 -23.82 16.40
N ALA B 93 59.05 -23.08 17.38
CA ALA B 93 58.88 -21.65 17.22
C ALA B 93 58.74 -21.03 18.61
N LEU B 94 58.51 -19.73 18.63
CA LEU B 94 58.28 -18.95 19.84
C LEU B 94 56.81 -18.57 19.91
N TYR B 95 56.08 -19.14 20.87
CA TYR B 95 54.63 -18.99 20.92
C TYR B 95 54.26 -17.85 21.85
N TYR B 96 53.52 -16.87 21.33
CA TYR B 96 53.03 -15.74 22.09
C TYR B 96 51.53 -15.88 22.31
N CYS B 97 51.06 -15.49 23.49
CA CYS B 97 49.65 -15.27 23.73
C CYS B 97 49.42 -13.77 23.84
N ALA B 98 48.37 -13.29 23.19
CA ALA B 98 48.12 -11.86 23.09
C ALA B 98 46.65 -11.59 23.33
N ARG B 99 46.35 -10.38 23.79
CA ARG B 99 44.99 -9.91 23.98
C ARG B 99 44.62 -8.99 22.84
N GLY B 100 43.55 -9.32 22.12
CA GLY B 100 43.02 -8.47 21.09
C GLY B 100 41.77 -7.76 21.54
N PHE B 101 41.50 -6.61 20.92
CA PHE B 101 40.28 -5.87 21.16
C PHE B 101 39.24 -6.25 20.10
N LEU B 102 38.03 -6.58 20.54
CA LEU B 102 36.95 -6.76 19.59
C LEU B 102 36.41 -5.42 19.10
N GLY B 103 36.03 -5.37 17.84
CA GLY B 103 35.44 -4.19 17.26
C GLY B 103 33.93 -4.21 17.37
N TYR B 104 33.28 -3.64 16.35
CA TYR B 104 31.83 -3.61 16.33
C TYR B 104 31.26 -5.02 16.22
N CYS B 105 30.20 -5.28 16.98
CA CYS B 105 29.54 -6.57 16.97
C CYS B 105 28.05 -6.39 16.73
N ALA B 106 27.46 -7.30 15.95
CA ALA B 106 26.04 -7.24 15.67
C ALA B 106 25.60 -8.60 15.11
N GLY B 107 24.45 -9.06 15.54
CA GLY B 107 23.89 -10.29 15.03
C GLY B 107 24.71 -11.54 15.28
N GLY B 108 25.62 -11.51 16.25
CA GLY B 108 26.44 -12.67 16.55
C GLY B 108 27.75 -12.76 15.78
N SER B 109 28.25 -11.65 15.28
CA SER B 109 29.54 -11.60 14.61
C SER B 109 30.26 -10.34 15.07
N CYS B 110 31.59 -10.36 15.01
CA CYS B 110 32.39 -9.23 15.43
C CYS B 110 33.50 -8.94 14.45
N PHE B 111 33.79 -7.65 14.25
CA PHE B 111 35.01 -7.23 13.61
C PHE B 111 36.15 -7.18 14.64
N LEU B 112 37.37 -7.37 14.15
CA LEU B 112 38.55 -7.36 15.00
C LEU B 112 39.19 -5.98 15.12
N ASN B 113 39.85 -5.75 16.25
CA ASN B 113 40.82 -4.69 16.42
C ASN B 113 42.19 -5.28 16.73
N TRP B 114 43.14 -4.40 17.04
CA TRP B 114 44.55 -4.74 17.20
C TRP B 114 44.79 -5.65 18.41
N LEU B 115 45.97 -6.27 18.41
CA LEU B 115 46.47 -7.04 19.54
C LEU B 115 47.29 -6.13 20.45
N ASP B 116 46.89 -6.05 21.70
CA ASP B 116 47.74 -5.36 22.68
C ASP B 116 47.31 -5.77 24.07
N PRO B 117 48.19 -6.34 24.90
CA PRO B 117 49.60 -6.65 24.72
C PRO B 117 49.87 -8.10 24.33
N TRP B 118 51.13 -8.41 24.09
CA TRP B 118 51.60 -9.76 23.85
C TRP B 118 52.19 -10.34 25.13
N GLY B 119 52.05 -11.65 25.30
CA GLY B 119 52.70 -12.30 26.40
C GLY B 119 54.20 -12.36 26.20
N GLN B 120 54.90 -12.83 27.22
CA GLN B 120 56.36 -12.88 27.17
C GLN B 120 56.85 -13.83 26.09
N GLY B 121 56.07 -14.85 25.75
CA GLY B 121 56.46 -15.80 24.74
C GLY B 121 57.25 -16.97 25.28
N THR B 122 56.81 -18.18 24.96
CA THR B 122 57.47 -19.40 25.40
C THR B 122 58.05 -20.12 24.20
N LEU B 123 59.24 -20.66 24.35
CA LEU B 123 59.94 -21.33 23.25
C LEU B 123 59.68 -22.82 23.34
N VAL B 124 59.19 -23.40 22.26
CA VAL B 124 58.85 -24.81 22.19
C VAL B 124 59.73 -25.47 21.15
N THR B 125 60.39 -26.56 21.54
CA THR B 125 61.26 -27.33 20.67
C THR B 125 60.65 -28.71 20.46
N VAL B 126 60.52 -29.12 19.21
CA VAL B 126 59.97 -30.42 18.87
C VAL B 126 61.11 -31.29 18.38
N SER B 127 61.60 -32.18 19.25
CA SER B 127 62.67 -33.09 18.90
C SER B 127 62.57 -34.30 19.82
N SER B 128 63.24 -35.38 19.40
CA SER B 128 63.23 -36.62 20.17
C SER B 128 64.00 -36.46 21.48
N GLN C 1 9.97 -38.16 43.57
CA GLN C 1 10.41 -36.89 43.02
C GLN C 1 11.93 -36.85 42.88
N VAL C 2 12.44 -35.68 42.50
CA VAL C 2 13.86 -35.50 42.29
C VAL C 2 14.56 -35.38 43.65
N GLN C 3 15.82 -35.82 43.67
CA GLN C 3 16.67 -35.69 44.84
C GLN C 3 18.03 -35.18 44.38
N LEU C 4 18.59 -34.24 45.15
CA LEU C 4 19.88 -33.65 44.85
C LEU C 4 20.84 -33.91 45.99
N GLN C 5 22.06 -34.31 45.67
CA GLN C 5 23.05 -34.66 46.69
C GLN C 5 24.38 -34.02 46.36
N GLU C 6 24.85 -33.11 47.23
CA GLU C 6 26.14 -32.46 47.04
C GLU C 6 27.28 -33.37 47.47
N SER C 7 28.46 -33.08 46.92
CA SER C 7 29.67 -33.80 47.27
C SER C 7 30.86 -32.90 46.98
N GLY C 8 31.86 -32.95 47.85
CA GLY C 8 33.05 -32.12 47.69
C GLY C 8 33.93 -32.14 48.91
N PRO C 9 35.09 -31.48 48.83
CA PRO C 9 36.01 -31.48 49.96
C PRO C 9 35.56 -30.46 51.00
N GLY C 10 35.41 -30.93 52.24
CA GLY C 10 34.98 -30.05 53.30
C GLY C 10 36.04 -29.07 53.77
N LEU C 11 37.30 -29.37 53.52
CA LEU C 11 38.39 -28.50 53.93
C LEU C 11 39.32 -28.29 52.75
N VAL C 12 39.42 -27.05 52.29
CA VAL C 12 40.25 -26.70 51.15
C VAL C 12 41.18 -25.56 51.58
N LYS C 13 42.44 -25.66 51.19
CA LYS C 13 43.40 -24.61 51.53
C LYS C 13 43.03 -23.33 50.76
N PRO C 14 43.38 -22.17 51.31
CA PRO C 14 43.18 -20.93 50.56
C PRO C 14 44.05 -20.93 49.31
N SER C 15 43.58 -20.21 48.30
CA SER C 15 44.22 -20.13 46.99
C SER C 15 44.26 -21.47 46.28
N GLN C 16 43.41 -22.41 46.69
CA GLN C 16 43.18 -23.66 45.99
C GLN C 16 41.83 -23.59 45.29
N THR C 17 41.50 -24.61 44.52
CA THR C 17 40.26 -24.64 43.76
C THR C 17 39.25 -25.56 44.44
N LEU C 18 38.05 -25.04 44.67
CA LEU C 18 36.96 -25.79 45.27
C LEU C 18 36.17 -26.49 44.18
N SER C 19 35.89 -27.78 44.38
CA SER C 19 35.13 -28.55 43.40
C SER C 19 33.96 -29.22 44.12
N LEU C 20 32.74 -28.83 43.75
CA LEU C 20 31.52 -29.38 44.31
C LEU C 20 30.73 -30.06 43.20
N THR C 21 30.10 -31.19 43.52
CA THR C 21 29.32 -31.95 42.56
C THR C 21 27.97 -32.27 43.16
N CYS C 22 26.91 -32.06 42.40
CA CYS C 22 25.54 -32.30 42.83
C CYS C 22 24.93 -33.35 41.90
N THR C 23 24.84 -34.59 42.36
CA THR C 23 24.29 -35.66 41.54
C THR C 23 22.77 -35.64 41.61
N VAL C 24 22.12 -35.73 40.47
CA VAL C 24 20.68 -35.59 40.36
C VAL C 24 20.07 -36.94 40.01
N SER C 25 19.09 -37.37 40.81
CA SER C 25 18.38 -38.62 40.59
C SER C 25 16.89 -38.34 40.51
N GLY C 26 16.19 -39.07 39.67
CA GLY C 26 14.78 -38.85 39.45
C GLY C 26 14.46 -37.90 38.34
N ASP C 27 15.47 -37.27 37.74
CA ASP C 27 15.30 -36.36 36.62
C ASP C 27 16.59 -36.33 35.82
N SER C 28 16.48 -35.87 34.59
CA SER C 28 17.64 -35.68 33.74
C SER C 28 17.97 -34.20 33.69
N ILE C 29 19.26 -33.87 33.83
CA ILE C 29 19.64 -32.47 33.79
C ILE C 29 19.42 -31.86 32.42
N SER C 30 19.20 -32.68 31.39
CA SER C 30 18.90 -32.19 30.06
C SER C 30 17.41 -31.93 29.84
N ASN C 31 16.57 -32.02 30.86
CA ASN C 31 15.13 -31.80 30.72
C ASN C 31 14.95 -30.36 30.52
N SER C 32 14.15 -29.99 29.56
CA SER C 32 14.07 -28.59 29.14
C SER C 32 13.37 -27.69 30.14
N SER C 33 12.79 -28.24 31.19
CA SER C 33 12.00 -27.45 32.11
C SER C 33 12.77 -26.95 33.33
N TYR C 34 14.07 -27.21 33.44
CA TYR C 34 14.79 -26.92 34.66
C TYR C 34 16.06 -26.12 34.41
N TYR C 35 16.48 -25.39 35.45
CA TYR C 35 17.81 -24.82 35.56
C TYR C 35 18.36 -25.22 36.92
N TRP C 36 19.68 -25.34 37.01
CA TRP C 36 20.33 -25.92 38.17
C TRP C 36 21.29 -24.90 38.77
N SER C 37 21.10 -24.57 40.04
CA SER C 37 21.72 -23.40 40.63
C SER C 37 22.50 -23.76 41.88
N TRP C 38 23.43 -22.88 42.24
CA TRP C 38 24.24 -23.01 43.45
C TRP C 38 24.00 -21.80 44.33
N ILE C 39 23.76 -22.02 45.61
CA ILE C 39 23.52 -20.97 46.59
C ILE C 39 24.30 -21.30 47.84
N ARG C 40 24.99 -20.30 48.40
CA ARG C 40 25.74 -20.49 49.64
C ARG C 40 25.12 -19.70 50.78
N GLN C 41 25.12 -20.29 51.97
CA GLN C 41 24.56 -19.69 53.16
C GLN C 41 25.64 -19.45 54.20
N TYR C 42 25.71 -18.24 54.71
CA TYR C 42 26.67 -17.84 55.72
C TYR C 42 26.12 -18.03 57.11
N PRO C 43 26.97 -18.03 58.14
CA PRO C 43 26.46 -18.13 59.52
C PRO C 43 25.52 -17.01 59.92
N SER C 44 25.58 -15.85 59.26
CA SER C 44 24.68 -14.74 59.53
C SER C 44 23.33 -14.89 58.88
N ARG C 45 22.96 -16.11 58.49
CA ARG C 45 21.74 -16.47 57.79
C ARG C 45 21.65 -15.85 56.41
N ARG C 46 22.70 -15.24 55.92
CA ARG C 46 22.65 -14.58 54.64
C ARG C 46 22.81 -15.60 53.52
N LEU C 47 21.87 -15.60 52.59
CA LEU C 47 21.91 -16.46 51.42
C LEU C 47 22.43 -15.67 50.23
N GLU C 48 23.42 -16.22 49.53
CA GLU C 48 23.99 -15.60 48.36
C GLU C 48 23.90 -16.54 47.18
N TRP C 49 23.35 -16.05 46.08
CA TRP C 49 23.27 -16.84 44.86
C TRP C 49 24.61 -16.83 44.16
N ILE C 50 25.10 -18.01 43.81
CA ILE C 50 26.40 -18.14 43.15
C ILE C 50 26.26 -18.16 41.64
N GLY C 51 25.42 -19.04 41.11
CA GLY C 51 25.19 -19.12 39.69
C GLY C 51 24.32 -20.29 39.32
N TYR C 52 23.74 -20.28 38.13
CA TYR C 52 22.94 -21.40 37.67
C TYR C 52 23.29 -21.74 36.23
N ILE C 53 22.94 -22.96 35.84
CA ILE C 53 23.18 -23.44 34.49
C ILE C 53 21.87 -23.99 33.95
N TYR C 54 21.53 -23.62 32.73
CA TYR C 54 20.36 -24.13 32.06
C TYR C 54 20.57 -25.57 31.64
N TYR C 55 19.46 -26.25 31.35
CA TYR C 55 19.52 -27.62 30.85
C TYR C 55 20.38 -27.73 29.61
N ASN C 56 20.46 -26.68 28.80
CA ASN C 56 21.25 -26.73 27.58
C ASN C 56 22.68 -26.22 27.77
N GLY C 57 23.08 -25.89 28.99
CA GLY C 57 24.44 -25.49 29.24
C GLY C 57 24.74 -24.02 29.28
N ARG C 58 23.73 -23.16 29.25
CA ARG C 58 23.95 -21.71 29.36
C ARG C 58 24.12 -21.33 30.81
N THR C 59 25.22 -20.69 31.15
CA THR C 59 25.56 -20.38 32.54
C THR C 59 25.44 -18.88 32.80
N TYR C 60 24.94 -18.55 33.98
CA TYR C 60 24.85 -17.19 34.47
C TYR C 60 25.42 -17.16 35.88
N TYR C 61 26.30 -16.20 36.15
CA TYR C 61 27.05 -16.14 37.39
C TYR C 61 26.77 -14.83 38.12
N ASN C 62 26.93 -14.85 39.42
CA ASN C 62 26.82 -13.64 40.21
C ASN C 62 28.02 -12.74 39.93
N PRO C 63 27.83 -11.48 39.58
CA PRO C 63 28.98 -10.59 39.33
C PRO C 63 29.91 -10.43 40.50
N SER C 64 29.46 -10.69 41.73
CA SER C 64 30.34 -10.56 42.88
C SER C 64 31.50 -11.55 42.83
N LEU C 65 31.35 -12.66 42.11
CA LEU C 65 32.38 -13.68 41.99
C LEU C 65 32.45 -14.21 40.57
N ASN C 66 32.19 -13.35 39.58
CA ASN C 66 32.15 -13.78 38.19
C ASN C 66 33.52 -14.23 37.68
N SER C 67 34.59 -13.56 38.08
CA SER C 67 35.91 -13.87 37.57
C SER C 67 36.56 -15.10 38.21
N ARG C 68 35.91 -15.73 39.19
CA ARG C 68 36.48 -16.86 39.91
C ARG C 68 35.75 -18.16 39.67
N LEU C 69 34.67 -18.16 38.91
CA LEU C 69 33.67 -19.22 39.00
C LEU C 69 33.37 -19.81 37.63
N SER C 70 33.02 -21.11 37.64
CA SER C 70 32.51 -21.78 36.46
C SER C 70 31.58 -22.89 36.92
N ILE C 71 30.54 -23.13 36.14
CA ILE C 71 29.55 -24.18 36.41
C ILE C 71 29.38 -24.98 35.13
N SER C 72 29.40 -26.31 35.26
CA SER C 72 29.24 -27.18 34.11
C SER C 72 28.34 -28.35 34.48
N LEU C 73 27.81 -29.02 33.48
CA LEU C 73 26.96 -30.18 33.67
C LEU C 73 27.48 -31.34 32.83
N ASP C 74 27.19 -32.56 33.29
CA ASP C 74 27.62 -33.77 32.62
C ASP C 74 26.42 -34.67 32.43
N THR C 75 25.99 -34.82 31.17
CA THR C 75 24.78 -35.59 30.88
C THR C 75 24.98 -37.09 31.08
N SER C 76 26.22 -37.58 31.07
CA SER C 76 26.43 -39.00 31.28
C SER C 76 26.03 -39.42 32.69
N LYS C 77 26.38 -38.61 33.68
CA LYS C 77 26.20 -38.97 35.08
C LYS C 77 25.12 -38.16 35.78
N ASN C 78 24.46 -37.25 35.07
CA ASN C 78 23.41 -36.40 35.65
C ASN C 78 23.90 -35.69 36.90
N HIS C 79 24.90 -34.84 36.71
CA HIS C 79 25.32 -33.97 37.79
C HIS C 79 25.85 -32.68 37.20
N PHE C 80 25.76 -31.61 37.98
CA PHE C 80 26.35 -30.33 37.61
C PHE C 80 27.37 -29.97 38.67
N SER C 81 28.41 -29.24 38.26
CA SER C 81 29.58 -29.05 39.09
C SER C 81 29.87 -27.56 39.26
N LEU C 82 30.57 -27.25 40.33
CA LEU C 82 31.00 -25.90 40.66
C LEU C 82 32.50 -25.88 40.86
N LYS C 83 33.17 -24.92 40.24
CA LYS C 83 34.59 -24.69 40.46
C LYS C 83 34.79 -23.24 40.86
N LEU C 84 35.29 -23.03 42.06
CA LEU C 84 35.52 -21.71 42.61
C LEU C 84 37.00 -21.62 42.95
N SER C 85 37.69 -20.68 42.33
CA SER C 85 39.13 -20.53 42.50
C SER C 85 39.42 -19.26 43.31
N SER C 86 40.70 -19.07 43.61
CA SER C 86 41.16 -17.94 44.41
C SER C 86 40.41 -17.89 45.74
N LEU C 87 40.36 -19.03 46.41
CA LEU C 87 39.59 -19.14 47.65
C LEU C 87 40.22 -18.30 48.75
N THR C 88 39.37 -17.64 49.53
CA THR C 88 39.77 -16.87 50.68
C THR C 88 38.98 -17.36 51.89
N ALA C 89 39.25 -16.78 53.05
CA ALA C 89 38.51 -17.16 54.25
C ALA C 89 37.04 -16.74 54.18
N ALA C 90 36.71 -15.79 53.31
CA ALA C 90 35.33 -15.34 53.18
C ALA C 90 34.44 -16.32 52.42
N ASP C 91 35.02 -17.34 51.78
CA ASP C 91 34.23 -18.32 51.06
C ASP C 91 33.73 -19.46 51.94
N THR C 92 34.01 -19.42 53.24
CA THR C 92 33.53 -20.46 54.15
C THR C 92 32.02 -20.29 54.30
N ALA C 93 31.25 -21.25 53.79
CA ALA C 93 29.80 -21.15 53.82
C ALA C 93 29.21 -22.54 53.63
N LEU C 94 27.89 -22.59 53.57
CA LEU C 94 27.13 -23.82 53.34
C LEU C 94 26.55 -23.78 51.93
N TYR C 95 27.05 -24.64 51.05
CA TYR C 95 26.72 -24.59 49.64
C TYR C 95 25.57 -25.53 49.33
N TYR C 96 24.50 -24.99 48.77
CA TYR C 96 23.33 -25.75 48.36
C TYR C 96 23.26 -25.83 46.85
N CYS C 97 22.86 -26.99 46.34
CA CYS C 97 22.47 -27.13 44.94
C CYS C 97 20.96 -27.29 44.89
N ALA C 98 20.31 -26.56 43.97
CA ALA C 98 18.87 -26.50 43.92
C ALA C 98 18.41 -26.63 42.48
N ARG C 99 17.19 -27.11 42.30
CA ARG C 99 16.55 -27.21 41.00
C ARG C 99 15.56 -26.08 40.85
N GLY C 100 15.73 -25.26 39.82
CA GLY C 100 14.77 -24.22 39.50
C GLY C 100 13.91 -24.61 38.31
N PHE C 101 12.74 -24.02 38.25
CA PHE C 101 11.84 -24.17 37.12
C PHE C 101 12.06 -23.03 36.14
N LEU C 102 12.22 -23.34 34.87
CA LEU C 102 12.24 -22.30 33.85
C LEU C 102 10.83 -21.83 33.55
N GLY C 103 10.69 -20.54 33.28
CA GLY C 103 9.43 -19.96 32.89
C GLY C 103 9.24 -19.94 31.39
N TYR C 104 8.56 -18.91 30.92
CA TYR C 104 8.33 -18.76 29.48
C TYR C 104 9.65 -18.54 28.76
N CYS C 105 9.80 -19.20 27.60
CA CYS C 105 10.99 -19.08 26.78
C CYS C 105 10.61 -18.72 25.36
N ALA C 106 11.41 -17.86 24.74
CA ALA C 106 11.16 -17.46 23.36
C ALA C 106 12.42 -16.81 22.82
N GLY C 107 12.74 -17.13 21.57
CA GLY C 107 13.88 -16.50 20.91
C GLY C 107 15.23 -16.78 21.52
N GLY C 108 15.35 -17.82 22.34
CA GLY C 108 16.61 -18.13 22.98
C GLY C 108 16.85 -17.48 24.33
N SER C 109 15.79 -17.07 25.02
CA SER C 109 15.90 -16.51 26.36
C SER C 109 14.76 -17.09 27.20
N CYS C 110 14.95 -17.13 28.50
CA CYS C 110 13.94 -17.67 29.40
C CYS C 110 13.77 -16.79 30.63
N PHE C 111 12.53 -16.68 31.08
CA PHE C 111 12.25 -16.17 32.41
C PHE C 111 12.40 -17.28 33.45
N LEU C 112 12.72 -16.89 34.68
CA LEU C 112 12.90 -17.83 35.77
C LEU C 112 11.62 -18.07 36.56
N ASN C 113 11.51 -19.26 37.14
CA ASN C 113 10.59 -19.56 38.22
C ASN C 113 11.37 -19.96 39.48
N TRP C 114 10.63 -20.38 40.50
CA TRP C 114 11.16 -20.64 41.83
C TRP C 114 12.13 -21.83 41.85
N LEU C 115 12.90 -21.90 42.94
CA LEU C 115 13.77 -23.03 43.23
C LEU C 115 13.02 -24.05 44.06
N ASP C 116 12.91 -25.27 43.58
CA ASP C 116 12.37 -26.33 44.41
C ASP C 116 12.77 -27.67 43.81
N PRO C 117 13.47 -28.55 44.54
CA PRO C 117 13.96 -28.47 45.92
C PRO C 117 15.41 -28.05 46.02
N TRP C 118 15.88 -27.90 47.25
CA TRP C 118 17.27 -27.64 47.56
C TRP C 118 17.97 -28.94 47.95
N GLY C 119 19.25 -29.04 47.63
CA GLY C 119 20.01 -30.16 48.10
C GLY C 119 20.25 -30.09 49.58
N GLN C 120 20.85 -31.15 50.13
CA GLN C 120 21.10 -31.20 51.57
C GLN C 120 22.08 -30.13 52.03
N GLY C 121 22.97 -29.70 51.16
CA GLY C 121 23.93 -28.67 51.50
C GLY C 121 25.20 -29.23 52.09
N THR C 122 26.33 -28.82 51.54
CA THR C 122 27.64 -29.27 51.98
C THR C 122 28.39 -28.08 52.57
N LEU C 123 29.09 -28.31 53.67
CA LEU C 123 29.80 -27.25 54.36
C LEU C 123 31.26 -27.25 53.91
N VAL C 124 31.74 -26.11 53.46
CA VAL C 124 33.08 -25.96 52.94
C VAL C 124 33.83 -24.96 53.81
N THR C 125 35.00 -25.36 54.30
CA THR C 125 35.85 -24.53 55.13
C THR C 125 37.13 -24.22 54.37
N VAL C 126 37.48 -22.94 54.30
CA VAL C 126 38.69 -22.50 53.62
C VAL C 126 39.68 -22.07 54.69
N SER C 127 40.65 -22.94 54.96
CA SER C 127 41.69 -22.65 55.95
C SER C 127 42.90 -23.49 55.61
N SER C 128 44.05 -23.09 56.16
CA SER C 128 45.29 -23.81 55.93
C SER C 128 45.29 -25.17 56.60
N GLU D 1 44.00 -15.69 1.95
CA GLU D 1 44.49 -14.75 2.95
C GLU D 1 45.10 -13.52 2.29
N ILE D 2 45.09 -12.40 3.01
CA ILE D 2 45.70 -11.15 2.56
C ILE D 2 47.19 -11.21 2.86
N ILE D 3 48.00 -11.49 1.84
CA ILE D 3 49.45 -11.50 2.00
C ILE D 3 49.96 -10.08 2.13
N MET D 4 50.75 -9.83 3.17
CA MET D 4 51.27 -8.49 3.48
C MET D 4 52.76 -8.49 3.19
N THR D 5 53.20 -7.62 2.31
CA THR D 5 54.60 -7.53 1.90
C THR D 5 55.22 -6.24 2.41
N GLN D 6 56.31 -6.36 3.15
CA GLN D 6 57.09 -5.20 3.59
C GLN D 6 58.30 -5.04 2.68
N SER D 7 58.39 -3.88 2.01
CA SER D 7 59.30 -3.76 0.88
C SER D 7 60.77 -3.81 1.30
N PRO D 8 61.28 -2.97 2.20
CA PRO D 8 62.69 -3.10 2.59
C PRO D 8 62.85 -4.12 3.70
N ALA D 9 63.49 -5.25 3.38
CA ALA D 9 63.72 -6.27 4.39
C ALA D 9 64.69 -5.79 5.45
N THR D 10 65.64 -4.94 5.07
CA THR D 10 66.56 -4.33 6.00
C THR D 10 66.73 -2.86 5.62
N LEU D 11 67.01 -2.03 6.61
CA LEU D 11 67.08 -0.59 6.39
C LEU D 11 68.17 -0.04 7.29
N SER D 12 69.17 0.61 6.70
CA SER D 12 70.28 1.19 7.44
C SER D 12 70.12 2.70 7.48
N VAL D 13 69.96 3.25 8.68
CA VAL D 13 69.72 4.67 8.86
C VAL D 13 70.75 5.25 9.81
N SER D 14 71.32 6.38 9.45
CA SER D 14 72.22 7.10 10.35
C SER D 14 71.45 7.61 11.55
N PRO D 15 72.08 7.69 12.72
CA PRO D 15 71.40 8.21 13.90
C PRO D 15 70.92 9.63 13.68
N GLY D 16 69.72 9.92 14.16
CA GLY D 16 69.16 11.23 13.96
C GLY D 16 68.59 11.46 12.58
N GLY D 17 68.55 10.44 11.75
CA GLY D 17 68.05 10.57 10.40
C GLY D 17 66.57 10.28 10.31
N ARG D 18 66.14 9.89 9.12
CA ARG D 18 64.75 9.56 8.86
C ARG D 18 64.69 8.16 8.28
N ALA D 19 63.78 7.34 8.82
CA ALA D 19 63.56 5.98 8.33
C ALA D 19 62.16 5.90 7.74
N THR D 20 62.05 5.33 6.55
CA THR D 20 60.78 5.13 5.89
C THR D 20 60.57 3.65 5.66
N LEU D 21 59.45 3.13 6.15
CA LEU D 21 59.12 1.72 6.05
C LEU D 21 57.80 1.59 5.31
N SER D 22 57.72 0.62 4.40
CA SER D 22 56.54 0.43 3.57
C SER D 22 55.98 -0.96 3.77
N CYS D 23 54.66 -1.05 3.75
CA CYS D 23 53.92 -2.31 3.87
C CYS D 23 52.86 -2.32 2.78
N ARG D 24 52.77 -3.42 2.04
CA ARG D 24 51.84 -3.55 0.93
C ARG D 24 50.94 -4.75 1.18
N ALA D 25 49.63 -4.56 1.02
CA ALA D 25 48.67 -5.63 1.19
C ALA D 25 48.31 -6.25 -0.15
N SER D 26 47.83 -7.49 -0.09
CA SER D 26 47.39 -8.16 -1.32
C SER D 26 46.07 -7.59 -1.81
N GLN D 27 45.20 -7.21 -0.88
CA GLN D 27 43.93 -6.57 -1.21
C GLN D 27 43.63 -5.55 -0.12
N SER D 28 42.64 -4.71 -0.38
CA SER D 28 42.32 -3.60 0.51
C SER D 28 42.08 -4.05 1.94
N VAL D 29 42.90 -3.56 2.85
CA VAL D 29 42.74 -3.79 4.28
C VAL D 29 42.17 -2.54 4.93
N SER D 30 41.80 -1.54 4.13
CA SER D 30 41.24 -0.28 4.60
C SER D 30 42.17 0.40 5.60
N ASN D 31 41.64 0.92 6.69
CA ASN D 31 42.43 1.56 7.73
C ASN D 31 42.86 0.57 8.78
N ASN D 32 42.47 -0.68 8.62
CA ASN D 32 42.73 -1.75 9.58
C ASN D 32 44.17 -2.27 9.48
N LEU D 33 45.11 -1.44 9.91
CA LEU D 33 46.52 -1.80 9.94
C LEU D 33 47.03 -1.55 11.36
N ALA D 34 48.10 -2.22 11.76
CA ALA D 34 48.84 -1.84 12.94
C ALA D 34 50.33 -2.07 12.73
N TRP D 35 51.16 -1.30 13.42
CA TRP D 35 52.61 -1.42 13.34
C TRP D 35 53.14 -1.79 14.71
N TYR D 36 53.92 -2.86 14.77
CA TYR D 36 54.47 -3.39 16.02
C TYR D 36 55.98 -3.28 15.99
N GLN D 37 56.56 -2.86 17.10
CA GLN D 37 58.00 -2.79 17.25
C GLN D 37 58.48 -3.92 18.15
N GLN D 38 59.45 -4.69 17.68
CA GLN D 38 60.05 -5.76 18.46
C GLN D 38 61.54 -5.52 18.62
N LYS D 39 61.93 -5.01 19.78
CA LYS D 39 63.34 -4.90 20.10
C LYS D 39 63.93 -6.29 20.29
N PRO D 40 65.25 -6.45 20.15
CA PRO D 40 65.83 -7.80 20.11
C PRO D 40 65.50 -8.66 21.32
N GLY D 41 64.74 -9.74 21.10
CA GLY D 41 64.40 -10.66 22.16
C GLY D 41 63.26 -10.26 23.07
N GLN D 42 62.53 -9.20 22.74
CA GLN D 42 61.46 -8.70 23.57
C GLN D 42 60.11 -8.84 22.86
N THR D 43 59.04 -8.58 23.62
CA THR D 43 57.70 -8.66 23.08
C THR D 43 57.44 -7.52 22.10
N PRO D 44 56.63 -7.75 21.08
CA PRO D 44 56.24 -6.66 20.18
C PRO D 44 55.43 -5.60 20.90
N ARG D 45 55.76 -4.35 20.60
CA ARG D 45 55.11 -3.18 21.18
C ARG D 45 54.31 -2.48 20.10
N LEU D 46 53.03 -2.23 20.38
CA LEU D 46 52.17 -1.57 19.41
C LEU D 46 52.57 -0.11 19.24
N LEU D 47 52.95 0.28 18.02
CA LEU D 47 53.28 1.66 17.72
C LEU D 47 52.07 2.43 17.20
N ILE D 48 51.43 1.91 16.16
CA ILE D 48 50.37 2.59 15.45
C ILE D 48 49.20 1.63 15.34
N HIS D 49 47.99 2.14 15.53
CA HIS D 49 46.81 1.36 15.24
C HIS D 49 45.86 2.21 14.41
N GLY D 50 44.84 1.57 13.87
CA GLY D 50 44.20 2.18 12.73
C GLY D 50 45.22 2.36 11.63
N ALA D 51 44.87 3.21 10.67
CA ALA D 51 45.86 3.55 9.66
C ALA D 51 47.02 4.32 10.27
N SER D 52 46.71 5.28 11.14
CA SER D 52 47.69 6.28 11.53
C SER D 52 47.52 6.78 12.96
N THR D 53 46.57 6.25 13.73
CA THR D 53 46.34 6.71 15.09
C THR D 53 47.46 6.18 15.98
N ARG D 54 48.32 7.07 16.45
CA ARG D 54 49.44 6.66 17.26
C ARG D 54 48.96 6.19 18.63
N ALA D 55 49.54 5.10 19.12
CA ALA D 55 49.14 4.54 20.40
C ALA D 55 49.63 5.43 21.55
N THR D 56 48.99 5.27 22.70
CA THR D 56 49.32 6.06 23.88
C THR D 56 50.73 5.73 24.38
N GLY D 57 51.52 6.76 24.62
CA GLY D 57 52.87 6.59 25.10
C GLY D 57 53.92 6.40 24.03
N ILE D 58 53.54 6.50 22.76
CA ILE D 58 54.44 6.35 21.63
C ILE D 58 54.96 7.73 21.26
N PRO D 59 56.27 7.92 21.11
CA PRO D 59 56.80 9.24 20.75
C PRO D 59 56.16 9.75 19.47
N ALA D 60 55.98 11.07 19.40
CA ALA D 60 55.41 11.70 18.21
C ALA D 60 56.29 11.54 16.98
N ARG D 61 57.53 11.09 17.14
CA ARG D 61 58.38 10.85 15.97
C ARG D 61 57.92 9.67 15.13
N PHE D 62 57.16 8.72 15.70
CA PHE D 62 56.62 7.62 14.92
C PHE D 62 55.35 8.07 14.22
N SER D 63 55.32 7.96 12.90
CA SER D 63 54.17 8.38 12.13
C SER D 63 53.84 7.34 11.08
N GLY D 64 52.58 6.94 11.01
CA GLY D 64 52.11 5.96 10.05
C GLY D 64 51.17 6.63 9.08
N SER D 65 51.17 6.16 7.84
CA SER D 65 50.33 6.75 6.81
C SER D 65 49.90 5.67 5.83
N GLY D 66 48.80 5.95 5.13
CA GLY D 66 48.33 5.09 4.07
C GLY D 66 46.87 4.73 4.25
N SER D 67 46.32 4.13 3.20
CA SER D 67 45.03 3.48 3.30
C SER D 67 44.89 2.50 2.15
N GLY D 68 44.02 1.51 2.35
CA GLY D 68 43.73 0.55 1.31
C GLY D 68 44.79 -0.51 1.11
N THR D 69 45.79 -0.23 0.30
CA THR D 69 46.81 -1.21 -0.05
C THR D 69 48.21 -0.76 0.32
N GLU D 70 48.58 0.49 0.06
CA GLU D 70 49.90 0.99 0.39
C GLU D 70 49.87 1.70 1.73
N PHE D 71 50.79 1.32 2.62
CA PHE D 71 50.94 1.90 3.95
C PHE D 71 52.40 2.23 4.18
N THR D 72 52.65 3.26 4.98
CA THR D 72 54.00 3.70 5.25
C THR D 72 54.16 4.11 6.70
N LEU D 73 55.13 3.51 7.39
CA LEU D 73 55.54 3.94 8.72
C LEU D 73 56.82 4.74 8.57
N THR D 74 56.88 5.89 9.24
CA THR D 74 58.05 6.75 9.17
C THR D 74 58.52 7.09 10.58
N ILE D 75 59.83 7.04 10.79
CA ILE D 75 60.44 7.43 12.06
C ILE D 75 61.18 8.74 11.84
N SER D 76 60.78 9.78 12.55
CA SER D 76 61.24 11.12 12.22
C SER D 76 62.61 11.45 12.81
N SER D 77 62.98 10.83 13.93
CA SER D 77 64.27 11.13 14.57
C SER D 77 64.79 9.84 15.18
N LEU D 78 65.67 9.16 14.45
CA LEU D 78 66.15 7.85 14.87
C LEU D 78 67.06 7.99 16.08
N GLN D 79 66.53 7.67 17.26
CA GLN D 79 67.35 7.60 18.45
C GLN D 79 68.09 6.28 18.45
N SER D 80 68.93 6.05 19.46
CA SER D 80 69.68 4.80 19.50
C SER D 80 68.81 3.60 19.81
N GLU D 81 67.68 3.80 20.50
CA GLU D 81 66.84 2.68 20.90
C GLU D 81 65.81 2.30 19.86
N ASP D 82 65.73 2.99 18.73
CA ASP D 82 64.73 2.64 17.72
C ASP D 82 65.18 1.49 16.83
N PHE D 83 66.40 1.00 17.00
CA PHE D 83 66.86 -0.21 16.34
C PHE D 83 66.02 -1.40 16.76
N ALA D 84 65.22 -1.94 15.84
CA ALA D 84 64.31 -3.03 16.16
C ALA D 84 63.81 -3.63 14.85
N VAL D 85 62.91 -4.59 14.97
CA VAL D 85 62.19 -5.17 13.85
C VAL D 85 60.76 -4.67 13.90
N TYR D 86 60.29 -4.08 12.80
CA TYR D 86 58.97 -3.48 12.73
C TYR D 86 58.07 -4.34 11.85
N TYR D 87 56.94 -4.77 12.39
CA TYR D 87 55.99 -5.61 11.68
C TYR D 87 54.73 -4.82 11.42
N CYS D 88 54.24 -4.85 10.18
CA CYS D 88 52.87 -4.44 9.95
C CYS D 88 51.94 -5.63 10.15
N HIS D 89 50.69 -5.33 10.43
CA HIS D 89 49.73 -6.35 10.79
C HIS D 89 48.37 -5.85 10.37
N GLN D 90 47.56 -6.72 9.77
CA GLN D 90 46.24 -6.33 9.33
C GLN D 90 45.20 -7.12 10.10
N TYR D 91 44.18 -6.44 10.58
CA TYR D 91 43.06 -7.07 11.25
C TYR D 91 41.77 -6.79 10.48
N HIS D 92 41.89 -6.54 9.18
CA HIS D 92 40.71 -6.34 8.35
C HIS D 92 39.92 -7.63 8.23
N ASN D 93 40.54 -8.64 7.65
CA ASN D 93 39.93 -9.95 7.56
C ASN D 93 40.09 -10.67 8.88
N TRP D 94 39.13 -11.55 9.20
CA TRP D 94 39.48 -12.62 10.11
C TRP D 94 40.67 -13.37 9.53
N LEU D 95 41.33 -14.17 10.34
CA LEU D 95 42.62 -14.73 9.94
C LEU D 95 43.61 -13.58 9.74
N LEU D 96 43.90 -12.94 10.86
CA LEU D 96 44.86 -11.85 10.88
C LEU D 96 46.26 -12.33 10.51
N THR D 97 46.99 -11.52 9.76
CA THR D 97 48.29 -11.86 9.22
C THR D 97 49.28 -10.74 9.47
N PHE D 98 50.57 -11.09 9.46
CA PHE D 98 51.66 -10.18 9.76
C PHE D 98 52.61 -10.09 8.57
N GLY D 99 53.30 -8.97 8.46
CA GLY D 99 54.31 -8.79 7.44
C GLY D 99 55.60 -9.51 7.78
N GLY D 100 56.58 -9.36 6.91
CA GLY D 100 57.86 -10.03 7.10
C GLY D 100 58.80 -9.36 8.08
N GLY D 101 58.53 -8.12 8.46
CA GLY D 101 59.39 -7.41 9.38
C GLY D 101 60.57 -6.70 8.74
N THR D 102 60.75 -5.43 9.08
CA THR D 102 61.87 -4.63 8.60
C THR D 102 62.82 -4.39 9.77
N LYS D 103 64.05 -4.83 9.64
CA LYS D 103 65.05 -4.61 10.67
C LYS D 103 65.73 -3.28 10.40
N VAL D 104 65.49 -2.30 11.27
CA VAL D 104 66.02 -0.95 11.08
C VAL D 104 67.37 -0.91 11.77
N GLU D 105 68.43 -1.15 11.00
CA GLU D 105 69.78 -1.01 11.52
C GLU D 105 70.14 0.45 11.62
N ILE D 106 71.06 0.76 12.53
CA ILE D 106 71.50 2.13 12.77
C ILE D 106 73.01 2.21 12.56
N LYS D 107 73.44 3.14 11.73
CA LYS D 107 74.86 3.39 11.48
C LYS D 107 75.46 4.36 12.49
N GLU E 1 21.39 -4.95 41.22
CA GLU E 1 20.56 -6.02 41.74
C GLU E 1 19.41 -5.47 42.56
N ILE E 2 18.33 -6.24 42.63
CA ILE E 2 17.15 -5.90 43.43
C ILE E 2 17.42 -6.33 44.87
N ILE E 3 17.77 -5.36 45.73
CA ILE E 3 17.99 -5.64 47.14
C ILE E 3 16.65 -5.87 47.82
N MET E 4 16.53 -6.99 48.54
CA MET E 4 15.30 -7.39 49.21
C MET E 4 15.49 -7.24 50.70
N THR E 5 14.65 -6.43 51.33
CA THR E 5 14.74 -6.15 52.76
C THR E 5 13.56 -6.76 53.50
N GLN E 6 13.85 -7.59 54.49
CA GLN E 6 12.83 -8.14 55.37
C GLN E 6 12.80 -7.35 56.66
N SER E 7 11.64 -6.74 56.96
CA SER E 7 11.60 -5.69 57.98
C SER E 7 11.88 -6.22 59.39
N PRO E 8 11.13 -7.20 59.92
CA PRO E 8 11.47 -7.70 61.26
C PRO E 8 12.53 -8.78 61.19
N ALA E 9 13.72 -8.46 61.70
CA ALA E 9 14.79 -9.44 61.70
C ALA E 9 14.48 -10.60 62.63
N THR E 10 13.75 -10.33 63.72
CA THR E 10 13.31 -11.37 64.62
C THR E 10 11.87 -11.06 65.01
N LEU E 11 11.12 -12.11 65.32
CA LEU E 11 9.69 -11.97 65.59
C LEU E 11 9.32 -12.98 66.66
N SER E 12 8.78 -12.49 67.78
CA SER E 12 8.39 -13.34 68.89
C SER E 12 6.87 -13.45 68.93
N VAL E 13 6.35 -14.65 68.73
CA VAL E 13 4.91 -14.87 68.66
C VAL E 13 4.51 -15.94 69.67
N SER E 14 3.45 -15.67 70.42
CA SER E 14 2.91 -16.67 71.32
C SER E 14 2.32 -17.83 70.52
N PRO E 15 2.37 -19.05 71.06
CA PRO E 15 1.80 -20.19 70.33
C PRO E 15 0.31 -20.00 70.07
N GLY E 16 -0.11 -20.40 68.88
CA GLY E 16 -1.49 -20.20 68.52
C GLY E 16 -1.85 -18.79 68.12
N GLY E 17 -0.87 -17.91 68.01
CA GLY E 17 -1.11 -16.53 67.66
C GLY E 17 -1.02 -16.30 66.17
N ARG E 18 -0.72 -15.06 65.80
CA ARG E 18 -0.59 -14.68 64.40
C ARG E 18 0.77 -14.04 64.20
N ALA E 19 1.47 -14.46 63.15
CA ALA E 19 2.77 -13.89 62.81
C ALA E 19 2.65 -13.19 61.47
N THR E 20 3.16 -11.97 61.38
CA THR E 20 3.16 -11.20 60.16
C THR E 20 4.60 -10.89 59.78
N LEU E 21 4.97 -11.24 58.56
CA LEU E 21 6.31 -11.07 58.05
C LEU E 21 6.25 -10.21 56.80
N SER E 22 7.17 -9.26 56.68
CA SER E 22 7.17 -8.33 55.57
C SER E 22 8.48 -8.42 54.81
N CYS E 23 8.39 -8.27 53.49
CA CYS E 23 9.54 -8.28 52.60
C CYS E 23 9.37 -7.11 51.64
N ARG E 24 10.43 -6.32 51.48
CA ARG E 24 10.40 -5.13 50.64
C ARG E 24 11.47 -5.24 49.56
N ALA E 25 11.09 -4.99 48.32
CA ALA E 25 12.04 -5.04 47.21
C ALA E 25 12.56 -3.64 46.89
N SER E 26 13.73 -3.60 46.26
CA SER E 26 14.29 -2.32 45.84
C SER E 26 13.53 -1.74 44.65
N GLN E 27 13.06 -2.61 43.76
CA GLN E 27 12.26 -2.20 42.63
C GLN E 27 11.24 -3.31 42.37
N SER E 28 10.27 -3.00 41.52
CA SER E 28 9.16 -3.92 41.27
C SER E 28 9.62 -5.30 40.85
N VAL E 29 9.27 -6.30 41.65
CA VAL E 29 9.52 -7.70 41.33
C VAL E 29 8.24 -8.36 40.87
N SER E 30 7.17 -7.58 40.70
CA SER E 30 5.86 -8.05 40.29
C SER E 30 5.34 -9.15 41.21
N ASN E 31 4.79 -10.22 40.64
CA ASN E 31 4.29 -11.35 41.41
C ASN E 31 5.37 -12.39 41.61
N ASN E 32 6.56 -12.13 41.08
CA ASN E 32 7.68 -13.05 41.12
C ASN E 32 8.38 -13.06 42.47
N LEU E 33 7.70 -13.60 43.48
CA LEU E 33 8.26 -13.75 44.81
C LEU E 33 8.12 -15.21 45.22
N ALA E 34 8.93 -15.65 46.17
CA ALA E 34 8.70 -16.92 46.84
C ALA E 34 9.11 -16.82 48.30
N TRP E 35 8.49 -17.60 49.16
CA TRP E 35 8.80 -17.64 50.58
C TRP E 35 9.28 -19.04 50.94
N TYR E 36 10.46 -19.11 51.56
CA TYR E 36 11.09 -20.37 51.92
C TYR E 36 11.18 -20.48 53.44
N GLN E 37 10.88 -21.65 53.96
CA GLN E 37 11.01 -21.93 55.38
C GLN E 37 12.22 -22.80 55.62
N GLN E 38 13.10 -22.38 56.53
CA GLN E 38 14.27 -23.16 56.91
C GLN E 38 14.23 -23.46 58.40
N LYS E 39 13.82 -24.67 58.75
CA LYS E 39 13.90 -25.11 60.13
C LYS E 39 15.38 -25.29 60.50
N PRO E 40 15.70 -25.24 61.80
CA PRO E 40 17.12 -25.19 62.20
C PRO E 40 17.96 -26.34 61.67
N GLY E 41 18.92 -26.01 60.79
CA GLY E 41 19.83 -27.00 60.24
C GLY E 41 19.31 -27.82 59.09
N GLN E 42 18.15 -27.47 58.54
CA GLN E 42 17.53 -28.24 57.47
C GLN E 42 17.46 -27.42 56.18
N THR E 43 17.09 -28.09 55.10
CA THR E 43 16.97 -27.44 53.80
C THR E 43 15.77 -26.50 53.79
N PRO E 44 15.86 -25.40 53.04
CA PRO E 44 14.71 -24.52 52.87
C PRO E 44 13.57 -25.21 52.16
N ARG E 45 12.36 -25.01 52.67
CA ARG E 45 11.14 -25.57 52.13
C ARG E 45 10.30 -24.47 51.52
N LEU E 46 9.88 -24.65 50.28
CA LEU E 46 9.09 -23.64 49.60
C LEU E 46 7.69 -23.57 50.20
N LEU E 47 7.32 -22.41 50.73
CA LEU E 47 5.97 -22.20 51.25
C LEU E 47 5.04 -21.61 50.21
N ILE E 48 5.44 -20.50 49.60
CA ILE E 48 4.60 -19.72 48.71
C ILE E 48 5.39 -19.50 47.44
N HIS E 49 4.73 -19.60 46.29
CA HIS E 49 5.34 -19.17 45.05
C HIS E 49 4.34 -18.31 44.30
N GLY E 50 4.81 -17.65 43.26
CA GLY E 50 4.10 -16.50 42.79
C GLY E 50 4.01 -15.49 43.92
N ALA E 51 3.09 -14.55 43.79
CA ALA E 51 2.85 -13.65 44.90
C ALA E 51 2.26 -14.37 46.09
N SER E 52 1.31 -15.26 45.83
CA SER E 52 0.45 -15.78 46.89
C SER E 52 -0.01 -17.21 46.66
N THR E 53 0.40 -17.87 45.58
CA THR E 53 -0.03 -19.23 45.30
C THR E 53 0.68 -20.17 46.26
N ARG E 54 -0.08 -20.76 47.18
CA ARG E 54 0.49 -21.65 48.16
C ARG E 54 0.95 -22.94 47.50
N ALA E 55 2.12 -23.43 47.90
CA ALA E 55 2.66 -24.65 47.32
C ALA E 55 1.90 -25.87 47.82
N THR E 56 1.99 -26.96 47.05
CA THR E 56 1.30 -28.20 47.39
C THR E 56 1.83 -28.81 48.68
N GLY E 57 0.93 -29.15 49.58
CA GLY E 57 1.28 -29.73 50.85
C GLY E 57 1.59 -28.73 51.95
N ILE E 58 1.39 -27.45 51.70
CA ILE E 58 1.62 -26.40 52.68
C ILE E 58 0.31 -26.12 53.41
N PRO E 59 0.30 -26.09 54.74
CA PRO E 59 -0.95 -25.84 55.46
C PRO E 59 -1.58 -24.54 55.01
N ALA E 60 -2.91 -24.51 55.01
CA ALA E 60 -3.66 -23.32 54.63
C ALA E 60 -3.42 -22.15 55.59
N ARG E 61 -2.81 -22.38 56.74
CA ARG E 61 -2.49 -21.29 57.66
C ARG E 61 -1.41 -20.35 57.12
N PHE E 62 -0.57 -20.82 56.20
CA PHE E 62 0.43 -19.95 55.59
C PHE E 62 -0.20 -19.16 54.45
N SER E 63 -0.14 -17.84 54.53
CA SER E 63 -0.73 -17.00 53.51
C SER E 63 0.22 -15.89 53.14
N GLY E 64 0.44 -15.70 51.86
CA GLY E 64 1.31 -14.66 51.35
C GLY E 64 0.49 -13.64 50.60
N SER E 65 0.92 -12.38 50.63
CA SER E 65 0.19 -11.31 49.98
C SER E 65 1.17 -10.25 49.50
N GLY E 66 0.72 -9.49 48.51
CA GLY E 66 1.47 -8.34 48.02
C GLY E 66 1.64 -8.39 46.52
N SER E 67 2.12 -7.27 45.99
CA SER E 67 2.60 -7.23 44.62
C SER E 67 3.51 -6.04 44.46
N GLY E 68 4.39 -6.12 43.46
CA GLY E 68 5.26 -5.01 43.13
C GLY E 68 6.44 -4.86 44.06
N THR E 69 6.27 -4.14 45.15
CA THR E 69 7.37 -3.85 46.06
C THR E 69 7.14 -4.34 47.48
N GLU E 70 5.94 -4.16 48.02
CA GLU E 70 5.62 -4.64 49.36
C GLU E 70 4.96 -6.00 49.31
N PHE E 71 5.49 -6.94 50.09
CA PHE E 71 4.97 -8.29 50.19
C PHE E 71 4.86 -8.68 51.66
N THR E 72 3.89 -9.52 51.97
CA THR E 72 3.66 -9.93 53.34
C THR E 72 3.32 -11.41 53.42
N LEU E 73 4.06 -12.16 54.23
CA LEU E 73 3.73 -13.52 54.58
C LEU E 73 3.10 -13.51 55.97
N THR E 74 2.00 -14.24 56.12
CA THR E 74 1.30 -14.31 57.39
C THR E 74 1.08 -15.76 57.77
N ILE E 75 1.31 -16.08 59.04
CA ILE E 75 1.05 -17.41 59.58
C ILE E 75 -0.15 -17.30 60.50
N SER E 76 -1.22 -18.03 60.19
CA SER E 76 -2.50 -17.80 60.84
C SER E 76 -2.62 -18.52 62.18
N SER E 77 -1.92 -19.64 62.38
CA SER E 77 -2.03 -20.40 63.62
C SER E 77 -0.66 -20.99 63.93
N LEU E 78 0.11 -20.30 64.77
CA LEU E 78 1.48 -20.71 65.02
C LEU E 78 1.50 -21.99 65.84
N GLN E 79 1.79 -23.11 65.17
CA GLN E 79 2.01 -24.36 65.86
C GLN E 79 3.43 -24.36 66.43
N SER E 80 3.79 -25.42 67.13
CA SER E 80 5.13 -25.46 67.72
C SER E 80 6.21 -25.65 66.66
N GLU E 81 5.89 -26.24 65.52
CA GLU E 81 6.89 -26.54 64.50
C GLU E 81 7.11 -25.39 63.52
N ASP E 82 6.38 -24.29 63.64
CA ASP E 82 6.55 -23.19 62.70
C ASP E 82 7.72 -22.29 63.07
N PHE E 83 8.37 -22.53 64.20
CA PHE E 83 9.61 -21.86 64.55
C PHE E 83 10.69 -22.15 63.52
N ALA E 84 11.09 -21.15 62.75
CA ALA E 84 12.05 -21.34 61.67
C ALA E 84 12.53 -19.98 61.21
N VAL E 85 13.37 -19.98 60.19
CA VAL E 85 13.82 -18.77 59.50
C VAL E 85 13.12 -18.73 58.16
N TYR E 86 12.44 -17.63 57.87
CA TYR E 86 11.67 -17.47 56.64
C TYR E 86 12.38 -16.49 55.73
N TYR E 87 12.67 -16.91 54.50
CA TYR E 87 13.35 -16.09 53.51
C TYR E 87 12.39 -15.75 52.40
N CYS E 88 12.31 -14.49 52.02
CA CYS E 88 11.71 -14.15 50.74
C CYS E 88 12.77 -14.22 49.66
N HIS E 89 12.32 -14.41 48.43
CA HIS E 89 13.22 -14.65 47.32
C HIS E 89 12.52 -14.13 46.07
N GLN E 90 13.25 -13.43 45.21
CA GLN E 90 12.67 -12.91 44.00
C GLN E 90 13.34 -13.54 42.81
N TYR E 91 12.54 -13.97 41.85
CA TYR E 91 13.04 -14.51 40.60
C TYR E 91 12.56 -13.66 39.42
N HIS E 92 12.30 -12.39 39.68
CA HIS E 92 11.91 -11.48 38.62
C HIS E 92 13.07 -11.23 37.69
N ASN E 93 14.14 -10.65 38.21
CA ASN E 93 15.37 -10.45 37.46
C ASN E 93 16.13 -11.75 37.39
N TRP E 94 16.90 -11.94 36.32
CA TRP E 94 18.02 -12.83 36.43
C TRP E 94 18.90 -12.32 37.56
N LEU E 95 19.82 -13.15 38.03
CA LEU E 95 20.53 -12.84 39.27
C LEU E 95 19.52 -12.76 40.42
N LEU E 96 18.95 -13.93 40.69
CA LEU E 96 18.01 -14.09 41.78
C LEU E 96 18.67 -13.82 43.13
N THR E 97 17.92 -13.16 44.03
CA THR E 97 18.43 -12.71 45.31
C THR E 97 17.45 -13.09 46.42
N PHE E 98 17.98 -13.18 47.64
CA PHE E 98 17.22 -13.60 48.82
C PHE E 98 17.24 -12.50 49.87
N GLY E 99 16.21 -12.50 50.71
CA GLY E 99 16.13 -11.59 51.82
C GLY E 99 17.03 -12.01 52.97
N GLY E 100 16.99 -11.22 54.03
CA GLY E 100 17.83 -11.48 55.19
C GLY E 100 17.32 -12.56 56.12
N GLY E 101 16.07 -12.98 55.99
CA GLY E 101 15.50 -14.00 56.84
C GLY E 101 14.95 -13.50 58.15
N THR E 102 13.72 -13.90 58.47
CA THR E 102 13.06 -13.56 59.72
C THR E 102 12.98 -14.80 60.59
N LYS E 103 13.59 -14.76 61.76
CA LYS E 103 13.54 -15.87 62.68
C LYS E 103 12.31 -15.72 63.55
N VAL E 104 11.34 -16.61 63.37
CA VAL E 104 10.06 -16.53 64.08
C VAL E 104 10.22 -17.33 65.37
N GLU E 105 10.57 -16.64 66.44
CA GLU E 105 10.64 -17.27 67.75
C GLU E 105 9.24 -17.47 68.29
N ILE E 106 9.09 -18.47 69.16
CA ILE E 106 7.80 -18.79 69.75
C ILE E 106 7.92 -18.73 71.27
N LYS E 107 7.02 -17.98 71.89
CA LYS E 107 6.95 -17.85 73.35
C LYS E 107 6.11 -18.95 73.97
N GLN F 1 40.52 -42.55 1.02
CA GLN F 1 39.30 -42.10 1.67
C GLN F 1 39.45 -42.07 3.20
N VAL F 2 38.35 -41.79 3.88
CA VAL F 2 38.35 -41.72 5.33
C VAL F 2 38.39 -43.12 5.91
N GLN F 3 38.99 -43.25 7.09
CA GLN F 3 39.00 -44.49 7.85
C GLN F 3 38.67 -44.17 9.29
N LEU F 4 37.83 -45.01 9.90
CA LEU F 4 37.40 -44.85 11.28
C LEU F 4 37.83 -46.06 12.09
N GLN F 5 38.39 -45.83 13.28
CA GLN F 5 38.90 -46.90 14.11
C GLN F 5 38.42 -46.72 15.55
N GLU F 6 37.62 -47.66 16.05
CA GLU F 6 37.14 -47.61 17.42
C GLU F 6 38.20 -48.09 18.41
N SER F 7 38.06 -47.66 19.65
CA SER F 7 38.95 -48.08 20.73
C SER F 7 38.20 -47.93 22.03
N GLY F 8 38.41 -48.87 22.94
CA GLY F 8 37.75 -48.85 24.23
C GLY F 8 37.91 -50.14 24.99
N PRO F 9 37.42 -50.18 26.23
CA PRO F 9 37.57 -51.39 27.04
C PRO F 9 36.54 -52.44 26.64
N GLY F 10 37.02 -53.63 26.31
CA GLY F 10 36.13 -54.70 25.91
C GLY F 10 35.31 -55.28 27.04
N LEU F 11 35.78 -55.14 28.28
CA LEU F 11 35.07 -55.68 29.43
C LEU F 11 34.95 -54.58 30.47
N VAL F 12 33.71 -54.19 30.77
CA VAL F 12 33.43 -53.14 31.75
C VAL F 12 32.46 -53.69 32.77
N LYS F 13 32.71 -53.40 34.05
CA LYS F 13 31.80 -53.87 35.09
C LYS F 13 30.47 -53.14 34.97
N PRO F 14 29.38 -53.77 35.40
CA PRO F 14 28.10 -53.05 35.44
C PRO F 14 28.17 -51.88 36.41
N SER F 15 27.37 -50.86 36.13
CA SER F 15 27.33 -49.62 36.89
C SER F 15 28.65 -48.85 36.82
N GLN F 16 29.47 -49.15 35.82
CA GLN F 16 30.66 -48.38 35.49
C GLN F 16 30.37 -47.57 34.23
N THR F 17 31.33 -46.73 33.83
CA THR F 17 31.16 -45.87 32.67
C THR F 17 31.96 -46.42 31.50
N LEU F 18 31.30 -46.58 30.36
CA LEU F 18 31.91 -47.05 29.14
C LEU F 18 32.47 -45.86 28.36
N SER F 19 33.71 -45.98 27.91
CA SER F 19 34.35 -44.92 27.12
C SER F 19 34.87 -45.50 25.82
N LEU F 20 34.32 -45.05 24.71
CA LEU F 20 34.72 -45.48 23.38
C LEU F 20 35.25 -44.27 22.61
N THR F 21 36.29 -44.49 21.82
CA THR F 21 36.91 -43.44 21.04
C THR F 21 37.07 -43.91 19.60
N CYS F 22 36.69 -43.07 18.65
CA CYS F 22 36.77 -43.37 17.23
C CYS F 22 37.69 -42.35 16.58
N THR F 23 38.92 -42.75 16.28
CA THR F 23 39.88 -41.83 15.68
C THR F 23 39.67 -41.79 14.17
N VAL F 24 39.63 -40.58 13.62
CA VAL F 24 39.30 -40.36 12.22
C VAL F 24 40.54 -39.91 11.47
N SER F 25 40.86 -40.59 10.38
CA SER F 25 41.99 -40.27 9.53
C SER F 25 41.51 -40.08 8.11
N GLY F 26 42.12 -39.15 7.39
CA GLY F 26 41.71 -38.82 6.05
C GLY F 26 40.69 -37.72 5.96
N ASP F 27 40.18 -37.24 7.10
CA ASP F 27 39.22 -36.15 7.14
C ASP F 27 39.34 -35.47 8.49
N SER F 28 38.83 -34.25 8.56
CA SER F 28 38.77 -33.52 9.81
C SER F 28 37.34 -33.55 10.33
N ILE F 29 37.19 -33.82 11.62
CA ILE F 29 35.86 -33.87 12.19
C ILE F 29 35.17 -32.51 12.18
N SER F 30 35.92 -31.43 11.93
CA SER F 30 35.35 -30.10 11.82
C SER F 30 34.89 -29.77 10.41
N ASN F 31 34.91 -30.72 9.48
CA ASN F 31 34.48 -30.49 8.09
C ASN F 31 33.01 -30.33 8.10
N SER F 32 32.52 -29.31 7.47
CA SER F 32 31.12 -28.93 7.61
C SER F 32 30.17 -29.92 6.94
N SER F 33 30.66 -30.90 6.20
CA SER F 33 29.80 -31.79 5.44
C SER F 33 29.47 -33.08 6.16
N TYR F 34 29.89 -33.28 7.40
CA TYR F 34 29.74 -34.58 8.04
C TYR F 34 29.11 -34.47 9.42
N TYR F 35 28.48 -35.56 9.84
CA TYR F 35 28.09 -35.82 11.21
C TYR F 35 28.60 -37.19 11.59
N TRP F 36 28.90 -37.39 12.87
CA TRP F 36 29.60 -38.58 13.33
C TRP F 36 28.73 -39.30 14.35
N SER F 37 28.42 -40.57 14.10
CA SER F 37 27.37 -41.25 14.81
C SER F 37 27.87 -42.55 15.42
N TRP F 38 27.14 -43.03 16.42
CA TRP F 38 27.41 -44.28 17.10
C TRP F 38 26.20 -45.19 16.94
N ILE F 39 26.44 -46.44 16.56
CA ILE F 39 25.39 -47.44 16.36
C ILE F 39 25.86 -48.74 16.99
N ARG F 40 24.98 -49.40 17.75
CA ARG F 40 25.31 -50.68 18.35
C ARG F 40 24.49 -51.79 17.75
N GLN F 41 25.11 -52.96 17.57
CA GLN F 41 24.47 -54.13 16.99
C GLN F 41 24.42 -55.27 17.99
N TYR F 42 23.24 -55.84 18.16
CA TYR F 42 23.01 -56.94 19.08
C TYR F 42 23.17 -58.27 18.38
N PRO F 43 23.31 -59.37 19.14
CA PRO F 43 23.39 -60.68 18.49
C PRO F 43 22.17 -61.06 17.68
N SER F 44 21.01 -60.46 17.94
CA SER F 44 19.80 -60.70 17.17
C SER F 44 19.74 -59.93 15.87
N ARG F 45 20.89 -59.46 15.39
CA ARG F 45 21.06 -58.64 14.19
C ARG F 45 20.39 -57.29 14.30
N ARG F 46 19.91 -56.92 15.48
CA ARG F 46 19.21 -55.65 15.62
C ARG F 46 20.20 -54.52 15.74
N LEU F 47 20.04 -53.51 14.90
CA LEU F 47 20.87 -52.32 14.94
C LEU F 47 20.12 -51.21 15.66
N GLU F 48 20.77 -50.58 16.62
CA GLU F 48 20.19 -49.49 17.37
C GLU F 48 21.08 -48.25 17.27
N TRP F 49 20.49 -47.14 16.88
CA TRP F 49 21.20 -45.88 16.82
C TRP F 49 21.36 -45.30 18.21
N ILE F 50 22.59 -44.95 18.57
CA ILE F 50 22.86 -44.38 19.89
C ILE F 50 22.82 -42.87 19.88
N GLY F 51 23.56 -42.24 18.98
CA GLY F 51 23.55 -40.80 18.88
C GLY F 51 24.59 -40.31 17.90
N TYR F 52 24.46 -39.07 17.43
CA TYR F 52 25.45 -38.50 16.54
C TYR F 52 25.78 -37.08 16.97
N ILE F 53 26.93 -36.61 16.51
CA ILE F 53 27.41 -35.26 16.79
C ILE F 53 27.75 -34.58 15.47
N TYR F 54 27.30 -33.36 15.31
CA TYR F 54 27.64 -32.57 14.13
C TYR F 54 29.08 -32.10 14.19
N TYR F 55 29.59 -31.70 13.02
CA TYR F 55 30.93 -31.15 12.95
C TYR F 55 31.13 -29.97 13.91
N ASN F 56 30.08 -29.23 14.19
CA ASN F 56 30.18 -28.08 15.08
C ASN F 56 29.88 -28.41 16.54
N GLY F 57 29.64 -29.67 16.86
CA GLY F 57 29.43 -30.05 18.25
C GLY F 57 28.01 -30.18 18.72
N ARG F 58 27.02 -30.10 17.84
CA ARG F 58 25.63 -30.29 18.23
C ARG F 58 25.32 -31.78 18.32
N THR F 59 24.84 -32.23 19.47
CA THR F 59 24.62 -33.65 19.72
C THR F 59 23.14 -33.96 19.77
N TYR F 60 22.78 -35.12 19.21
CA TYR F 60 21.44 -35.66 19.26
C TYR F 60 21.53 -37.11 19.70
N TYR F 61 20.70 -37.49 20.68
CA TYR F 61 20.77 -38.80 21.30
C TYR F 61 19.47 -39.55 21.13
N ASN F 62 19.55 -40.86 21.18
CA ASN F 62 18.36 -41.69 21.15
C ASN F 62 17.63 -41.55 22.49
N PRO F 63 16.34 -41.25 22.48
CA PRO F 63 15.61 -41.12 23.75
C PRO F 63 15.61 -42.39 24.60
N SER F 64 15.85 -43.55 24.01
CA SER F 64 15.88 -44.78 24.79
C SER F 64 17.01 -44.78 25.81
N LEU F 65 18.05 -44.00 25.57
CA LEU F 65 19.20 -43.93 26.47
C LEU F 65 19.69 -42.50 26.61
N ASN F 66 18.78 -41.53 26.55
CA ASN F 66 19.15 -40.13 26.58
C ASN F 66 19.76 -39.72 27.91
N SER F 67 19.24 -40.23 29.02
CA SER F 67 19.73 -39.81 30.34
C SER F 67 21.04 -40.46 30.74
N ARG F 68 21.61 -41.34 29.94
CA ARG F 68 22.83 -42.05 30.30
C ARG F 68 24.02 -41.72 29.43
N LEU F 69 23.85 -40.86 28.42
CA LEU F 69 24.76 -40.81 27.30
C LEU F 69 25.27 -39.41 27.05
N SER F 70 26.50 -39.33 26.53
CA SER F 70 27.06 -38.08 26.05
C SER F 70 28.06 -38.42 24.95
N ILE F 71 28.13 -37.54 23.95
CA ILE F 71 29.05 -37.68 22.83
C ILE F 71 29.78 -36.35 22.65
N SER F 72 31.09 -36.42 22.50
CA SER F 72 31.91 -35.23 22.33
C SER F 72 32.94 -35.48 21.26
N LEU F 73 33.51 -34.39 20.74
CA LEU F 73 34.55 -34.48 19.72
C LEU F 73 35.75 -33.63 20.16
N ASP F 74 36.92 -34.00 19.67
CA ASP F 74 38.17 -33.32 20.00
C ASP F 74 38.88 -32.98 18.71
N THR F 75 38.95 -31.70 18.38
CA THR F 75 39.54 -31.27 17.12
C THR F 75 41.05 -31.42 17.10
N SER F 76 41.70 -31.49 18.26
CA SER F 76 43.15 -31.65 18.26
C SER F 76 43.56 -33.01 17.70
N LYS F 77 42.83 -34.06 18.06
CA LYS F 77 43.21 -35.42 17.70
C LYS F 77 42.28 -36.06 16.68
N ASN F 78 41.27 -35.35 16.20
CA ASN F 78 40.31 -35.87 15.24
C ASN F 78 39.71 -37.18 15.71
N HIS F 79 39.00 -37.12 16.81
CA HIS F 79 38.23 -38.27 17.24
C HIS F 79 37.01 -37.78 17.99
N PHE F 80 35.95 -38.59 17.96
CA PHE F 80 34.76 -38.34 18.74
C PHE F 80 34.56 -39.49 19.72
N SER F 81 33.96 -39.20 20.86
CA SER F 81 33.96 -40.12 21.98
C SER F 81 32.54 -40.38 22.44
N LEU F 82 32.35 -41.53 23.08
CA LEU F 82 31.08 -41.95 23.65
C LEU F 82 31.27 -42.27 25.11
N LYS F 83 30.38 -41.76 25.95
CA LYS F 83 30.35 -42.10 27.37
C LYS F 83 28.96 -42.58 27.72
N LEU F 84 28.86 -43.84 28.14
CA LEU F 84 27.60 -44.47 28.48
C LEU F 84 27.71 -44.92 29.93
N SER F 85 26.85 -44.40 30.78
CA SER F 85 26.90 -44.72 32.20
C SER F 85 25.72 -45.59 32.58
N SER F 86 25.70 -46.01 33.85
CA SER F 86 24.67 -46.89 34.38
C SER F 86 24.56 -48.15 33.53
N LEU F 87 25.70 -48.76 33.26
CA LEU F 87 25.76 -49.93 32.39
C LEU F 87 25.04 -51.12 33.02
N THR F 88 24.30 -51.84 32.20
CA THR F 88 23.62 -53.07 32.58
C THR F 88 24.05 -54.17 31.63
N ALA F 89 23.54 -55.37 31.87
CA ALA F 89 23.86 -56.49 30.98
C ALA F 89 23.25 -56.32 29.60
N ALA F 90 22.23 -55.47 29.47
CA ALA F 90 21.60 -55.24 28.18
C ALA F 90 22.43 -54.37 27.25
N ASP F 91 23.49 -53.73 27.73
CA ASP F 91 24.34 -52.92 26.89
C ASP F 91 25.43 -53.70 26.17
N THR F 92 25.47 -55.02 26.35
CA THR F 92 26.47 -55.82 25.64
C THR F 92 26.11 -55.87 24.16
N ALA F 93 26.93 -55.25 23.33
CA ALA F 93 26.64 -55.16 21.91
C ALA F 93 27.93 -54.86 21.16
N LEU F 94 27.81 -54.69 19.85
CA LEU F 94 28.92 -54.34 18.97
C LEU F 94 28.76 -52.89 18.53
N TYR F 95 29.65 -52.02 18.99
CA TYR F 95 29.50 -50.59 18.80
C TYR F 95 30.27 -50.15 17.56
N TYR F 96 29.58 -49.52 16.62
CA TYR F 96 30.17 -48.98 15.40
C TYR F 96 30.19 -47.46 15.46
N CYS F 97 31.27 -46.87 14.96
CA CYS F 97 31.30 -45.45 14.68
C CYS F 97 31.25 -45.26 13.18
N ALA F 98 30.42 -44.32 12.71
CA ALA F 98 30.17 -44.15 11.30
C ALA F 98 30.18 -42.68 10.96
N ARG F 99 30.50 -42.38 9.70
CA ARG F 99 30.46 -41.03 9.18
C ARG F 99 29.21 -40.84 8.36
N GLY F 100 28.39 -39.86 8.72
CA GLY F 100 27.22 -39.51 7.94
C GLY F 100 27.45 -38.24 7.15
N PHE F 101 26.70 -38.10 6.06
CA PHE F 101 26.71 -36.89 5.27
C PHE F 101 25.56 -35.99 5.71
N LEU F 102 25.86 -34.72 5.95
CA LEU F 102 24.79 -33.76 6.20
C LEU F 102 24.13 -33.35 4.89
N GLY F 103 22.83 -33.13 4.94
CA GLY F 103 22.08 -32.67 3.80
C GLY F 103 21.98 -31.16 3.76
N TYR F 104 20.85 -30.68 3.26
CA TYR F 104 20.62 -29.24 3.19
C TYR F 104 20.57 -28.63 4.58
N CYS F 105 21.19 -27.48 4.74
CA CYS F 105 21.21 -26.76 6.01
C CYS F 105 20.76 -25.32 5.81
N ALA F 106 19.99 -24.81 6.76
CA ALA F 106 19.51 -23.43 6.69
C ALA F 106 19.03 -23.03 8.06
N GLY F 107 19.34 -21.79 8.46
CA GLY F 107 18.86 -21.26 9.71
C GLY F 107 19.32 -21.98 10.96
N GLY F 108 20.40 -22.76 10.87
CA GLY F 108 20.90 -23.49 12.02
C GLY F 108 20.33 -24.87 12.22
N SER F 109 19.80 -25.49 11.17
CA SER F 109 19.31 -26.86 11.23
C SER F 109 19.75 -27.57 9.96
N CYS F 110 19.86 -28.89 10.02
CA CYS F 110 20.29 -29.67 8.88
C CYS F 110 19.45 -30.92 8.71
N PHE F 111 19.18 -31.27 7.46
CA PHE F 111 18.68 -32.60 7.12
C PHE F 111 19.82 -33.59 7.03
N LEU F 112 19.53 -34.86 7.30
CA LEU F 112 20.52 -35.92 7.26
C LEU F 112 20.61 -36.59 5.89
N ASN F 113 21.80 -37.10 5.58
CA ASN F 113 22.00 -38.09 4.53
C ASN F 113 22.55 -39.39 5.14
N TRP F 114 22.90 -40.32 4.26
CA TRP F 114 23.26 -41.68 4.64
C TRP F 114 24.57 -41.74 5.43
N LEU F 115 24.78 -42.87 6.10
CA LEU F 115 26.03 -43.19 6.77
C LEU F 115 26.97 -43.92 5.82
N ASP F 116 28.14 -43.37 5.60
CA ASP F 116 29.15 -44.10 4.86
C ASP F 116 30.51 -43.48 5.13
N PRO F 117 31.49 -44.23 5.64
CA PRO F 117 31.52 -45.63 6.01
C PRO F 117 31.30 -45.88 7.50
N TRP F 118 31.26 -47.15 7.87
CA TRP F 118 31.20 -47.60 9.25
C TRP F 118 32.59 -47.99 9.73
N GLY F 119 32.84 -47.77 11.01
CA GLY F 119 34.08 -48.25 11.58
C GLY F 119 34.08 -49.75 11.70
N GLN F 120 35.24 -50.29 12.10
CA GLN F 120 35.37 -51.75 12.20
C GLN F 120 34.46 -52.33 13.27
N GLY F 121 34.11 -51.56 14.28
CA GLY F 121 33.23 -52.04 15.33
C GLY F 121 33.97 -52.70 16.46
N THR F 122 33.70 -52.26 17.69
CA THR F 122 34.33 -52.80 18.88
C THR F 122 33.28 -53.50 19.73
N LEU F 123 33.63 -54.64 20.29
CA LEU F 123 32.70 -55.43 21.07
C LEU F 123 32.89 -55.11 22.54
N VAL F 124 31.80 -54.74 23.21
CA VAL F 124 31.82 -54.35 24.60
C VAL F 124 30.96 -55.33 25.39
N THR F 125 31.52 -55.88 26.45
CA THR F 125 30.84 -56.83 27.33
C THR F 125 30.67 -56.19 28.69
N VAL F 126 29.45 -56.21 29.21
CA VAL F 126 29.15 -55.65 30.52
C VAL F 126 28.89 -56.81 31.47
N SER F 127 29.89 -57.14 32.28
CA SER F 127 29.78 -58.22 33.26
C SER F 127 30.77 -57.95 34.38
N SER F 128 30.54 -58.60 35.50
CA SER F 128 31.41 -58.44 36.68
C SER F 128 32.77 -59.05 36.42
N GLU G 1 9.06 -42.64 16.84
CA GLU G 1 10.03 -43.04 15.83
C GLU G 1 9.36 -43.79 14.69
N ILE G 2 9.97 -43.73 13.51
CA ILE G 2 9.51 -44.44 12.32
C ILE G 2 10.01 -45.88 12.41
N ILE G 3 9.13 -46.80 12.80
CA ILE G 3 9.49 -48.21 12.85
C ILE G 3 9.56 -48.77 11.44
N MET G 4 10.67 -49.42 11.12
CA MET G 4 10.93 -49.96 9.79
C MET G 4 10.86 -51.47 9.86
N THR G 5 9.96 -52.07 9.08
CA THR G 5 9.74 -53.51 9.08
C THR G 5 10.22 -54.11 7.77
N GLN G 6 11.11 -55.10 7.86
CA GLN G 6 11.54 -55.86 6.70
C GLN G 6 10.79 -57.18 6.65
N SER G 7 10.05 -57.41 5.56
CA SER G 7 9.04 -58.47 5.56
C SER G 7 9.65 -59.86 5.64
N PRO G 8 10.53 -60.29 4.73
CA PRO G 8 11.12 -61.63 4.88
C PRO G 8 12.32 -61.59 5.80
N ALA G 9 12.18 -62.22 6.97
CA ALA G 9 13.31 -62.27 7.91
C ALA G 9 14.43 -63.12 7.36
N THR G 10 14.12 -64.14 6.58
CA THR G 10 15.11 -64.97 5.92
C THR G 10 14.63 -65.25 4.51
N LEU G 11 15.57 -65.44 3.60
CA LEU G 11 15.26 -65.59 2.18
C LEU G 11 16.25 -66.58 1.59
N SER G 12 15.73 -67.67 1.03
CA SER G 12 16.55 -68.71 0.42
C SER G 12 16.45 -68.61 -1.09
N VAL G 13 17.57 -68.32 -1.74
CA VAL G 13 17.60 -68.13 -3.19
C VAL G 13 18.63 -69.04 -3.81
N SER G 14 18.25 -69.72 -4.89
CA SER G 14 19.19 -70.53 -5.64
C SER G 14 20.24 -69.62 -6.29
N PRO G 15 21.47 -70.10 -6.45
CA PRO G 15 22.51 -69.29 -7.10
C PRO G 15 22.11 -68.91 -8.52
N GLY G 16 22.40 -67.67 -8.88
CA GLY G 16 22.01 -67.20 -10.19
C GLY G 16 20.56 -66.83 -10.31
N GLY G 17 19.81 -66.85 -9.22
CA GLY G 17 18.40 -66.54 -9.25
C GLY G 17 18.14 -65.07 -9.00
N ARG G 18 16.95 -64.78 -8.52
CA ARG G 18 16.53 -63.43 -8.21
C ARG G 18 16.07 -63.38 -6.77
N ALA G 19 16.54 -62.36 -6.04
CA ALA G 19 16.14 -62.15 -4.66
C ALA G 19 15.40 -60.84 -4.56
N THR G 20 14.25 -60.86 -3.89
CA THR G 20 13.44 -59.68 -3.68
C THR G 20 13.31 -59.43 -2.19
N LEU G 21 13.68 -58.24 -1.75
CA LEU G 21 13.66 -57.85 -0.35
C LEU G 21 12.77 -56.64 -0.20
N SER G 22 11.93 -56.63 0.85
CA SER G 22 10.98 -55.57 1.07
C SER G 22 11.22 -54.92 2.42
N CYS G 23 11.02 -53.61 2.47
CA CYS G 23 11.15 -52.82 3.68
C CYS G 23 9.94 -51.91 3.75
N ARG G 24 9.29 -51.86 4.91
CA ARG G 24 8.08 -51.08 5.12
C ARG G 24 8.30 -50.09 6.25
N ALA G 25 7.96 -48.83 6.03
CA ALA G 25 8.09 -47.81 7.05
C ALA G 25 6.77 -47.60 7.77
N SER G 26 6.87 -47.06 8.99
CA SER G 26 5.66 -46.75 9.75
C SER G 26 4.95 -45.53 9.18
N GLN G 27 5.71 -44.57 8.69
CA GLN G 27 5.17 -43.39 8.05
C GLN G 27 6.12 -42.99 6.93
N SER G 28 5.66 -42.08 6.08
CA SER G 28 6.40 -41.71 4.88
C SER G 28 7.83 -41.26 5.20
N VAL G 29 8.79 -41.98 4.65
CA VAL G 29 10.20 -41.62 4.75
C VAL G 29 10.66 -41.03 3.42
N SER G 30 9.74 -40.80 2.50
CA SER G 30 10.03 -40.25 1.17
C SER G 30 11.08 -41.08 0.45
N ASN G 31 12.04 -40.43 -0.19
CA ASN G 31 13.12 -41.10 -0.90
C ASN G 31 14.31 -41.35 0.02
N ASN G 32 14.19 -40.93 1.26
CA ASN G 32 15.26 -41.02 2.25
C ASN G 32 15.40 -42.42 2.83
N LEU G 33 15.88 -43.35 1.98
CA LEU G 33 16.14 -44.72 2.39
C LEU G 33 17.58 -45.04 2.04
N ALA G 34 18.17 -46.04 2.71
CA ALA G 34 19.41 -46.64 2.24
C ALA G 34 19.40 -48.12 2.54
N TRP G 35 20.13 -48.89 1.74
CA TRP G 35 20.26 -50.33 1.92
C TRP G 35 21.71 -50.67 2.18
N TYR G 36 21.97 -51.38 3.27
CA TYR G 36 23.30 -51.74 3.70
C TYR G 36 23.48 -53.25 3.65
N GLN G 37 24.62 -53.69 3.15
CA GLN G 37 24.96 -55.10 3.11
C GLN G 37 26.00 -55.41 4.17
N GLN G 38 25.72 -56.40 5.01
CA GLN G 38 26.66 -56.84 6.04
C GLN G 38 27.01 -58.31 5.82
N LYS G 39 28.16 -58.58 5.22
CA LYS G 39 28.65 -59.93 5.13
C LYS G 39 29.04 -60.42 6.53
N PRO G 40 29.08 -61.75 6.74
CA PRO G 40 29.23 -62.26 8.10
C PRO G 40 30.45 -61.75 8.85
N GLY G 41 30.23 -60.97 9.91
CA GLY G 41 31.32 -60.46 10.72
C GLY G 41 32.02 -59.23 10.21
N GLN G 42 31.50 -58.60 9.15
CA GLN G 42 32.15 -57.45 8.55
C GLN G 42 31.28 -56.20 8.70
N THR G 43 31.87 -55.06 8.34
CA THR G 43 31.17 -53.79 8.42
C THR G 43 30.07 -53.71 7.37
N PRO G 44 28.97 -53.03 7.66
CA PRO G 44 27.93 -52.81 6.65
C PRO G 44 28.44 -51.96 5.49
N ARG G 45 28.09 -52.38 4.29
CA ARG G 45 28.48 -51.71 3.05
C ARG G 45 27.26 -51.08 2.43
N LEU G 46 27.33 -49.80 2.10
CA LEU G 46 26.21 -49.10 1.51
C LEU G 46 25.97 -49.59 0.08
N LEU G 47 24.79 -50.14 -0.18
CA LEU G 47 24.42 -50.56 -1.53
C LEU G 47 23.68 -49.47 -2.28
N ILE G 48 22.62 -48.95 -1.69
CA ILE G 48 21.71 -48.02 -2.34
C ILE G 48 21.54 -46.82 -1.40
N HIS G 49 21.51 -45.63 -1.97
CA HIS G 49 21.13 -44.46 -1.22
C HIS G 49 20.12 -43.67 -2.02
N GLY G 50 19.50 -42.70 -1.37
CA GLY G 50 18.25 -42.23 -1.88
C GLY G 50 17.27 -43.39 -1.93
N ALA G 51 16.22 -43.22 -2.71
CA ALA G 51 15.32 -44.34 -2.92
C ALA G 51 16.01 -45.45 -3.72
N SER G 52 16.74 -45.07 -4.75
CA SER G 52 17.19 -46.03 -5.75
C SER G 52 18.53 -45.69 -6.38
N THR G 53 19.20 -44.63 -5.96
CA THR G 53 20.48 -44.25 -6.53
C THR G 53 21.54 -45.23 -6.05
N ARG G 54 22.05 -46.05 -6.95
CA ARG G 54 23.04 -47.04 -6.58
C ARG G 54 24.36 -46.36 -6.25
N ALA G 55 25.01 -46.83 -5.19
CA ALA G 55 26.28 -46.25 -4.77
C ALA G 55 27.40 -46.63 -5.72
N THR G 56 28.47 -45.83 -5.69
CA THR G 56 29.61 -46.05 -6.58
C THR G 56 30.33 -47.36 -6.24
N GLY G 57 30.58 -48.16 -7.26
CA GLY G 57 31.24 -49.43 -7.10
C GLY G 57 30.34 -50.59 -6.78
N ILE G 58 29.03 -50.38 -6.77
CA ILE G 58 28.05 -51.42 -6.49
C ILE G 58 27.63 -52.05 -7.82
N PRO G 59 27.63 -53.38 -7.95
CA PRO G 59 27.25 -53.99 -9.21
C PRO G 59 25.85 -53.56 -9.63
N ALA G 60 25.66 -53.44 -10.94
CA ALA G 60 24.35 -53.06 -11.48
C ALA G 60 23.26 -54.07 -11.18
N ARG G 61 23.62 -55.27 -10.71
CA ARG G 61 22.60 -56.25 -10.34
C ARG G 61 21.80 -55.85 -9.11
N PHE G 62 22.34 -54.99 -8.25
CA PHE G 62 21.60 -54.50 -7.10
C PHE G 62 20.69 -53.35 -7.52
N SER G 63 19.40 -53.50 -7.29
CA SER G 63 18.45 -52.46 -7.68
C SER G 63 17.46 -52.24 -6.56
N GLY G 64 17.27 -50.98 -6.19
CA GLY G 64 16.33 -50.59 -5.16
C GLY G 64 15.19 -49.81 -5.77
N SER G 65 14.00 -49.95 -5.18
CA SER G 65 12.83 -49.28 -5.71
C SER G 65 11.89 -48.93 -4.57
N GLY G 66 11.04 -47.94 -4.82
CA GLY G 66 9.99 -47.58 -3.88
C GLY G 66 10.01 -46.10 -3.59
N SER G 67 8.94 -45.66 -2.92
CA SER G 67 8.93 -44.34 -2.32
C SER G 67 7.86 -44.30 -1.25
N GLY G 68 8.02 -43.37 -0.31
CA GLY G 68 7.03 -43.17 0.73
C GLY G 68 7.07 -44.20 1.84
N THR G 69 6.38 -45.31 1.65
CA THR G 69 6.26 -46.32 2.70
C THR G 69 6.76 -47.68 2.27
N GLU G 70 6.45 -48.14 1.07
CA GLU G 70 6.91 -49.42 0.57
C GLU G 70 8.17 -49.25 -0.26
N PHE G 71 9.20 -50.04 0.07
CA PHE G 71 10.48 -50.03 -0.61
C PHE G 71 10.89 -51.47 -0.91
N THR G 72 11.61 -51.65 -2.00
CA THR G 72 12.02 -52.99 -2.41
C THR G 72 13.45 -52.96 -2.94
N LEU G 73 14.31 -53.80 -2.37
CA LEU G 73 15.63 -54.07 -2.91
C LEU G 73 15.59 -55.38 -3.66
N THR G 74 16.17 -55.43 -4.85
CA THR G 74 16.19 -56.63 -5.67
C THR G 74 17.61 -56.92 -6.11
N ILE G 75 18.00 -58.18 -6.04
CA ILE G 75 19.30 -58.64 -6.52
C ILE G 75 19.06 -59.47 -7.78
N SER G 76 19.63 -59.02 -8.89
CA SER G 76 19.25 -59.58 -10.18
C SER G 76 19.99 -60.87 -10.52
N SER G 77 21.20 -61.07 -10.00
CA SER G 77 21.98 -62.27 -10.30
C SER G 77 22.75 -62.66 -9.06
N LEU G 78 22.21 -63.60 -8.28
CA LEU G 78 22.80 -63.95 -7.00
C LEU G 78 24.10 -64.70 -7.22
N GLN G 79 25.22 -64.01 -7.02
CA GLN G 79 26.52 -64.67 -7.03
C GLN G 79 26.72 -65.34 -5.69
N SER G 80 27.85 -66.04 -5.52
CA SER G 80 28.08 -66.73 -4.26
C SER G 80 28.38 -65.75 -3.12
N GLU G 81 28.89 -64.57 -3.42
CA GLU G 81 29.28 -63.63 -2.37
C GLU G 81 28.14 -62.72 -1.92
N ASP G 82 26.96 -62.82 -2.51
CA ASP G 82 25.85 -61.96 -2.11
C ASP G 82 25.13 -62.46 -0.87
N PHE G 83 25.50 -63.63 -0.36
CA PHE G 83 25.01 -64.12 0.92
C PHE G 83 25.41 -63.16 2.04
N ALA G 84 24.45 -62.47 2.63
CA ALA G 84 24.73 -61.49 3.66
C ALA G 84 23.42 -61.12 4.35
N VAL G 85 23.50 -60.18 5.28
CA VAL G 85 22.34 -59.59 5.92
C VAL G 85 22.16 -58.18 5.37
N TYR G 86 20.98 -57.89 4.87
CA TYR G 86 20.67 -56.61 4.23
C TYR G 86 19.76 -55.80 5.13
N TYR G 87 20.18 -54.59 5.47
CA TYR G 87 19.42 -53.71 6.34
C TYR G 87 18.93 -52.52 5.53
N CYS G 88 17.65 -52.20 5.66
CA CYS G 88 17.20 -50.90 5.23
C CYS G 88 17.37 -49.90 6.37
N HIS G 89 17.46 -48.63 6.01
CA HIS G 89 17.77 -47.58 6.96
C HIS G 89 17.13 -46.32 6.45
N GLN G 90 16.51 -45.55 7.34
CA GLN G 90 15.87 -44.31 6.94
C GLN G 90 16.55 -43.16 7.64
N TYR G 91 16.84 -42.12 6.87
CA TYR G 91 17.39 -40.88 7.40
C TYR G 91 16.45 -39.72 7.15
N HIS G 92 15.16 -40.02 7.03
CA HIS G 92 14.17 -38.97 6.86
C HIS G 92 14.05 -38.15 8.13
N ASN G 93 13.64 -38.78 9.21
CA ASN G 93 13.58 -38.14 10.50
C ASN G 93 14.97 -38.09 11.10
N TRP G 94 15.22 -37.07 11.92
CA TRP G 94 16.26 -37.23 12.92
C TRP G 94 15.91 -38.46 13.75
N LEU G 95 16.87 -38.97 14.51
CA LEU G 95 16.69 -40.28 15.14
C LEU G 95 16.52 -41.34 14.04
N LEU G 96 17.61 -41.51 13.31
CA LEU G 96 17.67 -42.50 12.26
C LEU G 96 17.55 -43.92 12.82
N THR G 97 16.82 -44.78 12.09
CA THR G 97 16.49 -46.12 12.53
C THR G 97 16.77 -47.12 11.43
N PHE G 98 16.97 -48.37 11.82
CA PHE G 98 17.33 -49.46 10.92
C PHE G 98 16.27 -50.56 10.98
N GLY G 99 16.16 -51.31 9.88
CA GLY G 99 15.28 -52.45 9.83
C GLY G 99 15.85 -53.65 10.56
N GLY G 100 15.10 -54.75 10.52
CA GLY G 100 15.52 -55.96 11.21
C GLY G 100 16.55 -56.79 10.49
N GLY G 101 16.78 -56.53 9.21
CA GLY G 101 17.75 -57.29 8.45
C GLY G 101 17.22 -58.56 7.85
N THR G 102 17.46 -58.76 6.55
CA THR G 102 17.08 -59.98 5.84
C THR G 102 18.33 -60.77 5.52
N LYS G 103 18.41 -61.99 6.02
CA LYS G 103 19.54 -62.86 5.74
C LYS G 103 19.25 -63.62 4.46
N VAL G 104 19.99 -63.32 3.40
CA VAL G 104 19.78 -63.92 2.10
C VAL G 104 20.63 -65.18 2.04
N GLU G 105 20.02 -66.32 2.38
CA GLU G 105 20.70 -67.59 2.24
C GLU G 105 20.74 -68.00 0.79
N ILE G 106 21.73 -68.80 0.43
CA ILE G 106 21.90 -69.27 -0.94
C ILE G 106 21.89 -70.80 -0.95
N LYS G 107 21.05 -71.38 -1.80
CA LYS G 107 20.97 -72.83 -1.97
C LYS G 107 21.97 -73.34 -3.00
N ASN H 33 -1.92 20.43 -44.29
CA ASN H 33 -3.29 20.72 -44.72
C ASN H 33 -3.99 21.65 -43.75
N CYS H 34 -3.51 22.89 -43.68
CA CYS H 34 -4.09 23.87 -42.77
C CYS H 34 -5.46 24.33 -43.27
N VAL H 35 -6.23 24.89 -42.34
CA VAL H 35 -7.52 25.48 -42.70
C VAL H 35 -7.25 26.93 -43.09
N ALA H 36 -7.69 27.31 -44.29
CA ALA H 36 -7.49 28.67 -44.74
C ALA H 36 -8.48 29.60 -44.02
N TYR H 37 -7.95 30.58 -43.31
CA TYR H 37 -8.75 31.53 -42.56
C TYR H 37 -8.90 32.83 -43.33
N SER H 38 -10.13 33.29 -43.45
CA SER H 38 -10.43 34.62 -43.96
C SER H 38 -11.51 35.22 -43.08
N ASN H 39 -11.52 36.53 -42.99
CA ASN H 39 -12.43 37.24 -42.10
C ASN H 39 -13.83 37.41 -42.67
N ASN H 40 -14.18 36.82 -43.82
CA ASN H 40 -15.53 36.97 -44.32
C ASN H 40 -16.02 35.76 -45.10
N SER H 41 -15.54 34.57 -44.76
CA SER H 41 -16.04 33.33 -45.35
C SER H 41 -16.33 32.34 -44.25
N ILE H 42 -17.46 31.65 -44.35
CA ILE H 42 -17.86 30.63 -43.38
C ILE H 42 -18.13 29.33 -44.13
N ALA H 43 -17.61 28.22 -43.61
CA ALA H 43 -17.89 26.90 -44.14
C ALA H 43 -19.07 26.30 -43.40
N ILE H 44 -20.13 25.96 -44.13
CA ILE H 44 -21.35 25.39 -43.57
C ILE H 44 -21.51 23.98 -44.13
N PRO H 45 -21.74 22.96 -43.30
CA PRO H 45 -21.95 21.61 -43.83
C PRO H 45 -23.30 21.47 -44.51
N THR H 46 -23.27 20.96 -45.75
CA THR H 46 -24.48 20.71 -46.52
C THR H 46 -25.04 19.31 -46.32
N ASN H 47 -24.35 18.44 -45.59
CA ASN H 47 -24.82 17.09 -45.37
C ASN H 47 -24.43 16.65 -43.97
N PHE H 48 -24.77 15.40 -43.63
CA PHE H 48 -24.36 14.82 -42.36
C PHE H 48 -24.11 13.34 -42.56
N THR H 49 -23.39 12.74 -41.61
CA THR H 49 -23.40 11.30 -41.42
C THR H 49 -23.77 10.98 -39.98
N ILE H 50 -24.67 10.02 -39.80
CA ILE H 50 -24.91 9.44 -38.49
C ILE H 50 -23.88 8.33 -38.28
N SER H 51 -23.20 8.36 -37.14
CA SER H 51 -22.20 7.35 -36.85
C SER H 51 -22.41 6.79 -35.46
N VAL H 52 -21.89 5.60 -35.22
CA VAL H 52 -21.99 4.92 -33.95
C VAL H 52 -20.58 4.54 -33.51
N THR H 53 -20.20 4.97 -32.30
CA THR H 53 -18.89 4.72 -31.73
C THR H 53 -19.05 3.89 -30.47
N THR H 54 -18.25 2.85 -30.35
CA THR H 54 -18.34 1.90 -29.24
C THR H 54 -17.42 2.32 -28.10
N GLU H 55 -17.94 2.30 -26.89
CA GLU H 55 -17.15 2.58 -25.69
C GLU H 55 -17.27 1.45 -24.69
N ILE H 56 -16.14 1.02 -24.14
CA ILE H 56 -16.08 -0.13 -23.24
C ILE H 56 -15.46 0.31 -21.92
N LEU H 57 -16.15 0.03 -20.82
CA LEU H 57 -15.68 0.39 -19.48
C LEU H 57 -15.82 -0.80 -18.55
N PRO H 58 -14.78 -1.15 -17.80
CA PRO H 58 -14.93 -2.17 -16.76
C PRO H 58 -15.82 -1.66 -15.65
N VAL H 59 -16.50 -2.59 -14.98
CA VAL H 59 -17.42 -2.22 -13.91
C VAL H 59 -17.08 -2.95 -12.62
N SER H 60 -16.67 -4.21 -12.72
CA SER H 60 -16.38 -5.00 -11.54
C SER H 60 -15.25 -5.97 -11.85
N MET H 61 -14.86 -6.73 -10.84
CA MET H 61 -13.90 -7.82 -10.99
C MET H 61 -14.35 -8.99 -10.14
N THR H 62 -13.82 -10.17 -10.45
CA THR H 62 -14.22 -11.40 -9.78
C THR H 62 -14.03 -11.32 -8.28
N LYS H 63 -15.10 -11.62 -7.54
CA LYS H 63 -15.12 -11.58 -6.09
C LYS H 63 -14.31 -12.71 -5.47
N THR H 64 -12.99 -12.62 -5.53
CA THR H 64 -12.11 -13.60 -4.90
C THR H 64 -11.79 -13.19 -3.46
N SER H 65 -11.63 -14.19 -2.60
CA SER H 65 -11.21 -13.97 -1.22
C SER H 65 -10.16 -15.01 -0.87
N VAL H 66 -9.33 -14.69 0.13
CA VAL H 66 -8.23 -15.56 0.52
C VAL H 66 -8.18 -15.64 2.03
N ASP H 67 -8.33 -16.85 2.58
CA ASP H 67 -8.22 -17.05 4.02
C ASP H 67 -6.75 -16.99 4.43
N CYS H 68 -6.44 -16.15 5.42
CA CYS H 68 -5.06 -15.96 5.85
C CYS H 68 -4.49 -17.25 6.44
N THR H 69 -5.21 -17.86 7.38
CA THR H 69 -4.64 -19.00 8.09
C THR H 69 -4.49 -20.22 7.18
N MET H 70 -5.47 -20.47 6.31
CA MET H 70 -5.38 -21.62 5.43
C MET H 70 -4.31 -21.44 4.37
N TYR H 71 -4.02 -20.19 4.00
CA TYR H 71 -2.93 -19.93 3.07
C TYR H 71 -1.58 -20.12 3.74
N ILE H 72 -1.38 -19.52 4.91
CA ILE H 72 -0.08 -19.57 5.56
C ILE H 72 0.15 -20.92 6.22
N CYS H 73 -0.83 -21.41 6.96
CA CYS H 73 -0.71 -22.63 7.76
C CYS H 73 -1.69 -23.67 7.21
N GLY H 74 -1.22 -24.56 6.35
CA GLY H 74 -2.14 -25.51 5.77
C GLY H 74 -2.48 -26.68 6.68
N ASP H 75 -3.65 -26.63 7.30
CA ASP H 75 -4.12 -27.69 8.21
C ASP H 75 -3.12 -28.00 9.31
N SER H 76 -2.44 -26.98 9.81
CA SER H 76 -1.30 -27.16 10.70
C SER H 76 -1.57 -26.40 11.98
N THR H 77 -1.60 -27.10 13.11
CA THR H 77 -1.87 -26.46 14.38
C THR H 77 -0.62 -25.78 14.93
N GLU H 78 0.56 -26.33 14.70
CA GLU H 78 1.77 -25.69 15.18
C GLU H 78 2.00 -24.36 14.49
N CYS H 79 1.75 -24.29 13.19
CA CYS H 79 1.84 -23.02 12.49
C CYS H 79 0.77 -22.05 12.95
N SER H 80 -0.43 -22.54 13.23
CA SER H 80 -1.51 -21.67 13.69
C SER H 80 -1.18 -21.03 15.03
N ASN H 81 -0.61 -21.81 15.96
CA ASN H 81 -0.24 -21.24 17.26
C ASN H 81 0.87 -20.21 17.12
N LEU H 82 1.84 -20.45 16.25
CA LEU H 82 2.89 -19.47 16.02
C LEU H 82 2.33 -18.21 15.37
N LEU H 83 1.35 -18.38 14.48
CA LEU H 83 0.75 -17.23 13.82
C LEU H 83 -0.08 -16.39 14.78
N LEU H 84 -0.65 -17.00 15.81
CA LEU H 84 -1.46 -16.24 16.77
C LEU H 84 -0.65 -15.16 17.46
N GLN H 85 0.66 -15.34 17.55
CA GLN H 85 1.51 -14.34 18.18
C GLN H 85 1.66 -13.09 17.35
N TYR H 86 1.19 -13.08 16.11
CA TYR H 86 1.26 -11.90 15.28
C TYR H 86 0.01 -11.06 15.38
N GLY H 87 -0.98 -11.50 16.13
CA GLY H 87 -2.10 -10.63 16.45
C GLY H 87 -3.13 -10.64 15.35
N SER H 88 -3.53 -9.44 14.95
CA SER H 88 -4.65 -9.23 14.06
C SER H 88 -4.29 -9.22 12.59
N PHE H 89 -3.08 -9.65 12.22
CA PHE H 89 -2.69 -9.55 10.81
C PHE H 89 -3.61 -10.38 9.92
N CYS H 90 -3.96 -11.60 10.32
CA CYS H 90 -4.91 -12.38 9.54
C CYS H 90 -6.27 -11.70 9.44
N THR H 91 -6.84 -11.29 10.57
CA THR H 91 -8.18 -10.73 10.53
C THR H 91 -8.21 -9.38 9.82
N GLN H 92 -7.13 -8.62 9.87
CA GLN H 92 -7.05 -7.39 9.09
C GLN H 92 -7.08 -7.67 7.60
N LEU H 93 -6.35 -8.68 7.16
CA LEU H 93 -6.30 -9.02 5.75
C LEU H 93 -7.63 -9.56 5.25
N ASN H 94 -8.30 -10.36 6.07
CA ASN H 94 -9.60 -10.89 5.68
C ASN H 94 -10.64 -9.78 5.53
N ARG H 95 -10.61 -8.79 6.43
CA ARG H 95 -11.50 -7.64 6.28
C ARG H 95 -11.24 -6.88 4.99
N ALA H 96 -9.96 -6.74 4.61
CA ALA H 96 -9.63 -5.99 3.40
C ALA H 96 -10.16 -6.68 2.16
N LEU H 97 -9.94 -7.99 2.04
CA LEU H 97 -10.41 -8.70 0.86
C LEU H 97 -11.92 -8.78 0.83
N THR H 98 -12.55 -8.96 1.99
CA THR H 98 -14.01 -8.98 2.04
C THR H 98 -14.59 -7.63 1.64
N GLY H 99 -13.95 -6.55 2.06
CA GLY H 99 -14.42 -5.22 1.65
C GLY H 99 -14.34 -5.03 0.15
N ILE H 100 -13.24 -5.47 -0.47
CA ILE H 100 -13.12 -5.37 -1.91
C ILE H 100 -14.22 -6.17 -2.61
N ALA H 101 -14.47 -7.39 -2.13
CA ALA H 101 -15.50 -8.23 -2.74
C ALA H 101 -16.89 -7.63 -2.62
N VAL H 102 -17.17 -6.88 -1.56
CA VAL H 102 -18.48 -6.26 -1.44
C VAL H 102 -18.59 -5.03 -2.32
N GLU H 103 -17.48 -4.34 -2.56
CA GLU H 103 -17.51 -3.20 -3.48
C GLU H 103 -17.93 -3.62 -4.87
N GLN H 104 -17.67 -4.88 -5.25
CA GLN H 104 -17.97 -5.32 -6.60
C GLN H 104 -19.48 -5.41 -6.83
N ASP H 105 -20.22 -5.86 -5.82
CA ASP H 105 -21.68 -5.83 -5.94
C ASP H 105 -22.21 -4.41 -5.99
N LYS H 106 -21.64 -3.51 -5.18
CA LYS H 106 -22.05 -2.11 -5.24
C LYS H 106 -21.81 -1.52 -6.62
N ASN H 107 -20.64 -1.78 -7.20
CA ASN H 107 -20.33 -1.28 -8.54
C ASN H 107 -21.38 -1.70 -9.56
N THR H 108 -21.73 -2.99 -9.57
CA THR H 108 -22.69 -3.48 -10.55
C THR H 108 -24.08 -2.90 -10.32
N GLN H 109 -24.48 -2.77 -9.06
CA GLN H 109 -25.76 -2.15 -8.74
C GLN H 109 -25.82 -0.69 -9.18
N GLU H 110 -24.77 0.08 -8.88
CA GLU H 110 -24.78 1.50 -9.23
C GLU H 110 -24.88 1.74 -10.73
N VAL H 111 -24.35 0.83 -11.54
CA VAL H 111 -24.39 1.02 -12.98
C VAL H 111 -25.72 0.56 -13.56
N PHE H 112 -26.10 -0.69 -13.30
CA PHE H 112 -27.19 -1.31 -14.03
C PHE H 112 -28.54 -1.17 -13.35
N ALA H 113 -28.58 -1.10 -12.03
CA ALA H 113 -29.86 -1.09 -11.32
C ALA H 113 -30.50 0.28 -11.32
N GLN H 114 -30.15 1.15 -12.28
CA GLN H 114 -30.77 2.46 -12.36
C GLN H 114 -32.22 2.42 -12.82
N VAL H 115 -32.59 1.43 -13.63
CA VAL H 115 -33.94 1.37 -14.16
C VAL H 115 -34.88 0.79 -13.10
N LYS H 116 -35.94 1.52 -12.81
CA LYS H 116 -36.84 1.20 -11.71
C LYS H 116 -37.93 0.21 -12.10
N GLN H 117 -38.26 0.10 -13.38
CA GLN H 117 -39.34 -0.74 -13.85
C GLN H 117 -38.89 -1.46 -15.11
N ILE H 118 -39.30 -2.71 -15.26
CA ILE H 118 -38.84 -3.55 -16.36
C ILE H 118 -39.80 -3.33 -17.53
N TYR H 119 -39.54 -2.29 -18.31
CA TYR H 119 -40.29 -2.05 -19.53
C TYR H 119 -39.84 -3.01 -20.63
N CYS H 120 -40.67 -3.15 -21.65
CA CYS H 120 -40.43 -4.10 -22.73
C CYS H 120 -40.78 -3.46 -24.07
N THR H 121 -40.00 -3.81 -25.11
CA THR H 121 -40.25 -3.26 -26.44
C THR H 121 -41.43 -3.97 -27.11
N PRO H 122 -42.14 -3.26 -27.99
CA PRO H 122 -43.25 -3.89 -28.69
C PRO H 122 -42.75 -4.99 -29.62
N PRO H 123 -43.57 -6.01 -29.86
CA PRO H 123 -43.15 -7.08 -30.78
C PRO H 123 -42.93 -6.60 -32.21
N ILE H 124 -43.68 -5.59 -32.65
CA ILE H 124 -43.52 -5.08 -34.02
C ILE H 124 -42.48 -3.98 -34.02
N LYS H 125 -41.65 -3.99 -35.06
CA LYS H 125 -40.53 -3.05 -35.22
C LYS H 125 -40.86 -1.91 -36.18
N ASP H 126 -42.10 -1.42 -36.15
CA ASP H 126 -42.50 -0.30 -37.00
C ASP H 126 -42.04 1.02 -36.40
N PHE H 127 -40.72 1.14 -36.25
CA PHE H 127 -40.09 2.34 -35.73
C PHE H 127 -39.77 3.35 -36.82
N GLY H 128 -40.21 3.10 -38.04
CA GLY H 128 -39.98 4.03 -39.12
C GLY H 128 -38.68 3.85 -39.86
N GLY H 129 -38.21 2.62 -39.99
CA GLY H 129 -36.98 2.32 -40.67
C GLY H 129 -35.82 2.01 -39.76
N PHE H 130 -35.92 2.34 -38.48
CA PHE H 130 -34.83 2.10 -37.54
C PHE H 130 -34.87 0.64 -37.10
N ASN H 131 -33.77 -0.06 -37.32
CA ASN H 131 -33.64 -1.49 -37.03
C ASN H 131 -32.80 -1.68 -35.77
N PHE H 132 -33.45 -1.99 -34.66
CA PHE H 132 -32.78 -2.24 -33.39
C PHE H 132 -32.56 -3.72 -33.11
N SER H 133 -32.78 -4.59 -34.09
CA SER H 133 -32.68 -6.03 -33.82
C SER H 133 -31.28 -6.44 -33.42
N GLN H 134 -30.26 -5.65 -33.75
CA GLN H 134 -28.90 -5.99 -33.36
C GLN H 134 -28.64 -5.75 -31.89
N ILE H 135 -29.41 -4.88 -31.24
CA ILE H 135 -29.19 -4.55 -29.83
C ILE H 135 -30.31 -5.03 -28.92
N LEU H 136 -31.43 -5.43 -29.46
CA LEU H 136 -32.51 -5.97 -28.64
C LEU H 136 -32.34 -7.47 -28.45
N PRO H 137 -32.90 -8.03 -27.38
CA PRO H 137 -32.76 -9.47 -27.12
C PRO H 137 -33.39 -10.32 -28.21
N ASP H 138 -32.85 -11.53 -28.38
CA ASP H 138 -33.33 -12.47 -29.38
C ASP H 138 -34.19 -13.53 -28.73
N PRO H 139 -35.48 -13.63 -29.05
CA PRO H 139 -36.26 -14.76 -28.53
C PRO H 139 -35.76 -16.10 -29.03
N SER H 140 -35.10 -16.12 -30.20
CA SER H 140 -34.59 -17.37 -30.75
C SER H 140 -33.40 -17.91 -29.97
N LYS H 141 -32.63 -17.03 -29.33
CA LYS H 141 -31.49 -17.48 -28.56
C LYS H 141 -31.94 -18.20 -27.29
N PRO H 142 -31.12 -19.12 -26.77
CA PRO H 142 -31.48 -19.76 -25.50
C PRO H 142 -31.51 -18.79 -24.33
N SER H 143 -30.85 -17.64 -24.44
CA SER H 143 -30.87 -16.62 -23.41
C SER H 143 -31.31 -15.31 -24.03
N LYS H 144 -31.95 -14.47 -23.21
CA LYS H 144 -32.44 -13.17 -23.68
C LYS H 144 -31.26 -12.19 -23.81
N ARG H 145 -30.33 -12.57 -24.67
CA ARG H 145 -29.07 -11.86 -24.87
C ARG H 145 -28.97 -11.46 -26.33
N SER H 146 -28.71 -10.18 -26.57
CA SER H 146 -28.77 -9.60 -27.90
C SER H 146 -27.61 -10.07 -28.76
N PRO H 147 -27.68 -9.88 -30.08
CA PRO H 147 -26.64 -10.44 -30.95
C PRO H 147 -25.31 -9.74 -30.84
N ILE H 148 -25.26 -8.59 -30.17
CA ILE H 148 -23.98 -7.93 -29.90
C ILE H 148 -23.41 -8.39 -28.57
N GLU H 149 -24.25 -8.58 -27.55
CA GLU H 149 -23.78 -9.20 -26.33
C GLU H 149 -23.39 -10.66 -26.52
N ASP H 150 -23.93 -11.34 -27.53
CA ASP H 150 -23.44 -12.67 -27.85
C ASP H 150 -21.97 -12.64 -28.24
N LEU H 151 -21.60 -11.70 -29.09
CA LEU H 151 -20.19 -11.56 -29.46
C LEU H 151 -19.35 -11.10 -28.29
N LEU H 152 -19.92 -10.28 -27.41
CA LEU H 152 -19.17 -9.78 -26.26
C LEU H 152 -18.84 -10.89 -25.28
N PHE H 153 -19.80 -11.78 -25.00
CA PHE H 153 -19.52 -12.84 -24.04
C PHE H 153 -18.64 -13.93 -24.65
N ASN H 154 -18.72 -14.14 -25.95
CA ASN H 154 -17.88 -15.14 -26.60
C ASN H 154 -16.48 -14.64 -26.89
N LYS H 155 -16.19 -13.36 -26.64
CA LYS H 155 -14.87 -12.81 -26.93
C LYS H 155 -14.05 -12.49 -25.69
N VAL H 156 -14.67 -12.32 -24.53
CA VAL H 156 -13.96 -12.13 -23.28
C VAL H 156 -13.87 -13.48 -22.60
N THR H 157 -12.68 -14.05 -22.55
CA THR H 157 -12.43 -15.34 -21.95
C THR H 157 -11.38 -15.22 -20.86
N LEU H 158 -11.62 -15.91 -19.75
CA LEU H 158 -10.66 -15.92 -18.67
C LEU H 158 -9.53 -16.89 -18.99
N ALA H 159 -8.49 -16.89 -18.15
CA ALA H 159 -7.30 -17.67 -18.43
C ALA H 159 -7.63 -19.16 -18.52
N ASP H 160 -6.85 -19.86 -19.34
CA ASP H 160 -7.01 -21.31 -19.48
C ASP H 160 -6.40 -22.00 -18.29
N ALA H 161 -7.14 -22.94 -17.70
CA ALA H 161 -6.73 -23.66 -16.49
C ALA H 161 -6.43 -22.71 -15.34
N GLY H 162 -7.06 -21.54 -15.35
CA GLY H 162 -6.89 -20.60 -14.27
C GLY H 162 -7.68 -21.01 -13.03
N PHE H 163 -7.23 -20.52 -11.88
CA PHE H 163 -7.87 -20.90 -10.62
C PHE H 163 -9.34 -20.51 -10.60
N ILE H 164 -9.71 -19.44 -11.30
CA ILE H 164 -11.12 -19.05 -11.39
C ILE H 164 -11.93 -20.17 -12.02
N LYS H 165 -11.37 -20.83 -13.03
CA LYS H 165 -12.04 -21.97 -13.66
C LYS H 165 -11.84 -23.24 -12.83
N GLN H 166 -10.61 -23.48 -12.38
CA GLN H 166 -10.32 -24.67 -11.60
C GLN H 166 -11.19 -24.75 -10.35
N TYR H 167 -11.46 -23.60 -9.73
CA TYR H 167 -12.32 -23.61 -8.56
C TYR H 167 -13.72 -24.09 -8.91
N GLY H 168 -14.18 -23.81 -10.13
CA GLY H 168 -15.49 -24.26 -10.56
C GLY H 168 -15.62 -25.76 -10.63
N ASP H 169 -14.50 -26.48 -10.77
CA ASP H 169 -14.58 -27.93 -10.84
C ASP H 169 -14.74 -28.58 -9.47
N CYS H 170 -13.92 -28.21 -8.49
CA CYS H 170 -14.10 -28.85 -7.18
C CYS H 170 -15.35 -28.36 -6.49
N LEU H 171 -15.84 -27.17 -6.82
CA LEU H 171 -17.05 -26.68 -6.19
C LEU H 171 -18.27 -27.43 -6.71
N GLY H 172 -18.22 -27.90 -7.96
CA GLY H 172 -19.30 -28.66 -8.56
C GLY H 172 -20.67 -28.02 -8.46
N ASP H 173 -20.71 -26.69 -8.42
CA ASP H 173 -21.95 -25.92 -8.29
C ASP H 173 -22.70 -26.22 -7.00
N ILE H 174 -22.02 -26.78 -6.00
CA ILE H 174 -22.62 -27.09 -4.72
C ILE H 174 -22.00 -26.16 -3.68
N ALA H 175 -22.83 -25.39 -2.99
CA ALA H 175 -22.34 -24.44 -1.99
C ALA H 175 -21.66 -25.14 -0.82
N ALA H 176 -22.07 -26.38 -0.51
CA ALA H 176 -21.48 -27.07 0.63
C ALA H 176 -20.03 -27.48 0.38
N ARG H 177 -19.60 -27.50 -0.88
CA ARG H 177 -18.25 -27.89 -1.22
C ARG H 177 -17.23 -26.77 -1.00
N ASP H 178 -17.70 -25.56 -0.70
CA ASP H 178 -16.82 -24.39 -0.59
C ASP H 178 -15.68 -24.62 0.40
N LEU H 179 -15.98 -25.17 1.58
CA LEU H 179 -14.92 -25.36 2.57
C LEU H 179 -13.90 -26.38 2.11
N ILE H 180 -14.33 -27.47 1.48
CA ILE H 180 -13.39 -28.47 1.00
C ILE H 180 -12.69 -27.98 -0.26
N CYS H 181 -13.44 -27.36 -1.17
CA CYS H 181 -12.86 -26.86 -2.41
C CYS H 181 -11.84 -25.76 -2.13
N ALA H 182 -12.13 -24.87 -1.17
CA ALA H 182 -11.15 -23.86 -0.78
C ALA H 182 -9.90 -24.47 -0.17
N GLN H 183 -10.04 -25.58 0.56
CA GLN H 183 -8.89 -26.24 1.14
C GLN H 183 -7.91 -26.74 0.08
N LYS H 184 -8.43 -27.19 -1.06
CA LYS H 184 -7.55 -27.68 -2.10
C LYS H 184 -6.70 -26.56 -2.68
N PHE H 185 -7.32 -25.43 -2.99
CA PHE H 185 -6.64 -24.29 -3.61
C PHE H 185 -6.03 -23.31 -2.62
N ASN H 186 -5.39 -23.82 -1.56
CA ASN H 186 -4.66 -23.00 -0.59
C ASN H 186 -5.48 -21.83 -0.05
N GLY H 187 -6.74 -22.08 0.29
CA GLY H 187 -7.54 -21.03 0.87
C GLY H 187 -8.19 -20.08 -0.10
N LEU H 188 -7.81 -20.09 -1.37
CA LEU H 188 -8.42 -19.19 -2.35
C LEU H 188 -9.87 -19.59 -2.56
N THR H 189 -10.75 -18.59 -2.66
CA THR H 189 -12.16 -18.85 -2.91
C THR H 189 -12.75 -17.74 -3.76
N VAL H 190 -13.68 -18.12 -4.62
CA VAL H 190 -14.38 -17.17 -5.48
C VAL H 190 -15.84 -17.14 -5.06
N LEU H 191 -16.37 -15.94 -4.85
CA LEU H 191 -17.74 -15.77 -4.41
C LEU H 191 -18.66 -15.42 -5.57
N PRO H 192 -19.87 -15.96 -5.59
CA PRO H 192 -20.82 -15.65 -6.67
C PRO H 192 -21.35 -14.24 -6.53
N PRO H 193 -21.55 -13.54 -7.65
CA PRO H 193 -22.07 -12.17 -7.59
C PRO H 193 -23.56 -12.14 -7.27
N LEU H 194 -24.00 -11.02 -6.67
CA LEU H 194 -25.41 -10.87 -6.31
C LEU H 194 -26.30 -10.71 -7.53
N LEU H 195 -25.78 -10.16 -8.62
CA LEU H 195 -26.51 -10.08 -9.88
C LEU H 195 -25.84 -11.01 -10.87
N THR H 196 -26.60 -11.96 -11.38
CA THR H 196 -26.08 -12.88 -12.38
C THR H 196 -26.02 -12.20 -13.73
N ASP H 197 -25.26 -12.80 -14.64
CA ASP H 197 -25.17 -12.28 -16.00
C ASP H 197 -26.54 -12.23 -16.66
N GLU H 198 -27.44 -13.13 -16.26
CA GLU H 198 -28.79 -13.11 -16.80
C GLU H 198 -29.59 -11.92 -16.26
N MET H 199 -29.46 -11.64 -14.97
CA MET H 199 -30.17 -10.48 -14.40
C MET H 199 -29.59 -9.17 -14.92
N ILE H 200 -28.27 -9.10 -15.11
CA ILE H 200 -27.67 -7.90 -15.65
C ILE H 200 -28.14 -7.66 -17.08
N ALA H 201 -28.27 -8.73 -17.88
CA ALA H 201 -28.80 -8.58 -19.22
C ALA H 201 -30.25 -8.11 -19.19
N GLN H 202 -31.01 -8.57 -18.20
CA GLN H 202 -32.39 -8.12 -18.07
C GLN H 202 -32.49 -6.62 -17.79
N TYR H 203 -31.59 -6.08 -16.96
CA TYR H 203 -31.62 -4.65 -16.71
C TYR H 203 -31.28 -3.83 -17.95
N THR H 204 -30.29 -4.25 -18.73
CA THR H 204 -30.01 -3.53 -19.97
C THR H 204 -31.15 -3.62 -20.95
N SER H 205 -31.93 -4.70 -20.91
CA SER H 205 -33.09 -4.77 -21.79
C SER H 205 -34.16 -3.78 -21.38
N ALA H 206 -34.34 -3.57 -20.08
CA ALA H 206 -35.25 -2.54 -19.60
C ALA H 206 -34.76 -1.14 -19.96
N LEU H 207 -33.45 -0.88 -19.79
CA LEU H 207 -32.90 0.39 -20.21
C LEU H 207 -33.09 0.63 -21.70
N LEU H 208 -32.88 -0.40 -22.52
CA LEU H 208 -33.06 -0.25 -23.96
C LEU H 208 -34.52 -0.02 -24.32
N ALA H 209 -35.43 -0.78 -23.71
CA ALA H 209 -36.85 -0.62 -24.02
C ALA H 209 -37.35 0.75 -23.62
N GLY H 210 -36.96 1.24 -22.44
CA GLY H 210 -37.36 2.57 -22.03
C GLY H 210 -36.86 3.65 -22.95
N THR H 211 -35.63 3.53 -23.44
CA THR H 211 -35.06 4.54 -24.33
C THR H 211 -35.82 4.59 -25.65
N ILE H 212 -36.10 3.44 -26.24
CA ILE H 212 -36.73 3.42 -27.55
C ILE H 212 -38.19 3.81 -27.48
N THR H 213 -38.84 3.58 -26.34
CA THR H 213 -40.27 3.82 -26.23
C THR H 213 -40.62 5.14 -25.56
N SER H 214 -39.70 5.78 -24.83
CA SER H 214 -40.06 6.97 -24.10
C SER H 214 -38.99 8.05 -24.06
N GLY H 215 -37.85 7.86 -24.72
CA GLY H 215 -36.81 8.88 -24.76
C GLY H 215 -36.23 9.26 -23.41
N TRP H 216 -36.20 10.56 -23.13
CA TRP H 216 -35.65 11.06 -21.88
C TRP H 216 -36.56 10.77 -20.69
N THR H 217 -37.82 10.53 -20.94
CA THR H 217 -38.82 10.71 -19.90
C THR H 217 -38.80 9.60 -18.86
N PHE H 218 -38.38 8.40 -19.24
CA PHE H 218 -38.33 7.33 -18.25
C PHE H 218 -37.21 7.50 -17.25
N GLY H 219 -36.24 8.37 -17.52
CA GLY H 219 -35.17 8.63 -16.58
C GLY H 219 -35.48 9.70 -15.55
N ALA H 220 -36.46 10.56 -15.87
CA ALA H 220 -36.79 11.70 -15.03
C ALA H 220 -38.15 11.61 -14.37
N GLY H 221 -38.97 10.63 -14.74
CA GLY H 221 -40.34 10.58 -14.30
C GLY H 221 -41.02 9.29 -14.72
N PRO H 222 -42.33 9.34 -14.92
CA PRO H 222 -43.01 8.22 -15.58
C PRO H 222 -42.65 8.15 -17.05
N ALA H 223 -42.66 6.94 -17.58
CA ALA H 223 -42.30 6.71 -18.99
C ALA H 223 -43.33 7.24 -19.95
N LEU H 224 -43.18 8.50 -20.36
CA LEU H 224 -44.05 9.12 -21.34
C LEU H 224 -43.71 8.59 -22.73
N GLN H 225 -44.61 7.80 -23.31
CA GLN H 225 -44.38 7.25 -24.65
C GLN H 225 -44.28 8.35 -25.70
N ILE H 226 -43.47 8.11 -26.73
CA ILE H 226 -43.37 9.03 -27.86
C ILE H 226 -42.92 8.25 -29.10
N PRO H 227 -43.50 8.50 -30.28
CA PRO H 227 -43.03 7.81 -31.49
C PRO H 227 -41.56 8.06 -31.74
N PHE H 228 -40.84 7.02 -32.16
CA PHE H 228 -39.40 7.17 -32.30
C PHE H 228 -38.98 8.24 -33.30
N PRO H 229 -39.59 8.38 -34.48
CA PRO H 229 -39.18 9.50 -35.34
C PRO H 229 -39.34 10.85 -34.67
N MET H 230 -40.39 11.04 -33.89
CA MET H 230 -40.52 12.31 -33.17
C MET H 230 -39.47 12.42 -32.07
N GLN H 231 -39.17 11.31 -31.39
CA GLN H 231 -38.11 11.33 -30.40
C GLN H 231 -36.77 11.70 -31.01
N MET H 232 -36.42 11.04 -32.10
CA MET H 232 -35.18 11.36 -32.81
C MET H 232 -35.17 12.80 -33.29
N ALA H 233 -36.33 13.32 -33.69
CA ALA H 233 -36.41 14.70 -34.14
C ALA H 233 -36.01 15.68 -33.05
N TYR H 234 -36.35 15.37 -31.79
CA TYR H 234 -35.98 16.22 -30.68
C TYR H 234 -34.52 16.04 -30.26
N ARG H 235 -33.91 14.92 -30.62
CA ARG H 235 -32.46 14.79 -30.49
C ARG H 235 -31.78 15.72 -31.47
N PHE H 236 -32.30 15.82 -32.68
CA PHE H 236 -31.79 16.77 -33.67
C PHE H 236 -31.95 18.19 -33.18
N ASN H 237 -33.15 18.56 -32.76
CA ASN H 237 -33.40 19.89 -32.25
C ASN H 237 -32.55 20.20 -31.02
N GLY H 238 -32.02 19.18 -30.35
CA GLY H 238 -31.13 19.41 -29.23
C GLY H 238 -29.74 19.86 -29.65
N ILE H 239 -29.17 19.19 -30.65
CA ILE H 239 -27.83 19.53 -31.13
C ILE H 239 -27.82 20.81 -31.96
N GLY H 240 -28.99 21.42 -32.15
CA GLY H 240 -29.08 22.64 -32.91
C GLY H 240 -29.47 22.53 -34.36
N VAL H 241 -30.03 21.40 -34.78
CA VAL H 241 -30.49 21.20 -36.15
C VAL H 241 -32.01 21.13 -36.09
N THR H 242 -32.68 21.84 -36.99
CA THR H 242 -34.12 21.91 -36.92
C THR H 242 -34.73 20.52 -37.13
N GLN H 243 -35.95 20.35 -36.62
CA GLN H 243 -36.59 19.05 -36.69
C GLN H 243 -37.06 18.69 -38.10
N ASN H 244 -37.35 19.69 -38.94
CA ASN H 244 -37.76 19.37 -40.29
C ASN H 244 -36.66 18.68 -41.08
N VAL H 245 -35.39 18.85 -40.67
CA VAL H 245 -34.29 18.15 -41.30
C VAL H 245 -34.48 16.64 -41.23
N LEU H 246 -34.90 16.14 -40.07
CA LEU H 246 -35.11 14.70 -39.91
C LEU H 246 -36.28 14.21 -40.75
N TYR H 247 -37.44 14.85 -40.62
CA TYR H 247 -38.64 14.37 -41.31
C TYR H 247 -38.50 14.40 -42.82
N GLU H 248 -37.64 15.26 -43.35
CA GLU H 248 -37.42 15.29 -44.79
C GLU H 248 -36.32 14.34 -45.24
N ASN H 249 -35.51 13.84 -44.32
CA ASN H 249 -34.45 12.90 -44.62
C ASN H 249 -34.59 11.65 -43.77
N GLN H 250 -35.82 11.30 -43.40
CA GLN H 250 -36.04 10.23 -42.44
C GLN H 250 -35.57 8.89 -42.98
N LYS H 251 -35.82 8.64 -44.26
CA LYS H 251 -35.41 7.36 -44.84
C LYS H 251 -33.90 7.25 -44.93
N LEU H 252 -33.23 8.31 -45.35
CA LEU H 252 -31.76 8.31 -45.43
C LEU H 252 -31.13 8.16 -44.06
N ILE H 253 -31.65 8.86 -43.05
CA ILE H 253 -31.10 8.78 -41.71
C ILE H 253 -31.28 7.38 -41.15
N ALA H 254 -32.43 6.76 -41.38
CA ALA H 254 -32.64 5.39 -40.92
C ALA H 254 -31.66 4.41 -41.56
N ASN H 255 -31.37 4.61 -42.84
CA ASN H 255 -30.37 3.76 -43.50
C ASN H 255 -28.99 3.97 -42.92
N GLN H 256 -28.62 5.22 -42.65
CA GLN H 256 -27.32 5.50 -42.05
C GLN H 256 -27.24 4.89 -40.66
N PHE H 257 -28.30 5.01 -39.88
CA PHE H 257 -28.35 4.42 -38.55
C PHE H 257 -28.19 2.90 -38.61
N ASN H 258 -28.93 2.24 -39.50
CA ASN H 258 -28.86 0.79 -39.60
C ASN H 258 -27.49 0.31 -40.05
N SER H 259 -26.91 0.96 -41.05
CA SER H 259 -25.61 0.55 -41.55
C SER H 259 -24.52 0.71 -40.49
N ALA H 260 -24.60 1.77 -39.69
CA ALA H 260 -23.60 2.01 -38.66
C ALA H 260 -23.61 0.92 -37.60
N ILE H 261 -24.80 0.53 -37.13
CA ILE H 261 -24.87 -0.57 -36.17
C ILE H 261 -24.43 -1.88 -36.80
N GLY H 262 -24.69 -2.07 -38.09
CA GLY H 262 -24.23 -3.27 -38.76
C GLY H 262 -22.72 -3.37 -38.79
N LYS H 263 -22.04 -2.23 -38.92
CA LYS H 263 -20.59 -2.22 -38.93
C LYS H 263 -20.00 -2.57 -37.57
N ILE H 264 -20.75 -2.33 -36.49
CA ILE H 264 -20.25 -2.62 -35.14
C ILE H 264 -19.91 -4.10 -35.00
N GLN H 265 -20.78 -4.98 -35.49
CA GLN H 265 -20.55 -6.41 -35.34
C GLN H 265 -19.27 -6.83 -36.06
N ASP H 266 -19.09 -6.37 -37.30
CA ASP H 266 -17.88 -6.71 -38.04
C ASP H 266 -16.65 -6.12 -37.36
N SER H 267 -16.75 -4.90 -36.86
CA SER H 267 -15.62 -4.28 -36.20
C SER H 267 -15.21 -5.05 -34.95
N LEU H 268 -16.18 -5.55 -34.18
CA LEU H 268 -15.83 -6.33 -32.99
C LEU H 268 -15.27 -7.69 -33.37
N SER H 269 -15.86 -8.36 -34.36
CA SER H 269 -15.37 -9.70 -34.74
C SER H 269 -13.99 -9.62 -35.36
N SER H 270 -13.81 -8.74 -36.34
CA SER H 270 -12.54 -8.68 -37.07
C SER H 270 -11.43 -8.06 -36.25
N THR H 271 -11.72 -7.46 -35.10
CA THR H 271 -10.70 -6.86 -34.25
C THR H 271 -10.84 -7.41 -32.84
N PRO H 272 -10.01 -8.40 -32.46
CA PRO H 272 -10.07 -8.93 -31.09
C PRO H 272 -9.35 -8.07 -30.06
N SER H 273 -8.80 -6.93 -30.46
CA SER H 273 -8.16 -6.00 -29.54
C SER H 273 -9.10 -4.91 -29.07
N ALA H 274 -10.39 -5.01 -29.39
CA ALA H 274 -11.37 -4.03 -28.96
C ALA H 274 -11.81 -4.24 -27.53
N LEU H 275 -11.68 -5.46 -27.00
CA LEU H 275 -12.04 -5.78 -25.62
C LEU H 275 -10.79 -5.90 -24.77
N GLY H 276 -9.85 -4.96 -24.92
CA GLY H 276 -8.62 -5.04 -24.18
C GLY H 276 -8.72 -4.55 -22.75
N LYS H 277 -9.62 -3.59 -22.50
CA LYS H 277 -9.78 -3.09 -21.14
C LYS H 277 -10.41 -4.15 -20.24
N LEU H 278 -11.36 -4.92 -20.77
CA LEU H 278 -11.96 -5.97 -19.97
C LEU H 278 -11.01 -7.14 -19.75
N GLN H 279 -10.29 -7.55 -20.79
CA GLN H 279 -9.26 -8.58 -20.63
C GLN H 279 -8.14 -8.13 -19.69
N ASP H 280 -7.81 -6.84 -19.70
CA ASP H 280 -6.76 -6.35 -18.83
C ASP H 280 -7.09 -6.59 -17.37
N VAL H 281 -8.35 -6.34 -16.98
CA VAL H 281 -8.77 -6.60 -15.61
C VAL H 281 -8.64 -8.08 -15.28
N VAL H 282 -9.12 -8.94 -16.17
CA VAL H 282 -9.10 -10.38 -15.93
C VAL H 282 -7.66 -10.90 -15.89
N ASN H 283 -6.80 -10.40 -16.77
CA ASN H 283 -5.41 -10.85 -16.78
C ASN H 283 -4.67 -10.38 -15.54
N GLN H 284 -4.90 -9.15 -15.10
CA GLN H 284 -4.23 -8.65 -13.92
C GLN H 284 -4.62 -9.43 -12.68
N ASN H 285 -5.89 -9.76 -12.53
CA ASN H 285 -6.32 -10.55 -11.38
C ASN H 285 -5.78 -11.96 -11.42
N ALA H 286 -5.77 -12.59 -12.60
CA ALA H 286 -5.24 -13.94 -12.72
C ALA H 286 -3.75 -13.98 -12.41
N GLU H 287 -3.00 -13.00 -12.91
CA GLU H 287 -1.57 -12.96 -12.63
C GLU H 287 -1.28 -12.71 -11.16
N ALA H 288 -2.13 -11.95 -10.47
CA ALA H 288 -1.96 -11.75 -9.04
C ALA H 288 -2.09 -13.06 -8.25
N LEU H 289 -3.16 -13.82 -8.52
CA LEU H 289 -3.34 -15.09 -7.82
C LEU H 289 -2.25 -16.09 -8.13
N ASN H 290 -1.87 -16.22 -9.40
CA ASN H 290 -0.83 -17.16 -9.76
C ASN H 290 0.46 -16.87 -9.00
N THR H 291 0.85 -15.60 -8.92
CA THR H 291 2.03 -15.23 -8.16
C THR H 291 1.85 -15.49 -6.66
N LEU H 292 0.65 -15.27 -6.14
CA LEU H 292 0.41 -15.52 -4.73
C LEU H 292 0.59 -16.99 -4.38
N VAL H 293 0.13 -17.89 -5.26
CA VAL H 293 0.26 -19.31 -4.99
C VAL H 293 1.70 -19.77 -5.15
N LYS H 294 2.39 -19.30 -6.19
CA LYS H 294 3.78 -19.70 -6.38
C LYS H 294 4.69 -19.22 -5.25
N GLN H 295 4.30 -18.18 -4.51
CA GLN H 295 5.07 -17.79 -3.33
C GLN H 295 5.14 -18.89 -2.29
N LEU H 296 4.21 -19.83 -2.29
CA LEU H 296 4.29 -20.94 -1.35
C LEU H 296 5.47 -21.85 -1.62
N SER H 297 6.00 -21.85 -2.84
CA SER H 297 7.17 -22.67 -3.17
C SER H 297 8.48 -22.05 -2.72
N SER H 298 8.50 -20.80 -2.26
CA SER H 298 9.74 -20.17 -1.87
C SER H 298 10.13 -20.55 -0.46
N ASN H 299 11.44 -20.64 -0.22
CA ASN H 299 11.96 -21.05 1.07
C ASN H 299 11.90 -19.95 2.10
N PHE H 300 12.05 -18.70 1.66
CA PHE H 300 12.07 -17.53 2.55
C PHE H 300 13.12 -17.66 3.63
N GLY H 301 14.25 -18.29 3.32
CA GLY H 301 15.31 -18.44 4.26
C GLY H 301 15.15 -19.57 5.26
N ALA H 302 14.10 -20.37 5.16
CA ALA H 302 13.91 -21.50 6.04
C ALA H 302 14.68 -22.70 5.47
N ILE H 303 14.53 -23.86 6.12
CA ILE H 303 15.23 -25.05 5.64
C ILE H 303 14.48 -25.73 4.50
N SER H 304 13.17 -25.53 4.40
CA SER H 304 12.38 -26.12 3.32
C SER H 304 11.14 -25.29 3.13
N SER H 305 10.55 -25.41 1.94
CA SER H 305 9.34 -24.68 1.58
C SER H 305 8.07 -25.45 1.88
N VAL H 306 8.15 -26.64 2.44
CA VAL H 306 6.99 -27.46 2.78
C VAL H 306 6.96 -27.64 4.29
N LEU H 307 5.82 -27.29 4.89
CA LEU H 307 5.69 -27.32 6.33
C LEU H 307 5.72 -28.75 6.87
N ASN H 308 5.23 -29.72 6.11
CA ASN H 308 5.23 -31.10 6.57
C ASN H 308 6.64 -31.64 6.80
N ASP H 309 7.58 -31.31 5.90
CA ASP H 309 8.95 -31.78 6.08
C ASP H 309 9.60 -31.14 7.30
N ILE H 310 9.38 -29.86 7.52
CA ILE H 310 9.95 -29.21 8.70
C ILE H 310 9.48 -29.90 9.96
N LEU H 311 8.20 -30.25 10.01
CA LEU H 311 7.63 -30.84 11.21
C LEU H 311 7.96 -32.33 11.34
N SER H 312 8.05 -33.05 10.23
CA SER H 312 8.28 -34.49 10.29
C SER H 312 9.76 -34.88 10.24
N ARG H 313 10.63 -34.02 9.72
CA ARG H 313 12.05 -34.35 9.64
C ARG H 313 12.89 -33.78 10.77
N LEU H 314 12.43 -32.76 11.47
CA LEU H 314 13.29 -32.01 12.37
C LEU H 314 12.88 -32.21 13.81
N ASP H 315 13.82 -31.87 14.71
CA ASP H 315 13.56 -31.97 16.13
C ASP H 315 12.40 -31.04 16.50
N PRO H 316 11.49 -31.47 17.37
CA PRO H 316 10.33 -30.64 17.71
C PRO H 316 10.71 -29.25 18.22
N PRO H 317 11.75 -29.10 19.06
CA PRO H 317 12.18 -27.73 19.38
C PRO H 317 12.74 -26.99 18.19
N GLU H 318 13.46 -27.67 17.30
CA GLU H 318 14.12 -27.02 16.18
C GLU H 318 13.16 -26.62 15.06
N ALA H 319 11.87 -26.85 15.21
CA ALA H 319 10.93 -26.58 14.12
C ALA H 319 10.36 -25.17 14.18
N GLU H 320 10.15 -24.61 15.37
CA GLU H 320 9.54 -23.30 15.47
C GLU H 320 10.34 -22.24 14.73
N VAL H 321 11.67 -22.31 14.80
CA VAL H 321 12.50 -21.31 14.15
C VAL H 321 12.31 -21.36 12.64
N GLN H 322 12.29 -22.56 12.06
CA GLN H 322 12.10 -22.69 10.62
C GLN H 322 10.69 -22.27 10.21
N ILE H 323 9.68 -22.59 11.01
CA ILE H 323 8.31 -22.19 10.68
C ILE H 323 8.14 -20.68 10.75
N ASP H 324 8.82 -20.02 11.68
CA ASP H 324 8.73 -18.57 11.75
C ASP H 324 9.25 -17.92 10.49
N ARG H 325 10.33 -18.44 9.93
CA ARG H 325 10.83 -17.89 8.67
C ARG H 325 9.82 -18.05 7.56
N LEU H 326 9.16 -19.22 7.49
CA LEU H 326 8.11 -19.42 6.49
C LEU H 326 6.92 -18.51 6.76
N ILE H 327 6.51 -18.37 8.02
CA ILE H 327 5.37 -17.53 8.35
C ILE H 327 5.64 -16.08 7.98
N THR H 328 6.83 -15.59 8.29
CA THR H 328 7.18 -14.21 7.95
C THR H 328 7.14 -14.00 6.44
N GLY H 329 7.72 -14.92 5.68
CA GLY H 329 7.71 -14.78 4.23
C GLY H 329 6.32 -14.89 3.64
N ARG H 330 5.54 -15.87 4.07
CA ARG H 330 4.20 -16.04 3.52
C ARG H 330 3.26 -14.94 3.96
N LEU H 331 3.41 -14.44 5.19
CA LEU H 331 2.58 -13.33 5.63
C LEU H 331 2.90 -12.08 4.83
N GLN H 332 4.17 -11.85 4.51
CA GLN H 332 4.54 -10.70 3.70
C GLN H 332 4.05 -10.83 2.28
N SER H 333 4.04 -12.05 1.75
CA SER H 333 3.48 -12.29 0.42
C SER H 333 1.99 -11.95 0.37
N LEU H 334 1.23 -12.39 1.37
CA LEU H 334 -0.19 -12.06 1.41
C LEU H 334 -0.41 -10.57 1.57
N GLN H 335 0.37 -9.91 2.42
CA GLN H 335 0.22 -8.46 2.58
C GLN H 335 0.46 -7.73 1.26
N THR H 336 1.45 -8.17 0.48
CA THR H 336 1.71 -7.56 -0.81
C THR H 336 0.52 -7.72 -1.75
N TYR H 337 -0.03 -8.94 -1.83
CA TYR H 337 -1.20 -9.17 -2.68
C TYR H 337 -2.39 -8.32 -2.25
N VAL H 338 -2.63 -8.21 -0.94
CA VAL H 338 -3.80 -7.48 -0.47
C VAL H 338 -3.69 -6.00 -0.80
N THR H 339 -2.51 -5.40 -0.61
CA THR H 339 -2.36 -3.99 -0.93
C THR H 339 -2.56 -3.73 -2.41
N GLN H 340 -2.04 -4.61 -3.26
CA GLN H 340 -2.22 -4.44 -4.70
C GLN H 340 -3.69 -4.51 -5.07
N GLN H 341 -4.42 -5.47 -4.51
CA GLN H 341 -5.85 -5.58 -4.77
C GLN H 341 -6.60 -4.34 -4.28
N LEU H 342 -6.17 -3.76 -3.15
CA LEU H 342 -6.82 -2.56 -2.64
C LEU H 342 -6.65 -1.40 -3.62
N ILE H 343 -5.43 -1.22 -4.13
CA ILE H 343 -5.19 -0.16 -5.10
C ILE H 343 -5.94 -0.42 -6.39
N ARG H 344 -5.86 -1.65 -6.90
CA ARG H 344 -6.57 -2.01 -8.13
C ARG H 344 -8.07 -1.89 -7.98
N ALA H 345 -8.62 -2.32 -6.84
CA ALA H 345 -10.06 -2.18 -6.63
C ALA H 345 -10.52 -0.74 -6.68
N ALA H 346 -9.70 0.17 -6.15
CA ALA H 346 -10.01 1.59 -6.24
C ALA H 346 -10.04 2.05 -7.70
N GLU H 347 -9.11 1.54 -8.50
CA GLU H 347 -9.08 1.89 -9.92
C GLU H 347 -10.34 1.43 -10.63
N ILE H 348 -10.79 0.21 -10.36
CA ILE H 348 -12.02 -0.30 -10.98
C ILE H 348 -13.23 0.46 -10.47
N ARG H 349 -13.23 0.86 -9.20
CA ARG H 349 -14.32 1.67 -8.67
C ARG H 349 -14.43 3.00 -9.38
N ALA H 350 -13.30 3.62 -9.71
CA ALA H 350 -13.35 4.86 -10.49
C ALA H 350 -14.00 4.63 -11.84
N SER H 351 -13.63 3.55 -12.52
CA SER H 351 -14.25 3.23 -13.80
C SER H 351 -15.73 2.92 -13.66
N ALA H 352 -16.13 2.31 -12.55
CA ALA H 352 -17.55 2.01 -12.34
C ALA H 352 -18.35 3.27 -12.07
N ASN H 353 -17.78 4.22 -11.34
CA ASN H 353 -18.42 5.52 -11.16
C ASN H 353 -18.59 6.25 -12.49
N LEU H 354 -17.62 6.12 -13.39
CA LEU H 354 -17.74 6.74 -14.71
C LEU H 354 -18.82 6.07 -15.54
N ALA H 355 -18.93 4.74 -15.46
CA ALA H 355 -19.94 4.03 -16.21
C ALA H 355 -21.35 4.37 -15.73
N ALA H 356 -21.52 4.59 -14.43
CA ALA H 356 -22.82 5.00 -13.91
C ALA H 356 -23.17 6.41 -14.36
N THR H 357 -22.19 7.31 -14.42
CA THR H 357 -22.43 8.65 -14.94
C THR H 357 -22.76 8.63 -16.41
N LYS H 358 -22.08 7.78 -17.18
CA LYS H 358 -22.39 7.67 -18.60
C LYS H 358 -23.74 7.01 -18.83
N MET H 359 -24.13 6.10 -17.96
CA MET H 359 -25.48 5.53 -18.06
C MET H 359 -26.54 6.59 -17.89
N SER H 360 -26.45 7.41 -16.84
CA SER H 360 -27.45 8.45 -16.63
C SER H 360 -27.42 9.50 -17.73
N GLU H 361 -26.24 9.97 -18.12
CA GLU H 361 -26.18 11.14 -18.97
C GLU H 361 -26.17 10.83 -20.46
N CYS H 362 -25.62 9.69 -20.87
CA CYS H 362 -25.65 9.35 -22.28
C CYS H 362 -26.89 8.54 -22.65
N VAL H 363 -27.30 7.59 -21.80
CA VAL H 363 -28.42 6.73 -22.13
C VAL H 363 -29.74 7.35 -21.72
N LEU H 364 -29.86 7.84 -20.49
CA LEU H 364 -31.11 8.40 -20.01
C LEU H 364 -31.32 9.84 -20.42
N GLY H 365 -30.38 10.46 -21.11
CA GLY H 365 -30.52 11.84 -21.53
C GLY H 365 -29.78 12.14 -22.80
N GLN H 366 -29.54 13.42 -23.07
CA GLN H 366 -28.72 13.84 -24.20
C GLN H 366 -27.68 14.82 -23.66
N SER H 367 -26.42 14.45 -23.75
CA SER H 367 -25.36 15.23 -23.13
C SER H 367 -24.95 16.40 -24.01
N LYS H 368 -24.69 17.54 -23.38
CA LYS H 368 -24.10 18.69 -24.04
C LYS H 368 -22.59 18.72 -23.88
N ARG H 369 -22.03 17.76 -23.18
CA ARG H 369 -20.59 17.62 -22.98
C ARG H 369 -19.98 16.99 -24.21
N VAL H 370 -18.91 17.58 -24.74
CA VAL H 370 -18.61 17.39 -26.15
C VAL H 370 -18.11 15.98 -26.45
N ASP H 371 -17.07 15.53 -25.74
CA ASP H 371 -16.50 14.21 -25.99
C ASP H 371 -16.91 13.19 -24.95
N PHE H 372 -17.88 13.53 -24.10
CA PHE H 372 -18.32 12.60 -23.08
C PHE H 372 -18.99 11.40 -23.71
N CYS H 373 -20.07 11.62 -24.43
CA CYS H 373 -20.84 10.52 -25.04
C CYS H 373 -20.49 10.37 -26.52
N GLY H 374 -19.23 10.06 -26.79
CA GLY H 374 -18.76 9.88 -28.14
C GLY H 374 -18.34 11.18 -28.79
N LYS H 375 -17.69 11.04 -29.94
CA LYS H 375 -17.27 12.18 -30.74
C LYS H 375 -18.33 12.56 -31.76
N GLY H 376 -18.43 13.86 -32.05
CA GLY H 376 -19.61 14.41 -32.68
C GLY H 376 -20.62 14.92 -31.68
N TYR H 377 -21.75 15.39 -32.21
CA TYR H 377 -22.86 15.82 -31.37
C TYR H 377 -23.67 14.61 -30.95
N HIS H 378 -23.81 14.42 -29.65
CA HIS H 378 -24.48 13.26 -29.10
C HIS H 378 -25.97 13.26 -29.38
N LEU H 379 -26.46 12.19 -30.01
CA LEU H 379 -27.90 11.97 -30.18
C LEU H 379 -28.46 11.05 -29.10
N MET H 380 -27.92 9.85 -28.97
CA MET H 380 -28.38 8.89 -27.97
C MET H 380 -27.34 7.78 -27.84
N SER H 381 -27.51 6.96 -26.80
CA SER H 381 -26.61 5.83 -26.54
C SER H 381 -27.40 4.61 -26.14
N PHE H 382 -26.80 3.44 -26.35
CA PHE H 382 -27.44 2.15 -26.05
C PHE H 382 -26.50 1.34 -25.18
N PRO H 383 -26.91 0.92 -23.98
CA PRO H 383 -26.05 0.07 -23.16
C PRO H 383 -26.09 -1.38 -23.62
N GLN H 384 -24.92 -2.01 -23.64
CA GLN H 384 -24.84 -3.44 -23.87
C GLN H 384 -24.04 -4.09 -22.76
N SER H 385 -24.57 -5.18 -22.21
CA SER H 385 -23.90 -5.89 -21.13
C SER H 385 -22.66 -6.60 -21.64
N ALA H 386 -21.63 -6.65 -20.80
CA ALA H 386 -20.39 -7.32 -21.12
C ALA H 386 -19.82 -7.90 -19.83
N PRO H 387 -18.97 -8.92 -19.93
CA PRO H 387 -18.49 -9.58 -18.70
C PRO H 387 -17.70 -8.62 -17.83
N HIS H 388 -18.24 -8.33 -16.65
CA HIS H 388 -17.63 -7.39 -15.70
C HIS H 388 -17.46 -6.00 -16.30
N GLY H 389 -18.30 -5.64 -17.26
CA GLY H 389 -18.13 -4.37 -17.93
C GLY H 389 -19.43 -3.96 -18.58
N VAL H 390 -19.38 -2.81 -19.24
CA VAL H 390 -20.50 -2.32 -20.04
C VAL H 390 -19.95 -1.77 -21.34
N VAL H 391 -20.72 -1.93 -22.41
CA VAL H 391 -20.40 -1.37 -23.72
C VAL H 391 -21.49 -0.37 -24.09
N PHE H 392 -21.08 0.85 -24.41
CA PHE H 392 -21.98 1.89 -24.89
C PHE H 392 -21.80 2.09 -26.38
N LEU H 393 -22.91 2.13 -27.11
CA LEU H 393 -22.92 2.42 -28.54
C LEU H 393 -23.45 3.85 -28.69
N HIS H 394 -22.55 4.80 -28.90
CA HIS H 394 -22.92 6.22 -28.92
C HIS H 394 -23.30 6.64 -30.33
N VAL H 395 -24.57 7.01 -30.53
CA VAL H 395 -25.04 7.52 -31.80
C VAL H 395 -24.80 9.03 -31.83
N THR H 396 -24.06 9.50 -32.84
CA THR H 396 -23.70 10.91 -32.92
C THR H 396 -23.92 11.44 -34.32
N TYR H 397 -24.10 12.75 -34.39
CA TYR H 397 -24.27 13.49 -35.64
C TYR H 397 -22.93 14.11 -36.02
N VAL H 398 -22.46 13.83 -37.22
CA VAL H 398 -21.22 14.38 -37.73
C VAL H 398 -21.50 15.22 -38.97
N PRO H 399 -21.21 16.52 -38.96
CA PRO H 399 -21.29 17.31 -40.19
C PRO H 399 -20.43 16.75 -41.31
N ALA H 400 -20.91 16.92 -42.54
CA ALA H 400 -20.20 16.43 -43.72
C ALA H 400 -20.47 17.37 -44.89
N GLN H 401 -19.61 17.26 -45.91
CA GLN H 401 -19.73 18.02 -47.17
C GLN H 401 -19.88 19.52 -46.96
N GLU H 402 -18.88 20.10 -46.31
CA GLU H 402 -18.83 21.54 -46.10
C GLU H 402 -18.69 22.31 -47.41
N LYS H 403 -19.32 23.47 -47.46
CA LYS H 403 -19.15 24.43 -48.54
C LYS H 403 -18.93 25.81 -47.95
N ASN H 404 -18.14 26.65 -48.61
CA ASN H 404 -17.78 27.95 -48.08
C ASN H 404 -18.60 29.04 -48.74
N PHE H 405 -19.16 29.94 -47.92
CA PHE H 405 -20.00 31.04 -48.36
C PHE H 405 -19.50 32.33 -47.77
N THR H 406 -19.64 33.42 -48.50
CA THR H 406 -19.36 34.74 -47.95
C THR H 406 -20.36 35.05 -46.83
N THR H 407 -19.87 35.63 -45.75
CA THR H 407 -20.69 35.90 -44.59
C THR H 407 -20.53 37.34 -44.14
N ALA H 408 -21.52 37.84 -43.42
CA ALA H 408 -21.52 39.17 -42.85
C ALA H 408 -22.15 39.14 -41.47
N PRO H 409 -21.69 39.98 -40.55
CA PRO H 409 -22.28 39.99 -39.21
C PRO H 409 -23.66 40.62 -39.13
N ALA H 410 -24.06 41.42 -40.11
CA ALA H 410 -25.30 42.18 -40.00
C ALA H 410 -25.71 42.68 -41.37
N ILE H 411 -26.90 43.25 -41.45
CA ILE H 411 -27.48 43.74 -42.68
C ILE H 411 -27.96 45.16 -42.45
N CYS H 412 -27.61 46.07 -43.36
CA CYS H 412 -28.17 47.43 -43.38
C CYS H 412 -29.33 47.44 -44.36
N HIS H 413 -30.52 47.82 -43.88
CA HIS H 413 -31.65 48.02 -44.79
C HIS H 413 -32.19 49.43 -44.75
N ASP H 414 -32.82 49.85 -43.65
CA ASP H 414 -33.28 51.23 -43.52
C ASP H 414 -32.42 52.02 -42.53
N GLY H 415 -31.12 52.05 -42.72
CA GLY H 415 -30.28 52.72 -41.75
C GLY H 415 -30.13 51.91 -40.48
N LYS H 416 -31.03 50.97 -40.25
CA LYS H 416 -30.97 50.09 -39.09
C LYS H 416 -30.15 48.85 -39.41
N ALA H 417 -29.66 48.20 -38.36
CA ALA H 417 -28.84 47.01 -38.48
C ALA H 417 -29.69 45.79 -38.12
N HIS H 418 -29.63 44.76 -38.94
CA HIS H 418 -30.41 43.55 -38.74
C HIS H 418 -29.47 42.39 -38.41
N PHE H 419 -29.77 41.69 -37.32
CA PHE H 419 -28.97 40.56 -36.89
C PHE H 419 -29.81 39.29 -36.95
N PRO H 420 -29.22 38.16 -37.31
CA PRO H 420 -29.98 36.91 -37.37
C PRO H 420 -30.51 36.52 -36.00
N ARG H 421 -31.76 36.08 -35.96
CA ARG H 421 -32.28 35.49 -34.73
C ARG H 421 -31.59 34.18 -34.44
N GLU H 422 -31.52 33.29 -35.43
CA GLU H 422 -30.79 32.04 -35.34
C GLU H 422 -30.13 31.80 -36.67
N GLY H 423 -28.86 31.41 -36.64
CA GLY H 423 -28.12 31.18 -37.85
C GLY H 423 -27.19 32.31 -38.25
N VAL H 424 -26.83 32.28 -39.53
CA VAL H 424 -25.81 33.17 -40.09
C VAL H 424 -26.27 33.67 -41.44
N PHE H 425 -25.87 34.90 -41.76
CA PHE H 425 -26.08 35.42 -43.10
C PHE H 425 -25.03 34.86 -44.03
N VAL H 426 -25.45 34.34 -45.18
CA VAL H 426 -24.52 33.81 -46.17
C VAL H 426 -24.91 34.34 -47.54
N SER H 427 -23.95 34.34 -48.45
CA SER H 427 -24.15 34.80 -49.81
C SER H 427 -23.68 33.73 -50.77
N ASN H 428 -24.52 33.39 -51.74
CA ASN H 428 -24.12 32.41 -52.74
C ASN H 428 -23.37 33.05 -53.90
N GLY H 429 -23.16 34.36 -53.86
CA GLY H 429 -22.46 35.06 -54.92
C GLY H 429 -23.15 36.34 -55.34
N THR H 430 -24.47 36.36 -55.33
CA THR H 430 -25.20 37.57 -55.69
C THR H 430 -26.27 37.94 -54.67
N HIS H 431 -26.84 36.93 -54.00
CA HIS H 431 -27.94 37.16 -53.07
C HIS H 431 -27.55 36.74 -51.67
N TRP H 432 -28.17 37.36 -50.68
CA TRP H 432 -27.91 37.08 -49.28
C TRP H 432 -29.03 36.25 -48.69
N PHE H 433 -28.66 35.24 -47.90
CA PHE H 433 -29.59 34.34 -47.25
C PHE H 433 -29.24 34.25 -45.77
N VAL H 434 -30.20 33.77 -44.98
CA VAL H 434 -29.97 33.46 -43.58
C VAL H 434 -30.22 31.96 -43.42
N THR H 435 -29.26 31.27 -42.81
CA THR H 435 -29.30 29.83 -42.72
C THR H 435 -28.80 29.38 -41.36
N GLN H 436 -29.23 28.19 -40.96
CA GLN H 436 -28.82 27.64 -39.68
C GLN H 436 -27.35 27.23 -39.70
N ARG H 437 -26.73 27.24 -38.53
CA ARG H 437 -25.29 27.04 -38.42
C ARG H 437 -24.83 25.68 -38.93
N ASN H 438 -25.52 24.60 -38.53
CA ASN H 438 -25.02 23.25 -38.74
C ASN H 438 -25.61 22.56 -39.96
N PHE H 439 -26.30 23.28 -40.82
CA PHE H 439 -26.88 22.65 -42.00
C PHE H 439 -27.19 23.78 -42.97
N TYR H 440 -26.97 23.54 -44.26
CA TYR H 440 -27.20 24.60 -45.25
C TYR H 440 -28.66 24.58 -45.66
N GLU H 441 -29.48 25.38 -44.97
CA GLU H 441 -30.87 25.61 -45.34
C GLU H 441 -31.05 27.11 -45.55
N PRO H 442 -30.90 27.61 -46.77
CA PRO H 442 -31.00 29.04 -47.01
C PRO H 442 -32.45 29.52 -47.03
N GLN H 443 -32.67 30.67 -46.41
CA GLN H 443 -34.00 31.29 -46.35
C GLN H 443 -33.89 32.76 -46.70
N ILE H 444 -35.00 33.31 -47.17
CA ILE H 444 -35.04 34.72 -47.54
C ILE H 444 -34.93 35.56 -46.28
N ILE H 445 -34.08 36.58 -46.31
CA ILE H 445 -33.88 37.41 -45.13
C ILE H 445 -35.14 38.23 -44.90
N THR H 446 -35.73 38.08 -43.72
CA THR H 446 -37.05 38.59 -43.45
C THR H 446 -37.06 39.16 -42.03
N THR H 447 -38.01 40.05 -41.76
CA THR H 447 -38.20 40.55 -40.41
C THR H 447 -38.48 39.41 -39.43
N ASP H 448 -39.05 38.30 -39.92
CA ASP H 448 -39.38 37.19 -39.02
C ASP H 448 -38.13 36.53 -38.45
N ASN H 449 -37.09 36.33 -39.25
CA ASN H 449 -35.90 35.62 -38.79
C ASN H 449 -34.73 36.55 -38.48
N THR H 450 -34.97 37.85 -38.40
CA THR H 450 -33.94 38.82 -38.03
C THR H 450 -34.52 39.77 -36.98
N PHE H 451 -33.64 40.35 -36.18
CA PHE H 451 -34.04 41.37 -35.24
C PHE H 451 -33.16 42.60 -35.44
N VAL H 452 -33.68 43.75 -35.03
CA VAL H 452 -33.08 45.05 -35.33
C VAL H 452 -32.49 45.61 -34.05
N SER H 453 -31.25 46.10 -34.13
CA SER H 453 -30.65 46.81 -33.00
C SER H 453 -29.59 47.75 -33.52
N GLY H 454 -29.66 49.01 -33.10
CA GLY H 454 -28.63 49.96 -33.46
C GLY H 454 -28.80 50.46 -34.88
N ASN H 455 -27.71 51.04 -35.40
CA ASN H 455 -27.72 51.55 -36.76
C ASN H 455 -26.51 51.04 -37.52
N CYS H 456 -26.33 51.51 -38.75
CA CYS H 456 -25.33 50.91 -39.63
C CYS H 456 -23.92 51.41 -39.36
N ASP H 457 -23.74 52.55 -38.70
CA ASP H 457 -22.43 53.18 -38.59
C ASP H 457 -21.58 52.61 -37.46
N VAL H 458 -22.07 51.65 -36.69
CA VAL H 458 -21.37 51.14 -35.53
C VAL H 458 -20.73 49.78 -35.80
N VAL H 459 -21.46 48.87 -36.45
CA VAL H 459 -21.01 47.49 -36.61
C VAL H 459 -19.97 47.42 -37.71
N ILE H 460 -18.86 46.76 -37.41
CA ILE H 460 -17.78 46.59 -38.39
C ILE H 460 -18.08 45.37 -39.24
N GLY H 461 -17.99 45.54 -40.56
CA GLY H 461 -18.31 44.47 -41.48
C GLY H 461 -19.76 44.36 -41.91
N ILE H 462 -20.55 45.39 -41.68
CA ILE H 462 -21.97 45.36 -42.01
C ILE H 462 -22.14 45.53 -43.52
N VAL H 463 -23.17 44.91 -44.07
CA VAL H 463 -23.38 44.87 -45.51
C VAL H 463 -24.79 45.39 -45.82
N ASN H 464 -24.94 46.01 -46.99
CA ASN H 464 -26.22 46.51 -47.44
C ASN H 464 -26.99 45.45 -48.19
N ASN H 465 -28.25 45.24 -47.80
CA ASN H 465 -29.10 44.26 -48.46
C ASN H 465 -30.55 44.58 -48.12
N THR H 466 -31.45 43.91 -48.84
CA THR H 466 -32.88 44.05 -48.62
C THR H 466 -33.32 43.08 -47.55
N VAL H 467 -34.37 43.46 -46.81
CA VAL H 467 -34.98 42.60 -45.81
C VAL H 467 -36.45 42.51 -46.12
N TYR H 468 -36.92 41.31 -46.42
CA TYR H 468 -38.30 41.11 -46.82
C TYR H 468 -39.24 41.36 -45.65
N ASP H 469 -40.42 41.87 -45.96
CA ASP H 469 -41.44 42.17 -44.96
C ASP H 469 -42.73 41.50 -45.37
N PRO H 470 -43.20 40.49 -44.63
CA PRO H 470 -44.39 39.75 -45.08
C PRO H 470 -45.66 40.57 -45.12
N LEU H 471 -45.73 41.69 -44.40
CA LEU H 471 -46.96 42.47 -44.37
C LEU H 471 -47.18 43.27 -45.65
N GLN H 472 -46.10 43.65 -46.34
CA GLN H 472 -46.24 44.50 -47.53
C GLN H 472 -47.03 43.84 -48.65
N PRO H 473 -46.81 42.58 -49.03
CA PRO H 473 -47.64 42.00 -50.09
C PRO H 473 -49.13 41.95 -49.75
N GLU H 474 -49.47 41.77 -48.47
CA GLU H 474 -50.88 41.82 -48.08
C GLU H 474 -51.47 43.21 -48.32
N LEU H 475 -50.70 44.25 -47.98
CA LEU H 475 -51.13 45.62 -48.28
C LEU H 475 -51.00 45.94 -49.75
N ASP H 476 -50.24 45.15 -50.51
CA ASP H 476 -50.09 45.39 -51.93
C ASP H 476 -51.34 45.03 -52.73
N SER H 477 -52.28 44.30 -52.13
CA SER H 477 -53.51 43.95 -52.80
C SER H 477 -54.43 45.16 -52.91
N ASN I 33 -21.91 43.37 4.67
CA ASN I 33 -22.39 43.91 3.40
C ASN I 33 -23.38 42.96 2.75
N CYS I 34 -24.55 42.80 3.37
CA CYS I 34 -25.56 41.90 2.85
C CYS I 34 -26.21 42.49 1.60
N VAL I 35 -26.84 41.62 0.83
CA VAL I 35 -27.60 42.04 -0.33
C VAL I 35 -29.02 42.35 0.15
N ALA I 36 -29.49 43.55 -0.12
CA ALA I 36 -30.83 43.93 0.28
C ALA I 36 -31.86 43.26 -0.63
N TYR I 37 -32.73 42.46 -0.04
CA TYR I 37 -33.75 41.74 -0.78
C TYR I 37 -35.08 42.46 -0.69
N SER I 38 -35.72 42.66 -1.84
CA SER I 38 -37.08 43.14 -1.91
C SER I 38 -37.79 42.33 -2.98
N ASN I 39 -39.09 42.19 -2.83
CA ASN I 39 -39.88 41.36 -3.72
C ASN I 39 -40.26 42.03 -5.03
N ASN I 40 -39.75 43.22 -5.34
CA ASN I 40 -40.11 43.83 -6.62
C ASN I 40 -38.99 44.70 -7.19
N SER I 41 -37.73 44.37 -6.90
CA SER I 41 -36.60 45.05 -7.50
C SER I 41 -35.61 44.03 -8.01
N ILE I 42 -35.08 44.25 -9.21
CA ILE I 42 -34.10 43.37 -9.82
C ILE I 42 -32.87 44.19 -10.20
N ALA I 43 -31.70 43.68 -9.87
CA ALA I 43 -30.44 44.28 -10.27
C ALA I 43 -29.98 43.67 -11.58
N ILE I 44 -29.79 44.50 -12.61
CA ILE I 44 -29.38 44.06 -13.93
C ILE I 44 -28.03 44.70 -14.23
N PRO I 45 -27.02 43.94 -14.65
CA PRO I 45 -25.72 44.54 -15.00
C PRO I 45 -25.79 45.34 -16.28
N THR I 46 -25.32 46.58 -16.20
CA THR I 46 -25.26 47.46 -17.36
C THR I 46 -23.94 47.38 -18.12
N ASN I 47 -22.96 46.63 -17.62
CA ASN I 47 -21.67 46.51 -18.29
C ASN I 47 -21.14 45.09 -18.07
N PHE I 48 -19.95 44.84 -18.59
CA PHE I 48 -19.27 43.57 -18.38
C PHE I 48 -17.77 43.81 -18.31
N THR I 49 -17.06 42.84 -17.75
CA THR I 49 -15.62 42.71 -17.98
C THR I 49 -15.31 41.32 -18.51
N ILE I 50 -14.48 41.26 -19.54
CA ILE I 50 -13.88 40.00 -19.97
C ILE I 50 -12.65 39.75 -19.10
N SER I 51 -12.55 38.55 -18.54
CA SER I 51 -11.40 38.23 -17.71
C SER I 51 -10.83 36.88 -18.11
N VAL I 52 -9.57 36.66 -17.77
CA VAL I 52 -8.88 35.43 -18.06
C VAL I 52 -8.30 34.89 -16.76
N THR I 53 -8.63 33.64 -16.45
CA THR I 53 -8.20 32.98 -15.23
C THR I 53 -7.36 31.77 -15.60
N THR I 54 -6.21 31.63 -14.96
CA THR I 54 -5.26 30.57 -15.27
C THR I 54 -5.51 29.34 -14.41
N GLU I 55 -5.51 28.17 -15.03
CA GLU I 55 -5.66 26.90 -14.32
C GLU I 55 -4.52 25.97 -14.67
N ILE I 56 -3.93 25.34 -13.66
CA ILE I 56 -2.75 24.49 -13.84
C ILE I 56 -3.06 23.11 -13.28
N LEU I 57 -2.84 22.08 -14.10
CA LEU I 57 -3.10 20.70 -13.70
C LEU I 57 -1.91 19.83 -14.07
N PRO I 58 -1.40 19.01 -13.15
CA PRO I 58 -0.37 18.03 -13.53
C PRO I 58 -0.96 16.97 -14.44
N VAL I 59 -0.11 16.41 -15.29
CA VAL I 59 -0.56 15.40 -16.25
C VAL I 59 0.25 14.12 -16.13
N SER I 60 1.55 14.25 -15.87
CA SER I 60 2.41 13.09 -15.80
C SER I 60 3.51 13.34 -14.78
N MET I 61 4.35 12.32 -14.57
CA MET I 61 5.54 12.45 -13.76
C MET I 61 6.68 11.69 -14.44
N THR I 62 7.91 12.00 -14.03
CA THR I 62 9.10 11.43 -14.66
C THR I 62 9.08 9.91 -14.59
N LYS I 63 9.26 9.29 -15.75
CA LYS I 63 9.27 7.83 -15.89
C LYS I 63 10.52 7.20 -15.28
N THR I 64 10.60 7.15 -13.97
CA THR I 64 11.71 6.49 -13.29
C THR I 64 11.39 5.02 -13.04
N SER I 65 12.42 4.19 -13.09
CA SER I 65 12.31 2.76 -12.76
C SER I 65 13.49 2.37 -11.89
N VAL I 66 13.32 1.31 -11.12
CA VAL I 66 14.34 0.85 -10.17
C VAL I 66 14.47 -0.66 -10.27
N ASP I 67 15.66 -1.13 -10.62
CA ASP I 67 15.93 -2.57 -10.66
C ASP I 67 16.08 -3.11 -9.25
N CYS I 68 15.31 -4.14 -8.92
CA CYS I 68 15.33 -4.70 -7.58
C CYS I 68 16.69 -5.27 -7.22
N THR I 69 17.24 -6.13 -8.09
CA THR I 69 18.47 -6.83 -7.74
C THR I 69 19.65 -5.89 -7.68
N MET I 70 19.75 -4.92 -8.60
CA MET I 70 20.88 -4.02 -8.59
C MET I 70 20.80 -3.05 -7.42
N TYR I 71 19.60 -2.77 -6.93
CA TYR I 71 19.45 -1.94 -5.74
C TYR I 71 19.85 -2.72 -4.49
N ILE I 72 19.31 -3.92 -4.32
CA ILE I 72 19.56 -4.68 -3.10
C ILE I 72 20.94 -5.29 -3.11
N CYS I 73 21.32 -5.93 -4.21
CA CYS I 73 22.58 -6.67 -4.31
C CYS I 73 23.46 -6.01 -5.36
N GLY I 74 24.37 -5.15 -4.94
CA GLY I 74 25.17 -4.46 -5.92
C GLY I 74 26.31 -5.29 -6.49
N ASP I 75 26.13 -5.80 -7.70
CA ASP I 75 27.14 -6.62 -8.38
C ASP I 75 27.63 -7.79 -7.53
N SER I 76 26.72 -8.38 -6.75
CA SER I 76 27.08 -9.36 -5.73
C SER I 76 26.32 -10.64 -6.02
N THR I 77 27.06 -11.74 -6.24
CA THR I 77 26.43 -13.01 -6.53
C THR I 77 25.93 -13.69 -5.27
N GLU I 78 26.63 -13.53 -4.15
CA GLU I 78 26.18 -14.14 -2.91
C GLU I 78 24.86 -13.53 -2.46
N CYS I 79 24.72 -12.22 -2.57
CA CYS I 79 23.45 -11.58 -2.25
C CYS I 79 22.36 -12.00 -3.23
N SER I 80 22.70 -12.15 -4.51
CA SER I 80 21.70 -12.55 -5.49
C SER I 80 21.16 -13.95 -5.21
N ASN I 81 22.03 -14.88 -4.84
CA ASN I 81 21.57 -16.23 -4.51
C ASN I 81 20.69 -16.23 -3.27
N LEU I 82 21.03 -15.43 -2.27
CA LEU I 82 20.18 -15.34 -1.08
C LEU I 82 18.85 -14.69 -1.42
N LEU I 83 18.84 -13.72 -2.33
CA LEU I 83 17.61 -13.06 -2.71
C LEU I 83 16.69 -13.98 -3.51
N LEU I 84 17.26 -14.94 -4.23
CA LEU I 84 16.44 -15.86 -5.01
C LEU I 84 15.50 -16.66 -4.14
N GLN I 85 15.85 -16.86 -2.87
CA GLN I 85 14.99 -17.60 -1.96
C GLN I 85 13.74 -16.83 -1.58
N TYR I 86 13.64 -15.56 -1.93
CA TYR I 86 12.45 -14.80 -1.64
C TYR I 86 11.44 -14.81 -2.77
N GLY I 87 11.77 -15.47 -3.87
CA GLY I 87 10.78 -15.74 -4.89
C GLY I 87 10.61 -14.56 -5.81
N SER I 88 9.37 -14.17 -6.01
CA SER I 88 8.97 -13.20 -7.03
C SER I 88 8.97 -11.76 -6.53
N PHE I 89 9.54 -11.48 -5.37
CA PHE I 89 9.45 -10.12 -4.84
C PHE I 89 10.12 -9.11 -5.78
N CYS I 90 11.29 -9.43 -6.32
CA CYS I 90 11.92 -8.54 -7.28
C CYS I 90 11.05 -8.36 -8.53
N THR I 91 10.62 -9.46 -9.14
CA THR I 91 9.88 -9.33 -10.40
C THR I 91 8.53 -8.67 -10.18
N GLN I 92 7.91 -8.85 -9.02
CA GLN I 92 6.67 -8.14 -8.71
C GLN I 92 6.90 -6.63 -8.65
N LEU I 93 8.00 -6.21 -8.02
CA LEU I 93 8.28 -4.79 -7.89
C LEU I 93 8.63 -4.16 -9.23
N ASN I 94 9.37 -4.89 -10.07
CA ASN I 94 9.70 -4.37 -11.39
C ASN I 94 8.45 -4.19 -12.25
N ARG I 95 7.50 -5.12 -12.18
CA ARG I 95 6.24 -4.96 -12.89
C ARG I 95 5.48 -3.72 -12.41
N ALA I 96 5.49 -3.46 -11.12
CA ALA I 96 4.77 -2.32 -10.58
C ALA I 96 5.34 -1.00 -11.08
N LEU I 97 6.66 -0.85 -11.02
CA LEU I 97 7.27 0.39 -11.47
C LEU I 97 7.14 0.55 -12.98
N THR I 98 7.27 -0.55 -13.73
CA THR I 98 7.10 -0.47 -15.17
C THR I 98 5.67 -0.08 -15.54
N GLY I 99 4.69 -0.59 -14.80
CA GLY I 99 3.32 -0.20 -15.05
C GLY I 99 3.08 1.27 -14.82
N ILE I 100 3.63 1.81 -13.74
CA ILE I 100 3.52 3.25 -13.48
C ILE I 100 4.14 4.05 -14.60
N ALA I 101 5.33 3.66 -15.06
CA ALA I 101 6.00 4.39 -16.12
C ALA I 101 5.23 4.36 -17.43
N VAL I 102 4.50 3.30 -17.70
CA VAL I 102 3.70 3.24 -18.93
C VAL I 102 2.43 4.08 -18.80
N GLU I 103 1.89 4.21 -17.59
CA GLU I 103 0.74 5.07 -17.38
C GLU I 103 1.05 6.51 -17.73
N GLN I 104 2.32 6.92 -17.61
CA GLN I 104 2.67 8.31 -17.85
C GLN I 104 2.56 8.66 -19.32
N ASP I 105 2.93 7.75 -20.21
CA ASP I 105 2.71 7.98 -21.63
C ASP I 105 1.23 8.01 -21.97
N LYS I 106 0.44 7.13 -21.36
CA LYS I 106 -1.00 7.15 -21.58
C LYS I 106 -1.60 8.48 -21.14
N ASN I 107 -1.20 8.98 -19.98
CA ASN I 107 -1.71 10.26 -19.48
C ASN I 107 -1.45 11.38 -20.48
N THR I 108 -0.23 11.48 -20.99
CA THR I 108 0.10 12.56 -21.91
C THR I 108 -0.65 12.42 -23.23
N GLN I 109 -0.80 11.19 -23.73
CA GLN I 109 -1.57 10.96 -24.94
C GLN I 109 -3.03 11.33 -24.76
N GLU I 110 -3.65 10.91 -23.66
CA GLU I 110 -5.07 11.19 -23.44
C GLU I 110 -5.37 12.68 -23.39
N VAL I 111 -4.42 13.50 -22.91
CA VAL I 111 -4.66 14.92 -22.80
C VAL I 111 -4.39 15.63 -24.12
N PHE I 112 -3.20 15.46 -24.67
CA PHE I 112 -2.76 16.31 -25.77
C PHE I 112 -3.07 15.73 -27.15
N ALA I 113 -3.09 14.42 -27.30
CA ALA I 113 -3.26 13.81 -28.61
C ALA I 113 -4.70 13.81 -29.08
N GLN I 114 -5.53 14.70 -28.53
CA GLN I 114 -6.92 14.77 -28.95
C GLN I 114 -7.09 15.36 -30.36
N VAL I 115 -6.19 16.23 -30.78
CA VAL I 115 -6.31 16.87 -32.08
C VAL I 115 -5.84 15.92 -33.18
N LYS I 116 -6.70 15.70 -34.17
CA LYS I 116 -6.45 14.69 -35.19
C LYS I 116 -5.64 15.21 -36.36
N GLN I 117 -5.61 16.52 -36.58
CA GLN I 117 -4.93 17.11 -37.72
C GLN I 117 -4.20 18.36 -37.24
N ILE I 118 -3.02 18.60 -37.81
CA ILE I 118 -2.16 19.69 -37.37
C ILE I 118 -2.54 20.93 -38.18
N TYR I 119 -3.57 21.64 -37.71
CA TYR I 119 -3.94 22.91 -38.32
C TYR I 119 -2.96 24.00 -37.90
N CYS I 120 -2.98 25.10 -38.66
CA CYS I 120 -2.04 26.19 -38.43
C CYS I 120 -2.75 27.53 -38.59
N THR I 121 -2.35 28.52 -37.76
CA THR I 121 -2.96 29.84 -37.83
C THR I 121 -2.44 30.62 -39.02
N PRO I 122 -3.26 31.53 -39.55
CA PRO I 122 -2.81 32.35 -40.67
C PRO I 122 -1.70 33.28 -40.24
N PRO I 123 -0.79 33.63 -41.16
CA PRO I 123 0.29 34.55 -40.80
C PRO I 123 -0.19 35.94 -40.39
N ILE I 124 -1.30 36.40 -40.96
CA ILE I 124 -1.84 37.72 -40.62
C ILE I 124 -2.79 37.60 -39.45
N LYS I 125 -2.70 38.56 -38.54
CA LYS I 125 -3.48 38.59 -37.31
C LYS I 125 -4.68 39.52 -37.39
N ASP I 126 -5.35 39.56 -38.55
CA ASP I 126 -6.53 40.40 -38.73
C ASP I 126 -7.76 39.71 -38.15
N PHE I 127 -7.69 39.44 -36.85
CA PHE I 127 -8.79 38.82 -36.12
C PHE I 127 -9.79 39.83 -35.58
N GLY I 128 -9.64 41.11 -35.93
CA GLY I 128 -10.56 42.12 -35.49
C GLY I 128 -10.23 42.75 -34.17
N GLY I 129 -8.94 42.90 -33.86
CA GLY I 129 -8.50 43.48 -32.62
C GLY I 129 -8.02 42.50 -31.58
N PHE I 130 -8.32 41.21 -31.75
CA PHE I 130 -7.90 40.20 -30.81
C PHE I 130 -6.45 39.83 -31.06
N ASN I 131 -5.62 39.99 -30.04
CA ASN I 131 -4.18 39.75 -30.13
C ASN I 131 -3.84 38.44 -29.44
N PHE I 132 -3.58 37.39 -30.22
CA PHE I 132 -3.20 36.09 -29.70
C PHE I 132 -1.69 35.85 -29.71
N SER I 133 -0.89 36.87 -29.94
CA SER I 133 0.55 36.67 -30.05
C SER I 133 1.16 36.16 -28.76
N GLN I 134 0.51 36.38 -27.63
CA GLN I 134 1.03 35.89 -26.36
C GLN I 134 0.87 34.40 -26.20
N ILE I 135 -0.07 33.77 -26.90
CA ILE I 135 -0.31 32.34 -26.77
C ILE I 135 0.04 31.55 -28.02
N LEU I 136 0.26 32.20 -29.13
CA LEU I 136 0.68 31.51 -30.33
C LEU I 136 2.20 31.35 -30.37
N PRO I 137 2.71 30.35 -31.10
CA PRO I 137 4.16 30.16 -31.17
C PRO I 137 4.89 31.33 -31.82
N ASP I 138 6.14 31.50 -31.42
CA ASP I 138 6.98 32.59 -31.93
C ASP I 138 7.95 32.05 -32.97
N PRO I 139 7.87 32.48 -34.23
CA PRO I 139 8.90 32.09 -35.20
C PRO I 139 10.28 32.59 -34.82
N SER I 140 10.35 33.71 -34.08
CA SER I 140 11.63 34.27 -33.68
C SER I 140 12.34 33.41 -32.65
N LYS I 141 11.60 32.67 -31.84
CA LYS I 141 12.22 31.82 -30.82
C LYS I 141 12.91 30.63 -31.48
N PRO I 142 13.94 30.08 -30.84
CA PRO I 142 14.58 28.87 -31.38
C PRO I 142 13.66 27.67 -31.39
N SER I 143 12.59 27.69 -30.59
CA SER I 143 11.61 26.61 -30.55
C SER I 143 10.23 27.21 -30.77
N LYS I 144 9.34 26.41 -31.37
CA LYS I 144 7.98 26.86 -31.64
C LYS I 144 7.16 26.85 -30.35
N ARG I 145 7.64 27.64 -29.39
CA ARG I 145 7.10 27.71 -28.04
C ARG I 145 6.66 29.14 -27.76
N SER I 146 5.42 29.31 -27.31
CA SER I 146 4.79 30.61 -27.19
C SER I 146 5.39 31.38 -26.03
N PRO I 147 5.15 32.70 -25.95
CA PRO I 147 5.82 33.50 -24.92
C PRO I 147 5.29 33.24 -23.52
N ILE I 148 4.18 32.53 -23.38
CA ILE I 148 3.72 32.13 -22.06
C ILE I 148 4.29 30.77 -21.67
N GLU I 149 4.40 29.84 -22.62
CA GLU I 149 5.12 28.60 -22.35
C GLU I 149 6.60 28.83 -22.13
N ASP I 150 7.18 29.91 -22.66
CA ASP I 150 8.55 30.25 -22.32
C ASP I 150 8.71 30.51 -20.84
N LEU I 151 7.79 31.29 -20.26
CA LEU I 151 7.84 31.52 -18.83
C LEU I 151 7.52 30.27 -18.03
N LEU I 152 6.66 29.40 -18.57
CA LEU I 152 6.30 28.18 -17.86
C LEU I 152 7.48 27.22 -17.77
N PHE I 153 8.24 27.06 -18.85
CA PHE I 153 9.36 26.14 -18.81
C PHE I 153 10.54 26.70 -18.03
N ASN I 154 10.70 28.02 -18.02
CA ASN I 154 11.77 28.64 -17.26
C ASN I 154 11.45 28.80 -15.78
N LYS I 155 10.23 28.46 -15.36
CA LYS I 155 9.85 28.62 -13.95
C LYS I 155 9.69 27.30 -13.21
N VAL I 156 9.48 26.19 -13.90
CA VAL I 156 9.42 24.88 -13.29
C VAL I 156 10.79 24.24 -13.44
N THR I 157 11.50 24.12 -12.33
CA THR I 157 12.85 23.56 -12.32
C THR I 157 12.90 22.39 -11.37
N LEU I 158 13.59 21.33 -11.78
CA LEU I 158 13.76 20.18 -10.93
C LEU I 158 14.86 20.44 -9.91
N ALA I 159 15.02 19.52 -8.96
CA ALA I 159 15.95 19.74 -7.86
C ALA I 159 17.38 19.91 -8.37
N ASP I 160 18.15 20.69 -7.63
CA ASP I 160 19.55 20.92 -7.95
C ASP I 160 20.36 19.70 -7.54
N ALA I 161 21.21 19.22 -8.46
CA ALA I 161 22.02 18.02 -8.24
C ALA I 161 21.15 16.81 -7.92
N GLY I 162 19.91 16.81 -8.40
CA GLY I 162 19.04 15.68 -8.21
C GLY I 162 19.37 14.53 -9.15
N PHE I 163 18.99 13.33 -8.74
CA PHE I 163 19.32 12.14 -9.53
C PHE I 163 18.74 12.22 -10.93
N ILE I 164 17.61 12.91 -11.10
CA ILE I 164 17.04 13.09 -12.43
C ILE I 164 18.01 13.85 -13.33
N LYS I 165 18.70 14.84 -12.77
CA LYS I 165 19.72 15.56 -13.52
C LYS I 165 21.03 14.78 -13.56
N GLN I 166 21.45 14.23 -12.42
CA GLN I 166 22.71 13.49 -12.36
C GLN I 166 22.71 12.32 -13.33
N TYR I 167 21.55 11.67 -13.51
CA TYR I 167 21.48 10.58 -14.47
C TYR I 167 21.75 11.07 -15.88
N GLY I 168 21.37 12.31 -16.18
CA GLY I 168 21.64 12.87 -17.50
C GLY I 168 23.11 13.01 -17.82
N ASP I 169 23.96 13.09 -16.80
CA ASP I 169 25.38 13.23 -17.06
C ASP I 169 26.05 11.90 -17.42
N CYS I 170 25.83 10.84 -16.64
CA CYS I 170 26.48 9.58 -17.01
C CYS I 170 25.85 8.97 -18.25
N LEU I 171 24.59 9.29 -18.54
CA LEU I 171 23.97 8.75 -19.74
C LEU I 171 24.54 9.40 -21.00
N GLY I 172 24.96 10.65 -20.89
CA GLY I 172 25.55 11.38 -22.00
C GLY I 172 24.75 11.37 -23.29
N ASP I 173 23.42 11.28 -23.16
CA ASP I 173 22.49 11.22 -24.30
C ASP I 173 22.73 10.01 -25.19
N ILE I 174 23.41 8.98 -24.68
CA ILE I 174 23.68 7.76 -25.42
C ILE I 174 22.88 6.64 -24.78
N ALA I 175 22.03 5.99 -25.57
CA ALA I 175 21.19 4.92 -25.05
C ALA I 175 22.00 3.72 -24.57
N ALA I 176 23.18 3.50 -25.15
CA ALA I 176 23.99 2.35 -24.77
C ALA I 176 24.57 2.49 -23.37
N ARG I 177 24.61 3.71 -22.84
CA ARG I 177 25.17 3.96 -21.52
C ARG I 177 24.20 3.60 -20.39
N ASP I 178 22.95 3.28 -20.73
CA ASP I 178 21.91 3.06 -19.71
C ASP I 178 22.31 1.99 -18.71
N LEU I 179 22.85 0.87 -19.17
CA LEU I 179 23.22 -0.21 -18.24
C LEU I 179 24.36 0.21 -17.32
N ILE I 180 25.36 0.92 -17.83
CA ILE I 180 26.46 1.36 -16.99
C ILE I 180 26.03 2.53 -16.12
N CYS I 181 25.29 3.48 -16.70
CA CYS I 181 24.81 4.64 -15.96
C CYS I 181 23.88 4.23 -14.83
N ALA I 182 23.00 3.26 -15.09
CA ALA I 182 22.12 2.75 -14.03
C ALA I 182 22.92 2.06 -12.93
N GLN I 183 24.02 1.40 -13.28
CA GLN I 183 24.85 0.75 -12.26
C GLN I 183 25.43 1.75 -11.28
N LYS I 184 25.79 2.94 -11.75
CA LYS I 184 26.35 3.94 -10.85
C LYS I 184 25.33 4.39 -9.81
N PHE I 185 24.12 4.70 -10.25
CA PHE I 185 23.07 5.21 -9.38
C PHE I 185 22.22 4.13 -8.74
N ASN I 186 22.83 3.05 -8.27
CA ASN I 186 22.15 1.98 -7.53
C ASN I 186 20.90 1.47 -8.23
N GLY I 187 20.99 1.24 -9.53
CA GLY I 187 19.86 0.69 -10.24
C GLY I 187 18.80 1.67 -10.67
N LEU I 188 18.83 2.90 -10.18
CA LEU I 188 17.83 3.88 -10.58
C LEU I 188 18.01 4.22 -12.05
N THR I 189 16.91 4.36 -12.78
CA THR I 189 16.97 4.73 -14.18
C THR I 189 15.77 5.58 -14.54
N VAL I 190 15.98 6.54 -15.44
CA VAL I 190 14.92 7.42 -15.94
C VAL I 190 14.71 7.11 -17.41
N LEU I 191 13.46 6.91 -17.79
CA LEU I 191 13.14 6.56 -19.17
C LEU I 191 12.63 7.78 -19.93
N PRO I 192 13.00 7.92 -21.19
CA PRO I 192 12.53 9.06 -21.99
C PRO I 192 11.06 8.91 -22.33
N PRO I 193 10.31 10.00 -22.35
CA PRO I 193 8.88 9.93 -22.70
C PRO I 193 8.67 9.73 -24.19
N LEU I 194 7.51 9.13 -24.52
CA LEU I 194 7.20 8.89 -25.93
C LEU I 194 6.87 10.17 -26.68
N LEU I 195 6.36 11.19 -26.00
CA LEU I 195 6.15 12.49 -26.60
C LEU I 195 7.13 13.47 -25.98
N THR I 196 7.95 14.09 -26.82
CA THR I 196 8.90 15.06 -26.31
C THR I 196 8.19 16.38 -26.05
N ASP I 197 8.86 17.25 -25.30
CA ASP I 197 8.31 18.58 -25.03
C ASP I 197 8.06 19.34 -26.31
N GLU I 198 8.83 19.06 -27.35
CA GLU I 198 8.62 19.70 -28.64
C GLU I 198 7.37 19.18 -29.32
N MET I 199 7.13 17.87 -29.27
CA MET I 199 5.92 17.32 -29.87
C MET I 199 4.68 17.73 -29.08
N ILE I 200 4.79 17.81 -27.75
CA ILE I 200 3.64 18.25 -26.96
C ILE I 200 3.30 19.69 -27.27
N ALA I 201 4.32 20.53 -27.46
CA ALA I 201 4.07 21.91 -27.85
C ALA I 201 3.41 21.99 -29.21
N GLN I 202 3.78 21.09 -30.12
CA GLN I 202 3.16 21.06 -31.44
C GLN I 202 1.68 20.71 -31.36
N TYR I 203 1.28 19.80 -30.48
CA TYR I 203 -0.14 19.49 -30.35
C TYR I 203 -0.93 20.65 -29.79
N THR I 204 -0.41 21.37 -28.79
CA THR I 204 -1.12 22.54 -28.31
C THR I 204 -1.22 23.62 -29.38
N SER I 205 -0.26 23.70 -30.28
CA SER I 205 -0.36 24.67 -31.36
C SER I 205 -1.48 24.31 -32.33
N ALA I 206 -1.67 23.01 -32.58
CA ALA I 206 -2.80 22.58 -33.40
C ALA I 206 -4.12 22.82 -32.70
N LEU I 207 -4.20 22.55 -31.40
CA LEU I 207 -5.41 22.86 -30.64
C LEU I 207 -5.71 24.35 -30.66
N LEU I 208 -4.69 25.19 -30.53
CA LEU I 208 -4.91 26.63 -30.56
C LEU I 208 -5.34 27.10 -31.94
N ALA I 209 -4.69 26.62 -32.99
CA ALA I 209 -5.04 27.02 -34.34
C ALA I 209 -6.46 26.60 -34.69
N GLY I 210 -6.84 25.38 -34.34
CA GLY I 210 -8.21 24.94 -34.60
C GLY I 210 -9.26 25.78 -33.89
N THR I 211 -8.97 26.17 -32.65
CA THR I 211 -9.93 26.96 -31.89
C THR I 211 -10.13 28.33 -32.50
N ILE I 212 -9.04 28.99 -32.88
CA ILE I 212 -9.14 30.36 -33.38
C ILE I 212 -9.73 30.39 -34.78
N THR I 213 -9.55 29.32 -35.56
CA THR I 213 -9.98 29.31 -36.95
C THR I 213 -11.31 28.63 -37.18
N SER I 214 -11.79 27.79 -36.26
CA SER I 214 -13.00 27.04 -36.52
C SER I 214 -13.92 26.87 -35.32
N GLY I 215 -13.60 27.44 -34.16
CA GLY I 215 -14.47 27.34 -33.00
C GLY I 215 -14.73 25.93 -32.50
N TRP I 216 -16.01 25.60 -32.33
CA TRP I 216 -16.39 24.28 -31.83
C TRP I 216 -16.18 23.19 -32.87
N THR I 217 -16.12 23.56 -34.13
CA THR I 217 -16.41 22.60 -35.19
C THR I 217 -15.28 21.61 -35.40
N PHE I 218 -14.03 21.99 -35.11
CA PHE I 218 -12.94 21.07 -35.29
C PHE I 218 -12.92 19.96 -34.24
N GLY I 219 -13.67 20.11 -33.15
CA GLY I 219 -13.75 19.08 -32.14
C GLY I 219 -14.82 18.04 -32.40
N ALA I 220 -15.82 18.39 -33.21
CA ALA I 220 -16.96 17.53 -33.47
C ALA I 220 -17.03 17.00 -34.89
N GLY I 221 -16.18 17.47 -35.80
CA GLY I 221 -16.30 17.15 -37.20
C GLY I 221 -15.13 17.68 -37.99
N PRO I 222 -15.35 17.99 -39.26
CA PRO I 222 -14.36 18.75 -40.02
C PRO I 222 -14.29 20.19 -39.54
N ALA I 223 -13.10 20.78 -39.67
CA ALA I 223 -12.87 22.14 -39.21
C ALA I 223 -13.58 23.17 -40.09
N LEU I 224 -14.80 23.51 -39.74
CA LEU I 224 -15.57 24.54 -40.43
C LEU I 224 -15.03 25.91 -40.03
N GLN I 225 -14.40 26.60 -40.97
CA GLN I 225 -13.87 27.94 -40.70
C GLN I 225 -14.98 28.92 -40.36
N ILE I 226 -14.67 29.89 -39.52
CA ILE I 226 -15.59 30.98 -39.19
C ILE I 226 -14.81 32.21 -38.74
N PRO I 227 -15.17 33.42 -39.17
CA PRO I 227 -14.46 34.61 -38.70
C PRO I 227 -14.52 34.72 -37.19
N PHE I 228 -13.41 35.12 -36.58
CA PHE I 228 -13.36 35.14 -35.12
C PHE I 228 -14.40 36.06 -34.47
N PRO I 229 -14.67 37.28 -34.95
CA PRO I 229 -15.74 38.05 -34.33
C PRO I 229 -17.08 37.35 -34.37
N MET I 230 -17.39 36.64 -35.45
CA MET I 230 -18.63 35.88 -35.48
C MET I 230 -18.57 34.69 -34.53
N GLN I 231 -17.42 34.04 -34.44
CA GLN I 231 -17.25 32.95 -33.47
C GLN I 231 -17.47 33.45 -32.05
N MET I 232 -16.80 34.54 -31.69
CA MET I 232 -16.98 35.12 -30.36
C MET I 232 -18.41 35.54 -30.13
N ALA I 233 -19.10 36.01 -31.17
CA ALA I 233 -20.50 36.40 -31.03
C ALA I 233 -21.37 35.23 -30.60
N TYR I 234 -21.08 34.03 -31.09
CA TYR I 234 -21.83 32.85 -30.71
C TYR I 234 -21.44 32.33 -29.33
N ARG I 235 -20.26 32.68 -28.84
CA ARG I 235 -19.94 32.43 -27.44
C ARG I 235 -20.81 33.30 -26.55
N PHE I 236 -21.00 34.56 -26.96
CA PHE I 236 -21.91 35.46 -26.24
C PHE I 236 -23.32 34.92 -26.25
N ASN I 237 -23.83 34.58 -27.43
CA ASN I 237 -25.18 34.03 -27.55
C ASN I 237 -25.33 32.73 -26.76
N GLY I 238 -24.22 32.06 -26.45
CA GLY I 238 -24.29 30.87 -25.63
C GLY I 238 -24.57 31.15 -24.17
N ILE I 239 -23.86 32.13 -23.60
CA ILE I 239 -24.03 32.48 -22.19
C ILE I 239 -25.33 33.24 -21.94
N GLY I 240 -26.09 33.51 -23.00
CA GLY I 240 -27.34 34.22 -22.87
C GLY I 240 -27.33 35.70 -23.14
N VAL I 241 -26.30 36.21 -23.80
CA VAL I 241 -26.21 37.62 -24.17
C VAL I 241 -26.34 37.70 -25.68
N THR I 242 -27.15 38.62 -26.16
CA THR I 242 -27.41 38.67 -27.59
C THR I 242 -26.13 38.98 -28.35
N GLN I 243 -26.10 38.59 -29.62
CA GLN I 243 -24.90 38.77 -30.42
C GLN I 243 -24.66 40.22 -30.80
N ASN I 244 -25.71 41.03 -30.89
CA ASN I 244 -25.49 42.44 -31.21
C ASN I 244 -24.69 43.15 -30.14
N VAL I 245 -24.67 42.63 -28.91
CA VAL I 245 -23.85 43.21 -27.85
C VAL I 245 -22.39 43.21 -28.25
N LEU I 246 -21.90 42.11 -28.83
CA LEU I 246 -20.50 42.04 -29.23
C LEU I 246 -20.20 42.99 -30.38
N TYR I 247 -20.99 42.93 -31.45
CA TYR I 247 -20.69 43.74 -32.63
C TYR I 247 -20.75 45.23 -32.36
N GLU I 248 -21.50 45.65 -31.35
CA GLU I 248 -21.55 47.06 -31.01
C GLU I 248 -20.48 47.46 -30.00
N ASN I 249 -19.84 46.49 -29.34
CA ASN I 249 -18.77 46.75 -28.39
C ASN I 249 -17.53 45.97 -28.77
N GLN I 250 -17.34 45.72 -30.06
CA GLN I 250 -16.28 44.83 -30.50
C GLN I 250 -14.91 45.37 -30.17
N LYS I 251 -14.73 46.69 -30.32
CA LYS I 251 -13.43 47.28 -30.05
C LYS I 251 -13.12 47.25 -28.56
N LEU I 252 -14.10 47.57 -27.72
CA LEU I 252 -13.89 47.53 -26.27
C LEU I 252 -13.63 46.12 -25.78
N ILE I 253 -14.36 45.13 -26.29
CA ILE I 253 -14.16 43.76 -25.87
C ILE I 253 -12.78 43.26 -26.29
N ALA I 254 -12.32 43.63 -27.48
CA ALA I 254 -10.99 43.23 -27.91
C ALA I 254 -9.91 43.83 -27.01
N ASN I 255 -10.10 45.08 -26.59
CA ASN I 255 -9.15 45.69 -25.65
C ASN I 255 -9.16 44.99 -24.30
N GLN I 256 -10.34 44.64 -23.80
CA GLN I 256 -10.43 43.91 -22.54
C GLN I 256 -9.76 42.55 -22.66
N PHE I 257 -10.00 41.86 -23.76
CA PHE I 257 -9.38 40.56 -24.01
C PHE I 257 -7.86 40.67 -24.04
N ASN I 258 -7.33 41.66 -24.77
CA ASN I 258 -5.89 41.80 -24.90
C ASN I 258 -5.24 42.16 -23.56
N SER I 259 -5.84 43.09 -22.81
CA SER I 259 -5.27 43.48 -21.54
C SER I 259 -5.26 42.33 -20.53
N ALA I 260 -6.29 41.50 -20.55
CA ALA I 260 -6.36 40.37 -19.62
C ALA I 260 -5.24 39.37 -19.87
N ILE I 261 -5.00 39.02 -21.13
CA ILE I 261 -3.90 38.11 -21.43
C ILE I 261 -2.55 38.77 -21.11
N GLY I 262 -2.45 40.08 -21.28
CA GLY I 262 -1.22 40.76 -20.92
C GLY I 262 -0.92 40.66 -19.44
N LYS I 263 -1.96 40.69 -18.61
CA LYS I 263 -1.78 40.58 -17.16
C LYS I 263 -1.31 39.19 -16.76
N ILE I 264 -1.62 38.17 -17.55
CA ILE I 264 -1.21 36.81 -17.22
C ILE I 264 0.30 36.69 -17.10
N GLN I 265 1.03 37.29 -18.02
CA GLN I 265 2.49 37.19 -17.98
C GLN I 265 3.06 37.82 -16.73
N ASP I 266 2.58 39.01 -16.37
CA ASP I 266 3.06 39.66 -15.15
C ASP I 266 2.67 38.87 -13.91
N SER I 267 1.45 38.32 -13.91
CA SER I 267 1.00 37.53 -12.77
C SER I 267 1.87 36.29 -12.57
N LEU I 268 2.26 35.63 -13.66
CA LEU I 268 3.12 34.46 -13.52
C LEU I 268 4.53 34.85 -13.11
N SER I 269 5.08 35.90 -13.70
CA SER I 269 6.45 36.29 -13.36
C SER I 269 6.54 36.79 -11.93
N SER I 270 5.66 37.72 -11.55
CA SER I 270 5.75 38.34 -10.23
C SER I 270 5.31 37.40 -9.11
N THR I 271 4.71 36.25 -9.43
CA THR I 271 4.27 35.30 -8.42
C THR I 271 4.85 33.92 -8.76
N PRO I 272 5.95 33.52 -8.11
CA PRO I 272 6.51 32.19 -8.36
C PRO I 272 5.80 31.06 -7.61
N SER I 273 4.72 31.37 -6.88
CA SER I 273 3.92 30.36 -6.21
C SER I 273 2.72 29.92 -7.05
N ALA I 274 2.65 30.36 -8.30
CA ALA I 274 1.55 29.96 -9.17
C ALA I 274 1.75 28.59 -9.78
N LEU I 275 2.99 28.11 -9.84
CA LEU I 275 3.31 26.78 -10.35
C LEU I 275 3.61 25.82 -9.22
N GLY I 276 2.81 25.86 -8.16
CA GLY I 276 3.08 25.02 -7.02
C GLY I 276 2.63 23.59 -7.18
N LYS I 277 1.56 23.37 -7.96
CA LYS I 277 1.09 22.01 -8.18
C LYS I 277 2.08 21.21 -9.02
N LEU I 278 2.70 21.85 -10.01
CA LEU I 278 3.69 21.15 -10.82
C LEU I 278 4.98 20.90 -10.04
N GLN I 279 5.45 21.90 -9.29
CA GLN I 279 6.61 21.69 -8.43
C GLN I 279 6.35 20.64 -7.35
N ASP I 280 5.12 20.57 -6.85
CA ASP I 280 4.79 19.59 -5.82
C ASP I 280 5.03 18.17 -6.31
N VAL I 281 4.63 17.89 -7.55
CA VAL I 281 4.87 16.57 -8.13
C VAL I 281 6.38 16.30 -8.22
N VAL I 282 7.13 17.26 -8.73
CA VAL I 282 8.57 17.08 -8.91
C VAL I 282 9.28 16.94 -7.56
N ASN I 283 8.87 17.73 -6.57
CA ASN I 283 9.50 17.64 -5.26
C ASN I 283 9.17 16.32 -4.57
N GLN I 284 7.93 15.86 -4.68
CA GLN I 284 7.56 14.59 -4.05
C GLN I 284 8.32 13.42 -4.65
N ASN I 285 8.49 13.40 -5.97
CA ASN I 285 9.24 12.32 -6.59
C ASN I 285 10.72 12.38 -6.24
N ALA I 286 11.30 13.57 -6.21
CA ALA I 286 12.71 13.72 -5.85
C ALA I 286 12.96 13.28 -4.41
N GLU I 287 12.07 13.67 -3.50
CA GLU I 287 12.23 13.28 -2.10
C GLU I 287 12.07 11.78 -1.91
N ALA I 288 11.22 11.13 -2.71
CA ALA I 288 11.09 9.68 -2.65
C ALA I 288 12.40 8.97 -3.02
N LEU I 289 13.00 9.36 -4.14
CA LEU I 289 14.25 8.72 -4.56
C LEU I 289 15.39 8.99 -3.58
N ASN I 290 15.51 10.22 -3.11
CA ASN I 290 16.58 10.54 -2.16
C ASN I 290 16.49 9.66 -0.93
N THR I 291 15.29 9.50 -0.38
CA THR I 291 15.10 8.62 0.76
C THR I 291 15.38 7.16 0.42
N LEU I 292 15.01 6.73 -0.78
CA LEU I 292 15.27 5.35 -1.18
C LEU I 292 16.77 5.05 -1.23
N VAL I 293 17.57 6.01 -1.71
CA VAL I 293 19.00 5.79 -1.79
C VAL I 293 19.65 5.85 -0.41
N LYS I 294 19.24 6.81 0.42
CA LYS I 294 19.81 6.90 1.76
C LYS I 294 19.50 5.67 2.61
N GLN I 295 18.44 4.93 2.30
CA GLN I 295 18.19 3.67 3.00
C GLN I 295 19.34 2.68 2.85
N LEU I 296 20.14 2.80 1.79
CA LEU I 296 21.27 1.90 1.65
C LEU I 296 22.32 2.11 2.73
N SER I 297 22.36 3.29 3.35
CA SER I 297 23.30 3.55 4.43
C SER I 297 22.89 2.97 5.77
N SER I 298 21.67 2.45 5.90
CA SER I 298 21.21 1.93 7.18
C SER I 298 21.69 0.51 7.39
N ASN I 299 21.96 0.17 8.65
CA ASN I 299 22.48 -1.14 8.99
C ASN I 299 21.41 -2.21 9.00
N PHE I 300 20.17 -1.84 9.35
CA PHE I 300 19.05 -2.77 9.44
C PHE I 300 19.35 -3.94 10.36
N GLY I 301 20.12 -3.69 11.41
CA GLY I 301 20.44 -4.72 12.36
C GLY I 301 21.57 -5.64 11.97
N ALA I 302 22.21 -5.42 10.84
CA ALA I 302 23.34 -6.23 10.43
C ALA I 302 24.61 -5.69 11.08
N ILE I 303 25.76 -6.26 10.73
CA ILE I 303 27.02 -5.80 11.30
C ILE I 303 27.55 -4.57 10.58
N SER I 304 27.19 -4.37 9.32
CA SER I 304 27.62 -3.20 8.57
C SER I 304 26.63 -2.94 7.45
N SER I 305 26.63 -1.71 6.96
CA SER I 305 25.75 -1.27 5.90
C SER I 305 26.34 -1.43 4.51
N VAL I 306 27.56 -1.95 4.40
CA VAL I 306 28.22 -2.15 3.11
C VAL I 306 28.45 -3.64 2.92
N LEU I 307 27.96 -4.15 1.80
CA LEU I 307 28.03 -5.59 1.53
C LEU I 307 29.46 -6.07 1.34
N ASN I 308 30.34 -5.21 0.78
CA ASN I 308 31.72 -5.63 0.56
C ASN I 308 32.44 -5.94 1.86
N ASP I 309 32.21 -5.14 2.91
CA ASP I 309 32.86 -5.41 4.19
C ASP I 309 32.37 -6.71 4.81
N ILE I 310 31.07 -6.98 4.73
CA ILE I 310 30.55 -8.21 5.29
C ILE I 310 31.19 -9.41 4.61
N LEU I 311 31.38 -9.33 3.30
CA LEU I 311 31.93 -10.45 2.57
C LEU I 311 33.45 -10.55 2.67
N SER I 312 34.14 -9.42 2.77
CA SER I 312 35.60 -9.44 2.82
C SER I 312 36.18 -9.49 4.22
N ARG I 313 35.44 -9.09 5.24
CA ARG I 313 35.94 -9.11 6.61
C ARG I 313 35.51 -10.32 7.42
N LEU I 314 34.48 -11.03 7.02
CA LEU I 314 33.87 -12.02 7.89
C LEU I 314 34.06 -13.42 7.34
N ASP I 315 33.88 -14.40 8.22
CA ASP I 315 33.98 -15.79 7.83
C ASP I 315 32.92 -16.10 6.78
N PRO I 316 33.26 -16.89 5.75
CA PRO I 316 32.29 -17.16 4.68
C PRO I 316 30.99 -17.76 5.19
N PRO I 317 31.00 -18.69 6.16
CA PRO I 317 29.72 -19.10 6.73
C PRO I 317 29.01 -17.99 7.48
N GLU I 318 29.76 -17.14 8.18
CA GLU I 318 29.16 -16.10 9.01
C GLU I 318 28.61 -14.93 8.22
N ALA I 319 28.67 -14.96 6.90
CA ALA I 319 28.23 -13.82 6.12
C ALA I 319 26.76 -13.87 5.72
N GLU I 320 26.22 -15.07 5.49
CA GLU I 320 24.84 -15.18 5.04
C GLU I 320 23.87 -14.55 6.04
N VAL I 321 24.13 -14.73 7.34
CA VAL I 321 23.23 -14.19 8.34
C VAL I 321 23.20 -12.67 8.28
N GLN I 322 24.37 -12.05 8.15
CA GLN I 322 24.42 -10.59 8.08
C GLN I 322 23.81 -10.08 6.78
N ILE I 323 24.02 -10.78 5.67
CA ILE I 323 23.44 -10.36 4.41
C ILE I 323 21.92 -10.48 4.42
N ASP I 324 21.38 -11.49 5.09
CA ASP I 324 19.93 -11.62 5.18
C ASP I 324 19.31 -10.43 5.89
N ARG I 325 19.95 -9.93 6.94
CA ARG I 325 19.44 -8.76 7.62
C ARG I 325 19.44 -7.55 6.69
N LEU I 326 20.50 -7.37 5.90
CA LEU I 326 20.52 -6.29 4.93
C LEU I 326 19.47 -6.49 3.85
N ILE I 327 19.32 -7.72 3.35
CA ILE I 327 18.35 -7.99 2.31
C ILE I 327 16.95 -7.71 2.79
N THR I 328 16.61 -8.14 4.01
CA THR I 328 15.29 -7.88 4.55
C THR I 328 15.03 -6.39 4.67
N GLY I 329 15.99 -5.64 5.20
CA GLY I 329 15.80 -4.21 5.34
C GLY I 329 15.70 -3.50 4.00
N ARG I 330 16.59 -3.81 3.06
CA ARG I 330 16.56 -3.15 1.77
C ARG I 330 15.35 -3.56 0.95
N LEU I 331 14.93 -4.81 1.05
CA LEU I 331 13.73 -5.24 0.34
C LEU I 331 12.50 -4.51 0.88
N GLN I 332 12.45 -4.31 2.20
CA GLN I 332 11.32 -3.60 2.79
C GLN I 332 11.35 -2.13 2.40
N SER I 333 12.54 -1.54 2.28
CA SER I 333 12.65 -0.17 1.82
C SER I 333 12.12 0.00 0.40
N LEU I 334 12.48 -0.91 -0.49
CA LEU I 334 11.97 -0.86 -1.85
C LEU I 334 10.47 -1.06 -1.90
N GLN I 335 9.94 -2.00 -1.12
CA GLN I 335 8.50 -2.21 -1.10
C GLN I 335 7.77 -0.96 -0.65
N THR I 336 8.31 -0.24 0.35
CA THR I 336 7.70 1.00 0.79
C THR I 336 7.66 2.04 -0.33
N TYR I 337 8.79 2.22 -1.02
CA TYR I 337 8.84 3.17 -2.12
C TYR I 337 7.86 2.80 -3.22
N VAL I 338 7.75 1.52 -3.57
CA VAL I 338 6.90 1.11 -4.67
C VAL I 338 5.43 1.37 -4.34
N THR I 339 5.00 1.06 -3.12
CA THR I 339 3.61 1.30 -2.76
C THR I 339 3.28 2.79 -2.79
N GLN I 340 4.19 3.63 -2.30
CA GLN I 340 3.96 5.06 -2.34
C GLN I 340 3.82 5.56 -3.77
N GLN I 341 4.69 5.10 -4.67
CA GLN I 341 4.59 5.48 -6.07
C GLN I 341 3.29 5.00 -6.69
N LEU I 342 2.81 3.82 -6.29
CA LEU I 342 1.54 3.32 -6.82
C LEU I 342 0.40 4.23 -6.41
N ILE I 343 0.36 4.63 -5.15
CA ILE I 343 -0.70 5.53 -4.68
C ILE I 343 -0.57 6.89 -5.35
N ARG I 344 0.64 7.43 -5.38
CA ARG I 344 0.85 8.73 -6.01
C ARG I 344 0.54 8.71 -7.51
N ALA I 345 0.93 7.64 -8.20
CA ALA I 345 0.63 7.54 -9.62
C ALA I 345 -0.88 7.57 -9.87
N ALA I 346 -1.65 6.93 -9.00
CA ALA I 346 -3.11 6.99 -9.13
C ALA I 346 -3.61 8.42 -8.96
N GLU I 347 -3.01 9.17 -8.04
CA GLU I 347 -3.39 10.56 -7.83
C GLU I 347 -3.13 11.39 -9.08
N ILE I 348 -1.96 11.21 -9.71
CA ILE I 348 -1.65 11.95 -10.93
C ILE I 348 -2.55 11.52 -12.07
N ARG I 349 -2.90 10.23 -12.12
CA ARG I 349 -3.83 9.76 -13.14
C ARG I 349 -5.19 10.42 -13.02
N ALA I 350 -5.67 10.63 -11.79
CA ALA I 350 -6.93 11.35 -11.62
C ALA I 350 -6.82 12.76 -12.17
N SER I 351 -5.72 13.45 -11.89
CA SER I 351 -5.53 14.79 -12.42
C SER I 351 -5.42 14.80 -13.94
N ALA I 352 -4.82 13.75 -14.51
CA ALA I 352 -4.71 13.67 -15.96
C ALA I 352 -6.06 13.41 -16.62
N ASN I 353 -6.91 12.60 -16.00
CA ASN I 353 -8.27 12.42 -16.48
C ASN I 353 -9.06 13.73 -16.44
N LEU I 354 -8.84 14.54 -15.42
CA LEU I 354 -9.51 15.84 -15.34
C LEU I 354 -9.01 16.79 -16.42
N ALA I 355 -7.71 16.77 -16.70
CA ALA I 355 -7.16 17.64 -17.73
C ALA I 355 -7.66 17.26 -19.11
N ALA I 356 -7.87 15.97 -19.36
CA ALA I 356 -8.43 15.55 -20.65
C ALA I 356 -9.89 15.96 -20.77
N THR I 357 -10.64 15.90 -19.67
CA THR I 357 -12.02 16.38 -19.69
C THR I 357 -12.09 17.88 -19.90
N LYS I 358 -11.18 18.62 -19.27
CA LYS I 358 -11.17 20.07 -19.46
C LYS I 358 -10.71 20.43 -20.86
N MET I 359 -9.83 19.64 -21.45
CA MET I 359 -9.44 19.87 -22.84
C MET I 359 -10.63 19.75 -23.77
N SER I 360 -11.39 18.66 -23.66
CA SER I 360 -12.55 18.49 -24.53
C SER I 360 -13.62 19.53 -24.27
N GLU I 361 -13.94 19.80 -23.01
CA GLU I 361 -15.13 20.60 -22.72
C GLU I 361 -14.86 22.09 -22.63
N CYS I 362 -13.68 22.50 -22.20
CA CYS I 362 -13.38 23.92 -22.14
C CYS I 362 -12.76 24.43 -23.44
N VAL I 363 -11.85 23.67 -24.03
CA VAL I 363 -11.15 24.12 -25.23
C VAL I 363 -11.93 23.79 -26.49
N LEU I 364 -12.39 22.56 -26.65
CA LEU I 364 -13.09 22.17 -27.86
C LEU I 364 -14.56 22.53 -27.85
N GLY I 365 -15.07 23.10 -26.76
CA GLY I 365 -16.47 23.47 -26.70
C GLY I 365 -16.71 24.67 -25.81
N GLN I 366 -17.95 24.86 -25.38
CA GLN I 366 -18.30 25.90 -24.42
C GLN I 366 -19.12 25.23 -23.32
N SER I 367 -18.58 25.24 -22.11
CA SER I 367 -19.19 24.50 -21.02
C SER I 367 -20.33 25.29 -20.38
N LYS I 368 -21.41 24.58 -20.04
CA LYS I 368 -22.49 25.15 -19.24
C LYS I 368 -22.31 24.86 -17.76
N ARG I 369 -21.25 24.14 -17.39
CA ARG I 369 -20.93 23.84 -16.00
C ARG I 369 -20.26 25.04 -15.38
N VAL I 370 -20.71 25.46 -14.20
CA VAL I 370 -20.54 26.86 -13.81
C VAL I 370 -19.08 27.17 -13.46
N ASP I 371 -18.48 26.39 -12.56
CA ASP I 371 -17.11 26.65 -12.15
C ASP I 371 -16.12 25.69 -12.77
N PHE I 372 -16.55 24.91 -13.76
CA PHE I 372 -15.65 23.97 -14.41
C PHE I 372 -14.57 24.70 -15.17
N CYS I 373 -14.95 25.50 -16.15
CA CYS I 373 -13.99 26.22 -16.99
C CYS I 373 -13.85 27.67 -16.53
N GLY I 374 -13.38 27.85 -15.31
CA GLY I 374 -13.18 29.16 -14.75
C GLY I 374 -14.43 29.73 -14.11
N LYS I 375 -14.24 30.82 -13.38
CA LYS I 375 -15.34 31.53 -12.75
C LYS I 375 -15.89 32.61 -13.66
N GLY I 376 -17.20 32.86 -13.56
CA GLY I 376 -17.92 33.56 -14.59
C GLY I 376 -18.53 32.63 -15.61
N TYR I 377 -19.16 33.22 -16.63
CA TYR I 377 -19.71 32.47 -17.74
C TYR I 377 -18.61 32.16 -18.73
N HIS I 378 -18.40 30.89 -19.02
CA HIS I 378 -17.31 30.44 -19.88
C HIS I 378 -17.53 30.85 -21.32
N LEU I 379 -16.55 31.56 -21.90
CA LEU I 379 -16.53 31.86 -23.32
C LEU I 379 -15.67 30.87 -24.09
N MET I 380 -14.39 30.76 -23.73
CA MET I 380 -13.47 29.83 -24.39
C MET I 380 -12.22 29.67 -23.53
N SER I 381 -11.40 28.69 -23.89
CA SER I 381 -10.16 28.40 -23.17
C SER I 381 -9.04 28.12 -24.15
N PHE I 382 -7.81 28.34 -23.69
CA PHE I 382 -6.62 28.13 -24.50
C PHE I 382 -5.64 27.23 -23.76
N PRO I 383 -5.25 26.10 -24.32
CA PRO I 383 -4.27 25.25 -23.65
C PRO I 383 -2.85 25.76 -23.85
N GLN I 384 -2.08 25.70 -22.78
CA GLN I 384 -0.64 26.00 -22.85
C GLN I 384 0.13 24.84 -22.25
N SER I 385 1.15 24.40 -22.96
CA SER I 385 1.98 23.30 -22.49
C SER I 385 2.83 23.73 -21.30
N ALA I 386 3.05 22.81 -20.38
CA ALA I 386 3.87 23.05 -19.20
C ALA I 386 4.56 21.75 -18.84
N PRO I 387 5.68 21.81 -18.13
CA PRO I 387 6.44 20.58 -17.84
C PRO I 387 5.62 19.61 -17.00
N HIS I 388 5.30 18.46 -17.60
CA HIS I 388 4.48 17.43 -16.97
C HIS I 388 3.10 17.95 -16.57
N GLY I 389 2.60 18.96 -17.26
CA GLY I 389 1.35 19.55 -16.87
C GLY I 389 0.75 20.31 -18.05
N VAL I 390 -0.41 20.90 -17.79
CA VAL I 390 -1.06 21.77 -18.76
C VAL I 390 -1.58 23.00 -18.04
N VAL I 391 -1.55 24.13 -18.72
CA VAL I 391 -2.11 25.38 -18.22
C VAL I 391 -3.26 25.81 -19.13
N PHE I 392 -4.42 26.04 -18.54
CA PHE I 392 -5.59 26.54 -19.25
C PHE I 392 -5.81 28.01 -18.91
N LEU I 393 -6.01 28.82 -19.94
CA LEU I 393 -6.36 30.23 -19.78
C LEU I 393 -7.85 30.36 -20.11
N HIS I 394 -8.68 30.45 -19.08
CA HIS I 394 -10.13 30.45 -19.26
C HIS I 394 -10.64 31.86 -19.46
N VAL I 395 -11.19 32.15 -20.64
CA VAL I 395 -11.80 33.43 -20.93
C VAL I 395 -13.25 33.38 -20.50
N THR I 396 -13.66 34.30 -19.61
CA THR I 396 -15.01 34.29 -19.07
C THR I 396 -15.60 35.68 -19.09
N TYR I 397 -16.93 35.72 -19.10
CA TYR I 397 -17.73 36.93 -19.06
C TYR I 397 -18.17 37.17 -17.63
N VAL I 398 -17.88 38.35 -17.09
CA VAL I 398 -18.27 38.72 -15.74
C VAL I 398 -19.18 39.94 -15.80
N PRO I 399 -20.43 39.85 -15.36
CA PRO I 399 -21.27 41.04 -15.22
C PRO I 399 -20.63 42.12 -14.35
N ALA I 400 -20.90 43.38 -14.70
CA ALA I 400 -20.36 44.52 -13.94
C ALA I 400 -21.37 45.66 -13.98
N GLN I 401 -21.18 46.61 -13.06
CA GLN I 401 -21.98 47.83 -12.96
C GLN I 401 -23.48 47.56 -12.95
N GLU I 402 -23.90 46.82 -11.94
CA GLU I 402 -25.32 46.54 -11.73
C GLU I 402 -26.10 47.79 -11.36
N LYS I 403 -27.34 47.86 -11.83
CA LYS I 403 -28.30 48.88 -11.44
C LYS I 403 -29.62 48.20 -11.11
N ASN I 404 -30.35 48.76 -10.15
CA ASN I 404 -31.58 48.15 -9.67
C ASN I 404 -32.80 48.82 -10.29
N PHE I 405 -33.73 48.02 -10.80
CA PHE I 405 -34.94 48.48 -11.45
C PHE I 405 -36.15 47.78 -10.83
N THR I 406 -37.27 48.49 -10.77
CA THR I 406 -38.52 47.85 -10.37
C THR I 406 -38.92 46.82 -11.41
N THR I 407 -39.40 45.67 -10.95
CA THR I 407 -39.74 44.57 -11.83
C THR I 407 -41.13 44.05 -11.52
N ALA I 408 -41.73 43.40 -12.51
CA ALA I 408 -43.04 42.77 -12.37
C ALA I 408 -43.04 41.45 -13.12
N PRO I 409 -43.78 40.46 -12.64
CA PRO I 409 -43.83 39.18 -13.35
C PRO I 409 -44.64 39.18 -14.63
N ALA I 410 -45.51 40.16 -14.84
CA ALA I 410 -46.43 40.12 -15.97
C ALA I 410 -47.01 41.50 -16.18
N ILE I 411 -47.75 41.65 -17.29
CA ILE I 411 -48.35 42.91 -17.70
C ILE I 411 -49.82 42.65 -18.00
N CYS I 412 -50.69 43.49 -17.46
CA CYS I 412 -52.10 43.49 -17.83
C CYS I 412 -52.30 44.56 -18.89
N HIS I 413 -52.83 44.18 -20.05
CA HIS I 413 -53.20 45.16 -21.06
C HIS I 413 -54.68 45.10 -21.42
N ASP I 414 -55.14 44.05 -22.09
CA ASP I 414 -56.56 43.89 -22.37
C ASP I 414 -57.20 42.80 -21.51
N GLY I 415 -57.06 42.89 -20.20
CA GLY I 415 -57.59 41.82 -19.38
C GLY I 415 -56.72 40.57 -19.44
N LYS I 416 -55.90 40.46 -20.48
CA LYS I 416 -54.99 39.35 -20.62
C LYS I 416 -53.66 39.65 -19.95
N ALA I 417 -52.92 38.58 -19.64
CA ALA I 417 -51.62 38.69 -18.98
C ALA I 417 -50.53 38.44 -20.00
N HIS I 418 -49.52 39.32 -20.01
CA HIS I 418 -48.42 39.23 -20.95
C HIS I 418 -47.14 38.87 -20.21
N PHE I 419 -46.45 37.84 -20.69
CA PHE I 419 -45.21 37.39 -20.08
C PHE I 419 -44.06 37.58 -21.07
N PRO I 420 -42.88 37.95 -20.60
CA PRO I 420 -41.75 38.12 -21.51
C PRO I 420 -41.38 36.81 -22.20
N ARG I 421 -41.10 36.90 -23.51
CA ARG I 421 -40.55 35.74 -24.20
C ARG I 421 -39.15 35.45 -23.71
N GLU I 422 -38.30 36.47 -23.68
CA GLU I 422 -36.96 36.37 -23.12
C GLU I 422 -36.67 37.66 -22.37
N GLY I 423 -36.11 37.54 -21.18
CA GLY I 423 -35.83 38.69 -20.38
C GLY I 423 -36.84 38.96 -19.28
N VAL I 424 -36.81 40.20 -18.80
CA VAL I 424 -37.56 40.64 -17.63
C VAL I 424 -38.18 42.00 -17.90
N PHE I 425 -39.35 42.24 -17.32
CA PHE I 425 -39.94 43.57 -17.35
C PHE I 425 -39.27 44.43 -16.29
N VAL I 426 -38.85 45.63 -16.68
CA VAL I 426 -38.23 46.56 -15.74
C VAL I 426 -38.85 47.93 -15.94
N SER I 427 -38.74 48.75 -14.90
CA SER I 427 -39.27 50.10 -14.92
C SER I 427 -38.18 51.08 -14.52
N ASN I 428 -37.99 52.12 -15.30
CA ASN I 428 -37.00 53.13 -14.95
C ASN I 428 -37.56 54.20 -14.02
N GLY I 429 -38.83 54.08 -13.65
CA GLY I 429 -39.47 55.04 -12.77
C GLY I 429 -40.84 55.46 -13.25
N THR I 430 -41.04 55.56 -14.56
CA THR I 430 -42.34 55.93 -15.08
C THR I 430 -42.81 54.99 -16.18
N HIS I 431 -41.88 54.41 -16.94
CA HIS I 431 -42.22 53.57 -18.08
C HIS I 431 -41.70 52.16 -17.86
N TRP I 432 -42.38 51.20 -18.49
CA TRP I 432 -42.01 49.80 -18.39
C TRP I 432 -41.31 49.33 -19.66
N PHE I 433 -40.24 48.57 -19.49
CA PHE I 433 -39.46 48.03 -20.58
C PHE I 433 -39.28 46.53 -20.39
N VAL I 434 -38.91 45.85 -21.46
CA VAL I 434 -38.51 44.45 -21.40
C VAL I 434 -37.06 44.36 -21.85
N THR I 435 -36.23 43.72 -21.04
CA THR I 435 -34.80 43.70 -21.28
C THR I 435 -34.25 42.31 -20.98
N GLN I 436 -33.11 42.01 -21.58
CA GLN I 436 -32.47 40.72 -21.36
C GLN I 436 -31.88 40.64 -19.95
N ARG I 437 -31.77 39.41 -19.45
CA ARG I 437 -31.38 39.20 -18.05
C ARG I 437 -29.98 39.73 -17.74
N ASN I 438 -29.00 39.43 -18.59
CA ASN I 438 -27.59 39.66 -18.26
C ASN I 438 -27.02 40.95 -18.83
N PHE I 439 -27.85 41.84 -19.35
CA PHE I 439 -27.35 43.09 -19.89
C PHE I 439 -28.55 44.03 -19.96
N TYR I 440 -28.32 45.31 -19.67
CA TYR I 440 -29.43 46.26 -19.66
C TYR I 440 -29.61 46.79 -21.08
N GLU I 441 -30.49 46.13 -21.84
CA GLU I 441 -30.93 46.63 -23.15
C GLU I 441 -32.44 46.77 -23.11
N PRO I 442 -32.95 47.96 -22.80
CA PRO I 442 -34.39 48.13 -22.69
C PRO I 442 -35.05 48.25 -24.06
N GLN I 443 -36.21 47.62 -24.18
CA GLN I 443 -36.99 47.64 -25.41
C GLN I 443 -38.44 47.90 -25.09
N ILE I 444 -39.16 48.45 -26.07
CA ILE I 444 -40.56 48.76 -25.89
C ILE I 444 -41.35 47.45 -25.79
N ILE I 445 -42.25 47.37 -24.82
CA ILE I 445 -43.00 46.15 -24.60
C ILE I 445 -43.98 45.99 -25.76
N THR I 446 -43.86 44.87 -26.47
CA THR I 446 -44.54 44.69 -27.75
C THR I 446 -45.06 43.26 -27.80
N THR I 447 -46.07 43.03 -28.65
CA THR I 447 -46.54 41.67 -28.89
C THR I 447 -45.41 40.77 -29.40
N ASP I 448 -44.41 41.35 -30.06
CA ASP I 448 -43.31 40.54 -30.60
C ASP I 448 -42.48 39.89 -29.51
N ASN I 449 -42.17 40.60 -28.44
CA ASN I 449 -41.29 40.08 -27.40
C ASN I 449 -42.05 39.64 -26.15
N THR I 450 -43.37 39.52 -26.22
CA THR I 450 -44.18 39.02 -25.12
C THR I 450 -45.16 37.99 -25.66
N PHE I 451 -45.60 37.09 -24.78
CA PHE I 451 -46.64 36.13 -25.12
C PHE I 451 -47.74 36.21 -24.08
N VAL I 452 -48.93 35.80 -24.48
CA VAL I 452 -50.14 35.99 -23.69
C VAL I 452 -50.58 34.64 -23.16
N SER I 453 -50.91 34.60 -21.86
CA SER I 453 -51.50 33.40 -21.27
C SER I 453 -52.30 33.78 -20.05
N GLY I 454 -53.54 33.31 -20.00
CA GLY I 454 -54.37 33.55 -18.83
C GLY I 454 -54.93 34.95 -18.80
N ASN I 455 -55.37 35.35 -17.61
CA ASN I 455 -55.92 36.70 -17.44
C ASN I 455 -55.28 37.37 -16.24
N CYS I 456 -55.76 38.55 -15.88
CA CYS I 456 -55.07 39.36 -14.91
C CYS I 456 -55.36 38.96 -13.46
N ASP I 457 -56.45 38.24 -13.21
CA ASP I 457 -56.89 38.00 -11.85
C ASP I 457 -56.18 36.83 -11.16
N VAL I 458 -55.28 36.14 -11.85
CA VAL I 458 -54.63 34.95 -11.32
C VAL I 458 -53.20 35.22 -10.84
N VAL I 459 -52.43 35.96 -11.62
CA VAL I 459 -51.01 36.15 -11.36
C VAL I 459 -50.83 37.16 -10.24
N ILE I 460 -50.01 36.81 -9.24
CA ILE I 460 -49.74 37.68 -8.12
C ILE I 460 -48.61 38.62 -8.50
N GLY I 461 -48.80 39.92 -8.27
CA GLY I 461 -47.80 40.90 -8.64
C GLY I 461 -47.91 41.46 -10.04
N ILE I 462 -49.03 41.25 -10.73
CA ILE I 462 -49.19 41.70 -12.10
C ILE I 462 -49.43 43.20 -12.10
N VAL I 463 -48.98 43.88 -13.16
CA VAL I 463 -49.01 45.33 -13.25
C VAL I 463 -49.72 45.73 -14.54
N ASN I 464 -50.39 46.88 -14.50
CA ASN I 464 -51.09 47.41 -15.66
C ASN I 464 -50.14 48.27 -16.50
N ASN I 465 -50.10 48.00 -17.80
CA ASN I 465 -49.27 48.77 -18.71
C ASN I 465 -49.77 48.55 -20.12
N THR I 466 -49.24 49.35 -21.05
CA THR I 466 -49.56 49.26 -22.46
C THR I 466 -48.62 48.27 -23.11
N VAL I 467 -49.11 47.60 -24.15
CA VAL I 467 -48.31 46.68 -24.96
C VAL I 467 -48.43 47.13 -26.40
N TYR I 468 -47.31 47.51 -26.99
CA TYR I 468 -47.31 48.04 -28.35
C TYR I 468 -47.64 46.94 -29.34
N ASP I 469 -48.32 47.33 -30.42
CA ASP I 469 -48.72 46.40 -31.46
C ASP I 469 -48.24 46.94 -32.80
N PRO I 470 -47.27 46.29 -33.46
CA PRO I 470 -46.71 46.87 -34.70
C PRO I 470 -47.70 46.98 -35.84
N LEU I 471 -48.80 46.22 -35.83
CA LEU I 471 -49.72 46.27 -36.94
C LEU I 471 -50.58 47.53 -36.93
N GLN I 472 -50.85 48.09 -35.76
CA GLN I 472 -51.74 49.25 -35.69
C GLN I 472 -51.23 50.46 -36.46
N PRO I 473 -49.97 50.88 -36.36
CA PRO I 473 -49.54 52.04 -37.17
C PRO I 473 -49.67 51.82 -38.67
N GLU I 474 -49.50 50.58 -39.15
CA GLU I 474 -49.73 50.32 -40.56
C GLU I 474 -51.19 50.54 -40.94
N LEU I 475 -52.10 50.09 -40.09
CA LEU I 475 -53.52 50.37 -40.31
C LEU I 475 -53.87 51.81 -40.00
N ASP I 476 -53.02 52.53 -39.28
CA ASP I 476 -53.28 53.93 -38.98
C ASP I 476 -53.12 54.83 -40.19
N SER I 477 -52.50 54.34 -41.27
CA SER I 477 -52.33 55.14 -42.47
C SER I 477 -53.65 55.28 -43.21
C1 NAG J . -42.76 27.90 8.15
C2 NAG J . -43.93 28.71 8.70
C3 NAG J . -43.89 28.75 10.22
C4 NAG J . -43.80 27.34 10.79
C5 NAG J . -42.63 26.60 10.16
C6 NAG J . -42.54 25.16 10.58
C7 NAG J . -44.99 30.83 8.05
C8 NAG J . -44.78 32.18 7.46
N2 NAG J . -43.91 30.06 8.15
O3 NAG J . -45.07 29.39 10.70
O4 NAG J . -43.55 27.42 12.19
O5 NAG J . -42.77 26.61 8.74
O6 NAG J . -41.48 24.49 9.91
O7 NAG J . -46.09 30.44 8.44
C1 NAG J . -44.68 26.98 12.97
C2 NAG J . -44.16 26.23 14.19
C3 NAG J . -45.31 25.78 15.08
C4 NAG J . -46.21 26.98 15.42
C5 NAG J . -46.63 27.70 14.15
C6 NAG J . -47.42 28.95 14.42
C7 NAG J . -42.05 24.98 14.11
C8 NAG J . -41.36 23.73 13.63
N2 NAG J . -43.34 25.09 13.80
O3 NAG J . -44.79 25.21 16.27
O4 NAG J . -47.35 26.54 16.13
O5 NAG J . -45.48 28.08 13.39
O6 NAG J . -48.65 28.97 13.72
O7 NAG J . -41.45 25.84 14.74
C1 NAG K . -33.02 -5.74 -39.37
C2 NAG K . -33.96 -6.22 -40.46
C3 NAG K . -33.95 -7.74 -40.56
C4 NAG K . -32.52 -8.26 -40.70
C5 NAG K . -31.65 -7.68 -39.59
C6 NAG K . -30.19 -8.05 -39.72
C7 NAG K . -36.22 -5.58 -41.19
C8 NAG K . -37.56 -5.07 -40.76
N2 NAG K . -35.31 -5.74 -40.22
O3 NAG K . -34.72 -8.14 -41.69
O4 NAG K . -32.52 -9.67 -40.56
O5 NAG K . -31.71 -6.26 -39.60
O6 NAG K . -29.42 -7.44 -38.70
O7 NAG K . -35.97 -5.84 -42.36
C1 NAG K . -32.20 -10.32 -41.81
C2 NAG K . -31.35 -11.55 -41.50
C3 NAG K . -31.03 -12.32 -42.78
C4 NAG K . -32.33 -12.64 -43.53
C5 NAG K . -33.13 -11.37 -43.76
C6 NAG K . -34.48 -11.63 -44.39
C7 NAG K . -29.84 -11.60 -39.57
C8 NAG K . -28.52 -11.12 -39.01
N2 NAG K . -30.12 -11.19 -40.80
O3 NAG K . -30.36 -13.53 -42.45
O4 NAG K . -32.01 -13.23 -44.79
O5 NAG K . -33.39 -10.72 -42.49
O6 NAG K . -34.68 -10.82 -45.54
O7 NAG K . -30.60 -12.30 -38.92
C1 NAG L . 0.04 42.20 -29.86
C2 NAG L . 0.35 43.40 -30.76
C3 NAG L . 1.86 43.56 -30.94
C4 NAG L . 2.56 43.60 -29.58
C5 NAG L . 2.15 42.39 -28.75
C6 NAG L . 2.70 42.43 -27.34
C7 NAG L . -0.60 44.27 -32.84
C8 NAG L . -1.28 43.94 -34.13
N2 NAG L . -0.30 43.24 -32.05
O3 NAG L . 2.13 44.76 -31.65
O4 NAG L . 3.96 43.53 -29.78
O5 NAG L . 0.73 42.35 -28.63
O6 NAG L . 2.23 41.32 -26.59
O7 NAG L . -0.34 45.43 -32.53
C1 NAG L . 4.61 44.77 -29.43
C2 NAG L . 5.95 44.44 -28.78
C3 NAG L . 6.72 45.72 -28.46
C4 NAG L . 6.83 46.59 -29.71
C5 NAG L . 5.46 46.83 -30.31
C6 NAG L . 5.52 47.58 -31.62
C7 NAG L . 6.25 42.39 -27.46
C8 NAG L . 5.98 41.71 -26.15
N2 NAG L . 5.77 43.63 -27.58
O3 NAG L . 8.00 45.39 -27.97
O4 NAG L . 7.42 47.85 -29.36
O5 NAG L . 4.83 45.57 -30.59
O6 NAG L . 4.66 48.71 -31.61
O7 NAG L . 6.89 41.84 -28.36
C1 NAG M . -48.22 3.93 -38.04
C2 NAG M . -48.08 4.82 -39.27
C3 NAG M . -49.16 4.48 -40.29
C4 NAG M . -49.15 2.99 -40.61
C5 NAG M . -49.24 2.19 -39.33
C6 NAG M . -49.09 0.69 -39.55
C7 NAG M . -47.07 7.01 -38.84
C8 NAG M . -47.32 8.43 -38.41
N2 NAG M . -48.15 6.22 -38.90
O3 NAG M . -48.91 5.22 -41.49
O4 NAG M . -50.25 2.67 -41.45
O5 NAG M . -48.19 2.57 -38.43
O6 NAG M . -48.44 0.07 -38.46
O7 NAG M . -45.95 6.61 -39.11
C1 NAG N . -52.00 18.56 -9.52
C2 NAG N . -53.50 18.83 -9.51
C3 NAG N . -53.93 19.47 -8.19
C4 NAG N . -53.46 18.63 -7.01
C5 NAG N . -51.96 18.42 -7.10
C6 NAG N . -51.43 17.52 -6.02
C7 NAG N . -55.07 19.57 -11.24
C8 NAG N . -55.30 20.50 -12.39
N2 NAG N . -53.89 19.67 -10.63
O3 NAG N . -55.35 19.59 -8.17
O4 NAG N . -53.79 19.27 -5.79
O5 NAG N . -51.63 17.81 -8.35
O6 NAG N . -50.02 17.32 -6.15
O7 NAG N . -55.92 18.76 -10.89
C1 NAG O . -61.48 19.24 -28.15
C2 NAG O . -62.86 18.77 -27.71
C3 NAG O . -63.94 19.72 -28.22
C4 NAG O . -63.64 21.15 -27.80
C5 NAG O . -62.24 21.53 -28.28
C6 NAG O . -61.81 22.90 -27.80
C7 NAG O . -63.44 16.42 -27.32
C8 NAG O . -63.68 15.08 -27.95
N2 NAG O . -63.11 17.41 -28.15
O3 NAG O . -65.21 19.31 -27.70
O4 NAG O . -64.59 22.04 -28.37
O5 NAG O . -61.27 20.60 -27.74
O6 NAG O . -61.17 22.84 -26.54
O7 NAG O . -63.54 16.59 -26.11
C1 NAG P . -54.75 16.26 -47.55
C2 NAG P . -55.65 15.16 -48.13
C3 NAG P . -55.10 14.67 -49.46
C4 NAG P . -54.85 15.83 -50.41
C5 NAG P . -53.97 16.87 -49.72
C6 NAG P . -53.73 18.11 -50.55
C7 NAG P . -56.85 13.25 -47.16
C8 NAG P . -56.82 12.16 -46.14
N2 NAG P . -55.79 14.05 -47.20
O3 NAG P . -56.02 13.76 -50.05
O4 NAG P . -54.22 15.37 -51.59
O5 NAG P . -54.57 17.29 -48.50
O6 NAG P . -52.66 18.87 -50.02
O7 NAG P . -57.81 13.40 -47.92
C1 NAG Q . 35.51 -5.11 30.66
C2 NAG Q . 34.27 -4.72 31.46
C3 NAG Q . 34.00 -3.25 31.27
C4 NAG Q . 35.23 -2.45 31.66
C5 NAG Q . 36.43 -2.91 30.86
C6 NAG Q . 37.69 -2.18 31.28
C7 NAG Q . 32.71 -6.59 31.54
C8 NAG Q . 31.82 -7.45 30.69
N2 NAG Q . 33.11 -5.46 30.98
O3 NAG Q . 32.90 -2.87 32.09
O4 NAG Q . 35.00 -1.06 31.40
O5 NAG Q . 36.62 -4.31 31.05
O6 NAG Q . 38.03 -2.55 32.63
O7 NAG Q . 33.05 -6.92 32.67
C1 NAG R . 10.75 -33.31 31.71
C2 NAG R . 10.24 -34.06 30.50
C3 NAG R . 8.75 -33.85 30.37
C4 NAG R . 8.06 -34.28 31.65
C5 NAG R . 8.65 -33.50 32.83
C6 NAG R . 8.02 -33.95 34.14
C7 NAG R . 11.96 -34.14 28.77
C8 NAG R . 12.73 -33.29 27.80
N2 NAG R . 10.87 -33.57 29.29
O3 NAG R . 8.26 -34.64 29.28
O4 NAG R . 6.66 -34.03 31.56
O5 NAG R . 10.06 -33.73 32.89
O6 NAG R . 8.37 -35.31 34.40
O7 NAG R . 12.31 -35.27 29.07
C1 NAG S . 35.38 -31.31 3.44
C2 NAG S . 35.98 -30.07 2.83
C3 NAG S . 35.52 -29.96 1.40
C4 NAG S . 35.91 -31.22 0.65
C5 NAG S . 35.30 -32.43 1.33
C6 NAG S . 35.71 -33.71 0.62
C7 NAG S . 36.28 -28.33 4.49
C8 NAG S . 35.53 -27.48 5.48
N2 NAG S . 35.55 -28.89 3.53
O3 NAG S . 36.16 -28.83 0.80
O4 NAG S . 35.43 -31.14 -0.70
O5 NAG S . 35.75 -32.47 2.69
O6 NAG S . 37.13 -33.86 0.72
O7 NAG S . 37.49 -28.49 4.56
C1 NAG T . -11.51 41.77 -43.70
C2 NAG T . -12.41 42.95 -43.33
C3 NAG T . -12.26 44.07 -44.35
C4 NAG T . -10.79 44.45 -44.50
C5 NAG T . -9.96 43.21 -44.81
C6 NAG T . -8.47 43.49 -44.84
C7 NAG T . -14.44 42.33 -42.10
C8 NAG T . -15.87 41.86 -42.21
N2 NAG T . -13.80 42.51 -43.25
O3 NAG T . -13.00 45.20 -43.90
O4 NAG T . -10.64 45.39 -45.55
O5 NAG T . -10.17 42.22 -43.80
O6 NAG T . -7.73 42.38 -44.37
O7 NAG T . -13.90 42.52 -41.02
C1 NAG U . -25.58 13.05 -48.11
C2 NAG U . -26.03 13.15 -49.56
C3 NAG U . -26.68 11.85 -50.01
C4 NAG U . -25.75 10.68 -49.77
C5 NAG U . -25.35 10.64 -48.30
C6 NAG U . -24.34 9.56 -47.99
C7 NAG U . -27.02 14.98 -50.86
C8 NAG U . -28.03 16.09 -50.86
N2 NAG U . -26.95 14.26 -49.73
O3 NAG U . -26.98 11.93 -51.40
O4 NAG U . -26.39 9.46 -50.12
O5 NAG U . -24.74 11.90 -47.94
O6 NAG U . -23.97 9.59 -46.61
O7 NAG U . -26.32 14.73 -51.83
C1 NAG V . -28.10 32.37 -55.72
C2 NAG V . -27.80 32.06 -57.18
C3 NAG V . -28.90 32.62 -58.08
C4 NAG V . -30.26 32.13 -57.63
C5 NAG V . -30.47 32.45 -56.15
C6 NAG V . -31.76 31.89 -55.61
C7 NAG V . -25.54 31.83 -58.09
C8 NAG V . -24.27 32.54 -58.44
N2 NAG V . -26.50 32.59 -57.57
O3 NAG V . -28.65 32.23 -59.42
O4 NAG V . -31.29 32.73 -58.40
O5 NAG V . -29.41 31.88 -55.38
O6 NAG V . -31.57 30.58 -55.08
O7 NAG V . -25.68 30.63 -58.27
C1 NAG W . -24.89 51.24 -47.71
C2 NAG W . -23.95 51.94 -48.69
C3 NAG W . -23.44 53.25 -48.09
C4 NAG W . -24.59 54.11 -47.61
C5 NAG W . -25.47 53.31 -46.66
C6 NAG W . -26.69 54.07 -46.20
C7 NAG W . -22.18 51.17 -50.21
C8 NAG W . -21.06 50.20 -50.41
N2 NAG W . -22.84 51.08 -49.05
O3 NAG W . -22.68 53.95 -49.07
O4 NAG W . -24.08 55.26 -46.94
O5 NAG W . -25.93 52.13 -47.33
O6 NAG W . -27.30 53.41 -45.09
O7 NAG W . -22.49 51.99 -51.06
C1 NAG X . -44.31 42.67 -2.08
C2 NAG X . -45.57 42.33 -2.86
C3 NAG X . -46.71 43.27 -2.46
C4 NAG X . -46.89 43.29 -0.95
C5 NAG X . -45.56 43.59 -0.26
C6 NAG X . -45.64 43.48 1.24
C7 NAG X . -45.19 41.30 -5.04
C8 NAG X . -44.93 41.54 -6.50
N2 NAG X . -45.33 42.38 -4.28
O3 NAG X . -47.91 42.84 -3.09
O4 NAG X . -47.84 44.28 -0.58
O5 NAG X . -44.57 42.64 -0.70
O6 NAG X . -44.42 42.99 1.79
O7 NAG X . -45.28 40.16 -4.58
C1 NAG Y . -17.86 49.47 -19.30
C2 NAG Y . -18.08 50.96 -19.61
C3 NAG Y . -16.88 51.52 -20.38
C4 NAG Y . -15.59 51.24 -19.62
C5 NAG Y . -15.46 49.75 -19.37
C6 NAG Y . -14.24 49.39 -18.55
C7 NAG Y . -20.05 52.25 -20.25
C8 NAG Y . -21.29 52.29 -21.08
N2 NAG Y . -19.31 51.15 -20.36
O3 NAG Y . -17.06 52.92 -20.54
O4 NAG Y . -14.47 51.71 -20.39
O5 NAG Y . -16.60 49.28 -18.64
O6 NAG Y . -14.17 48.00 -18.30
O7 NAG Y . -19.74 53.16 -19.50
C1 NAG Z . -37.58 56.42 -18.63
C2 NAG Z . -37.28 57.87 -18.24
C3 NAG Z . -38.01 58.83 -19.17
C4 NAG Z . -37.68 58.51 -20.62
C5 NAG Z . -37.99 57.05 -20.91
C6 NAG Z . -37.58 56.63 -22.31
C7 NAG Z . -36.78 58.60 -15.95
C8 NAG Z . -37.33 58.81 -14.57
N2 NAG Z . -37.65 58.12 -16.85
O3 NAG Z . -37.63 60.16 -18.85
O4 NAG Z . -38.44 59.35 -21.49
O5 NAG Z . -37.26 56.22 -20.00
O6 NAG Z . -36.24 56.15 -22.33
O7 NAG Z . -35.61 58.84 -16.24
C1 NAG AA . -55.59 47.37 -13.71
C2 NAG AA . -56.19 48.24 -12.61
C3 NAG AA . -57.39 47.54 -11.98
C4 NAG AA . -58.39 47.12 -13.05
C5 NAG AA . -57.69 46.29 -14.11
C6 NAG AA . -58.58 45.88 -15.26
C7 NAG AA . -55.24 49.63 -10.83
C8 NAG AA . -54.13 49.78 -9.83
N2 NAG AA . -55.20 48.54 -11.59
O3 NAG AA . -58.02 48.41 -11.05
O4 NAG AA . -59.44 46.35 -12.46
O5 NAG AA . -56.60 47.03 -14.66
O6 NAG AA . -57.98 44.86 -16.03
O7 NAG AA . -56.13 50.47 -10.94
#